data_3Q4J
#
_entry.id   3Q4J
#
_cell.length_a   35.090
_cell.length_b   132.870
_cell.length_c   137.270
_cell.angle_alpha   62.730
_cell.angle_beta   88.510
_cell.angle_gamma   89.770
#
_symmetry.space_group_name_H-M   'P 1'
#
loop_
_entity.id
_entity.type
_entity.pdbx_description
1 polymer 'DNA polymerase III subunit beta'
2 polymer 'peptide ligand'
3 water water
#
loop_
_entity_poly.entity_id
_entity_poly.type
_entity_poly.pdbx_seq_one_letter_code
_entity_poly.pdbx_strand_id
1 'polypeptide(L)'
;MKFTVEREHLLKPLQQVSGPLGGRPTLPILGNLLLQVADGTLSLTGTDLEMEMVARVALVQPHEPGATTVPARKFFDICR
GLPEGAEIAVQLEGERMLVRSGRSRFSLSTLPAADFPNLDDWQSEVEFTLPQATMKRLIEATQFSMAHQDVRYYLNGMLF
ETEGEELRTVATDGHRLAVCSMPIGQSLPSHSVIVPRKGVIELMRMLDGGDNPLRVQIGSNNIRAHVGDFIFTSKLVDGR
FPDYRRVLPKNPDKHLEAGCDLLKQAFARAAILSNEKFRGVRLYVSENQLKITANNPEQEEAEEILDVTYSGAEMEIGFN
VSYVLDVLNALKCENVRMMLTDSVSSVQIEDAASQSAAYVVMPMRL
;
A,B,C,D,E,F
2 'polypeptide(L)' (ACE)QLDLF H,I,J,K,L
#
# COMPACT_ATOMS: atom_id res chain seq x y z
N MET A 1 -23.75 38.51 -15.15
CA MET A 1 -22.64 39.17 -15.83
C MET A 1 -22.59 40.65 -15.49
N LYS A 2 -21.43 41.08 -15.03
CA LYS A 2 -21.24 42.47 -14.63
C LYS A 2 -19.78 42.81 -14.80
N PHE A 3 -19.51 44.01 -15.29
CA PHE A 3 -18.17 44.53 -15.45
C PHE A 3 -18.20 46.05 -15.50
N THR A 4 -17.07 46.65 -15.10
CA THR A 4 -16.89 48.10 -15.17
C THR A 4 -15.55 48.30 -15.85
N VAL A 5 -15.57 48.97 -17.01
CA VAL A 5 -14.38 49.20 -17.80
C VAL A 5 -14.39 50.65 -18.28
N GLU A 6 -13.20 51.24 -18.43
CA GLU A 6 -13.07 52.58 -18.96
C GLU A 6 -13.36 52.50 -20.45
N ARG A 7 -14.05 53.52 -20.96
CA ARG A 7 -14.45 53.65 -22.35
C ARG A 7 -13.31 53.37 -23.35
N GLU A 8 -12.12 53.95 -23.07
CA GLU A 8 -10.93 53.80 -23.93
C GLU A 8 -10.44 52.35 -24.04
N HIS A 9 -10.68 51.51 -23.02
CA HIS A 9 -10.29 50.10 -23.08
C HIS A 9 -11.26 49.24 -23.89
N LEU A 10 -12.46 49.76 -24.09
CA LEU A 10 -13.54 49.07 -24.76
C LEU A 10 -13.70 49.45 -26.22
N LEU A 11 -13.28 50.64 -26.58
CA LEU A 11 -13.47 51.20 -27.91
C LEU A 11 -12.87 50.46 -29.09
N LYS A 12 -11.53 50.28 -29.07
CA LYS A 12 -10.83 49.54 -30.11
C LYS A 12 -11.37 48.11 -30.20
N PRO A 13 -11.47 47.37 -29.09
CA PRO A 13 -12.06 46.01 -29.14
C PRO A 13 -13.46 45.94 -29.77
N LEU A 14 -14.35 46.89 -29.43
CA LEU A 14 -15.68 46.95 -30.02
C LEU A 14 -15.62 47.25 -31.50
N GLN A 15 -14.74 48.16 -31.91
CA GLN A 15 -14.52 48.50 -33.31
C GLN A 15 -14.00 47.26 -34.06
N GLN A 16 -12.98 46.57 -33.48
CA GLN A 16 -12.34 45.38 -34.03
C GLN A 16 -13.37 44.25 -34.29
N VAL A 17 -14.22 43.93 -33.30
CA VAL A 17 -15.21 42.84 -33.38
C VAL A 17 -16.50 43.15 -34.17
N SER A 18 -16.90 44.42 -34.16
CA SER A 18 -18.10 44.94 -34.81
C SER A 18 -17.59 45.74 -36.01
N GLY A 19 -17.17 44.98 -37.01
CA GLY A 19 -16.61 45.56 -38.22
C GLY A 19 -17.40 45.21 -39.46
N PRO A 20 -17.35 43.91 -39.89
CA PRO A 20 -18.08 43.50 -41.11
C PRO A 20 -19.60 43.56 -40.97
N LEU A 21 -20.08 43.48 -39.73
CA LEU A 21 -21.48 43.54 -39.28
C LEU A 21 -22.09 44.93 -39.68
N GLY A 22 -22.92 45.02 -40.73
CA GLY A 22 -23.41 43.93 -41.58
C GLY A 22 -24.65 44.31 -42.37
N GLY A 23 -25.15 45.52 -42.08
CA GLY A 23 -26.36 46.10 -42.66
C GLY A 23 -27.57 45.33 -42.17
N ARG A 24 -27.94 44.29 -42.94
CA ARG A 24 -29.03 43.40 -42.60
C ARG A 24 -28.50 41.97 -42.42
N PRO A 25 -28.37 41.47 -41.15
CA PRO A 25 -27.84 40.10 -40.96
C PRO A 25 -28.87 39.01 -41.31
N THR A 26 -28.37 37.79 -41.62
CA THR A 26 -29.18 36.62 -41.96
C THR A 26 -30.05 36.25 -40.74
N LEU A 27 -29.39 35.96 -39.61
CA LEU A 27 -30.00 35.65 -38.32
C LEU A 27 -29.90 36.92 -37.46
N PRO A 28 -30.89 37.22 -36.59
CA PRO A 28 -30.78 38.43 -35.76
C PRO A 28 -29.56 38.41 -34.83
N ILE A 29 -29.20 37.21 -34.31
CA ILE A 29 -28.05 37.03 -33.42
C ILE A 29 -26.71 37.41 -34.09
N LEU A 30 -26.67 37.40 -35.42
CA LEU A 30 -25.50 37.80 -36.19
C LEU A 30 -25.24 39.31 -36.12
N GLY A 31 -26.25 40.07 -35.75
CA GLY A 31 -26.13 41.51 -35.58
C GLY A 31 -25.70 41.83 -34.16
N ASN A 32 -25.55 40.77 -33.34
CA ASN A 32 -25.14 40.88 -31.95
C ASN A 32 -23.71 40.47 -31.68
N LEU A 33 -23.13 41.02 -30.60
CA LEU A 33 -21.81 40.66 -30.10
C LEU A 33 -22.01 39.83 -28.89
N LEU A 34 -21.24 38.76 -28.80
CA LEU A 34 -21.24 37.90 -27.64
C LEU A 34 -20.29 38.52 -26.64
N LEU A 35 -20.78 38.75 -25.44
CA LEU A 35 -19.98 39.30 -24.35
C LEU A 35 -19.85 38.19 -23.33
N GLN A 36 -18.61 37.91 -22.90
CA GLN A 36 -18.34 36.88 -21.90
C GLN A 36 -17.36 37.38 -20.87
N VAL A 37 -17.75 37.38 -19.60
CA VAL A 37 -16.88 37.75 -18.50
C VAL A 37 -16.46 36.41 -17.87
N ALA A 38 -15.15 36.18 -17.75
CA ALA A 38 -14.55 34.98 -17.15
C ALA A 38 -13.08 35.24 -16.90
N ASP A 39 -12.53 34.76 -15.76
CA ASP A 39 -11.11 34.88 -15.45
C ASP A 39 -10.54 36.33 -15.50
N GLY A 40 -11.29 37.36 -15.06
CA GLY A 40 -10.84 38.75 -15.09
C GLY A 40 -10.62 39.29 -16.50
N THR A 41 -11.34 38.68 -17.44
CA THR A 41 -11.29 39.06 -18.84
C THR A 41 -12.69 39.14 -19.44
N LEU A 42 -12.91 40.19 -20.21
CA LEU A 42 -14.12 40.36 -20.98
C LEU A 42 -13.78 39.98 -22.41
N SER A 43 -14.50 38.99 -22.95
CA SER A 43 -14.30 38.60 -24.33
C SER A 43 -15.47 39.13 -25.11
N LEU A 44 -15.17 39.66 -26.29
CA LEU A 44 -16.17 40.22 -27.20
C LEU A 44 -16.03 39.48 -28.49
N THR A 45 -17.12 38.91 -29.02
CA THR A 45 -17.10 38.13 -30.26
C THR A 45 -18.15 38.59 -31.26
N GLY A 46 -17.72 38.80 -32.49
CA GLY A 46 -18.56 39.10 -33.63
C GLY A 46 -18.39 38.01 -34.68
N THR A 47 -19.48 37.60 -35.34
CA THR A 47 -19.49 36.56 -36.38
C THR A 47 -20.49 36.78 -37.51
N ASP A 48 -20.27 36.12 -38.65
CA ASP A 48 -21.17 36.15 -39.82
C ASP A 48 -21.41 34.71 -40.27
N LEU A 49 -21.01 33.75 -39.38
CA LEU A 49 -21.05 32.28 -39.52
C LEU A 49 -19.83 31.74 -40.25
N GLU A 50 -19.29 32.50 -41.22
CA GLU A 50 -18.12 32.09 -41.99
C GLU A 50 -16.84 32.48 -41.24
N MET A 51 -16.86 33.62 -40.54
CA MET A 51 -15.71 34.12 -39.81
C MET A 51 -16.10 34.72 -38.47
N GLU A 52 -15.14 34.76 -37.54
CA GLU A 52 -15.34 35.35 -36.24
C GLU A 52 -14.19 36.24 -35.80
N MET A 53 -14.49 37.17 -34.94
CA MET A 53 -13.55 38.16 -34.45
C MET A 53 -13.75 38.21 -32.97
N VAL A 54 -12.69 37.92 -32.24
CA VAL A 54 -12.70 37.86 -30.79
C VAL A 54 -11.69 38.87 -30.24
N ALA A 55 -12.10 39.65 -29.25
CA ALA A 55 -11.22 40.61 -28.57
C ALA A 55 -11.30 40.28 -27.10
N ARG A 56 -10.17 40.45 -26.40
CA ARG A 56 -10.06 40.18 -24.98
C ARG A 56 -9.65 41.45 -24.28
N VAL A 57 -10.43 41.82 -23.28
CA VAL A 57 -10.22 43.05 -22.50
C VAL A 57 -10.02 42.64 -21.06
N ALA A 58 -8.92 43.09 -20.47
CA ALA A 58 -8.59 42.78 -19.09
C ALA A 58 -9.48 43.61 -18.16
N LEU A 59 -10.07 42.96 -17.18
CA LEU A 59 -10.94 43.61 -16.20
C LEU A 59 -10.17 43.80 -14.92
N VAL A 60 -9.75 45.04 -14.69
CA VAL A 60 -8.95 45.50 -13.55
C VAL A 60 -9.84 46.03 -12.41
N GLN A 61 -11.16 46.05 -12.65
CA GLN A 61 -12.18 46.52 -11.70
C GLN A 61 -13.08 45.34 -11.33
N PRO A 62 -13.85 45.39 -10.22
CA PRO A 62 -14.74 44.26 -9.88
C PRO A 62 -15.66 43.82 -11.02
N HIS A 63 -15.92 42.50 -11.08
CA HIS A 63 -16.71 41.91 -12.15
C HIS A 63 -17.35 40.62 -11.72
N GLU A 64 -18.42 40.26 -12.41
CA GLU A 64 -19.16 39.04 -12.16
C GLU A 64 -19.20 38.26 -13.47
N PRO A 65 -18.79 36.96 -13.46
CA PRO A 65 -18.81 36.19 -14.71
C PRO A 65 -20.19 35.98 -15.31
N GLY A 66 -20.22 35.72 -16.59
CA GLY A 66 -21.45 35.50 -17.31
C GLY A 66 -21.30 35.84 -18.76
N ALA A 67 -22.35 35.61 -19.53
CA ALA A 67 -22.34 35.83 -20.95
C ALA A 67 -23.71 36.21 -21.46
N THR A 68 -23.71 37.04 -22.47
CA THR A 68 -24.90 37.52 -23.14
C THR A 68 -24.52 38.01 -24.52
N THR A 69 -25.51 38.36 -25.32
CA THR A 69 -25.32 38.92 -26.66
C THR A 69 -26.10 40.24 -26.71
N VAL A 70 -25.54 41.28 -27.34
CA VAL A 70 -26.18 42.60 -27.46
C VAL A 70 -26.02 43.08 -28.86
N PRO A 71 -26.93 43.95 -29.35
CA PRO A 71 -26.74 44.51 -30.69
C PRO A 71 -25.41 45.25 -30.75
N ALA A 72 -24.56 44.83 -31.68
CA ALA A 72 -23.21 45.30 -31.85
C ALA A 72 -23.08 46.78 -32.12
N ARG A 73 -23.69 47.27 -33.20
CA ARG A 73 -23.62 48.65 -33.62
C ARG A 73 -24.19 49.58 -32.52
N LYS A 74 -25.35 49.22 -31.91
CA LYS A 74 -25.93 50.03 -30.83
C LYS A 74 -25.01 50.09 -29.62
N PHE A 75 -24.46 48.94 -29.18
CA PHE A 75 -23.52 48.94 -28.07
C PHE A 75 -22.22 49.73 -28.36
N PHE A 76 -21.66 49.57 -29.56
CA PHE A 76 -20.48 50.32 -29.96
C PHE A 76 -20.79 51.82 -29.96
N ASP A 77 -21.90 52.20 -30.59
CA ASP A 77 -22.33 53.60 -30.69
C ASP A 77 -22.54 54.25 -29.32
N ILE A 78 -23.05 53.47 -28.36
CA ILE A 78 -23.29 53.95 -26.99
C ILE A 78 -21.95 54.27 -26.35
N CYS A 79 -21.02 53.31 -26.41
CA CYS A 79 -19.70 53.47 -25.82
C CYS A 79 -18.94 54.60 -26.45
N ARG A 80 -18.98 54.68 -27.79
CA ARG A 80 -18.34 55.73 -28.60
C ARG A 80 -18.94 57.10 -28.29
N GLY A 81 -20.26 57.15 -28.11
CA GLY A 81 -21.03 58.37 -27.81
C GLY A 81 -20.78 58.92 -26.44
N LEU A 82 -20.28 58.09 -25.52
CA LEU A 82 -19.97 58.50 -24.16
C LEU A 82 -18.74 59.40 -24.11
N PRO A 83 -18.64 60.32 -23.13
CA PRO A 83 -17.50 61.26 -23.15
C PRO A 83 -16.16 60.56 -22.86
N GLU A 84 -15.04 61.17 -23.32
CA GLU A 84 -13.69 60.63 -23.06
C GLU A 84 -13.52 60.43 -21.59
N GLY A 85 -12.87 59.33 -21.21
CA GLY A 85 -12.64 59.02 -19.82
C GLY A 85 -13.81 58.43 -19.06
N ALA A 86 -14.94 58.21 -19.76
CA ALA A 86 -16.11 57.65 -19.11
C ALA A 86 -15.85 56.22 -18.64
N GLU A 87 -16.35 55.94 -17.45
CA GLU A 87 -16.37 54.66 -16.83
C GLU A 87 -17.69 53.99 -17.28
N ILE A 88 -17.61 52.80 -17.92
CA ILE A 88 -18.80 52.11 -18.38
C ILE A 88 -19.12 50.92 -17.50
N ALA A 89 -20.23 51.03 -16.75
CA ALA A 89 -20.74 49.98 -15.88
C ALA A 89 -21.81 49.20 -16.63
N VAL A 90 -21.55 47.91 -16.86
CA VAL A 90 -22.42 47.01 -17.59
C VAL A 90 -22.91 45.89 -16.66
N GLN A 91 -24.19 45.57 -16.78
CA GLN A 91 -24.83 44.56 -15.94
C GLN A 91 -25.98 43.94 -16.71
N LEU A 92 -26.14 42.63 -16.54
CA LEU A 92 -27.22 41.89 -17.16
C LEU A 92 -28.37 41.89 -16.16
N GLU A 93 -29.53 42.45 -16.58
CA GLU A 93 -30.74 42.54 -15.77
C GLU A 93 -31.89 41.96 -16.55
N GLY A 94 -32.13 40.68 -16.35
CA GLY A 94 -33.16 39.94 -17.06
C GLY A 94 -32.75 39.70 -18.48
N GLU A 95 -33.65 39.98 -19.45
CA GLU A 95 -33.46 39.83 -20.90
C GLU A 95 -32.92 41.13 -21.52
N ARG A 96 -32.30 41.96 -20.67
CA ARG A 96 -31.75 43.23 -21.06
C ARG A 96 -30.41 43.50 -20.46
N MET A 97 -29.59 44.23 -21.21
CA MET A 97 -28.28 44.58 -20.71
C MET A 97 -28.27 46.08 -20.38
N LEU A 98 -27.87 46.40 -19.16
CA LEU A 98 -27.87 47.74 -18.64
C LEU A 98 -26.50 48.34 -18.76
N VAL A 99 -26.44 49.51 -19.41
CA VAL A 99 -25.20 50.24 -19.63
C VAL A 99 -25.35 51.57 -18.94
N ARG A 100 -24.48 51.82 -17.95
CA ARG A 100 -24.52 53.04 -17.18
C ARG A 100 -23.18 53.70 -17.12
N SER A 101 -23.17 55.00 -17.25
CA SER A 101 -22.00 55.84 -17.19
C SER A 101 -22.54 57.24 -16.89
N GLY A 102 -22.09 57.83 -15.78
CA GLY A 102 -22.53 59.15 -15.32
C GLY A 102 -24.04 59.15 -15.18
N ARG A 103 -24.72 60.08 -15.86
CA ARG A 103 -26.18 60.07 -15.81
C ARG A 103 -26.80 59.61 -17.12
N SER A 104 -26.03 58.77 -17.85
CA SER A 104 -26.45 58.12 -19.10
C SER A 104 -26.73 56.66 -18.78
N ARG A 105 -27.93 56.20 -19.13
CA ARG A 105 -28.44 54.87 -18.86
C ARG A 105 -29.06 54.28 -20.13
N PHE A 106 -28.65 53.06 -20.47
CA PHE A 106 -29.11 52.35 -21.64
C PHE A 106 -29.53 50.94 -21.27
N SER A 107 -30.66 50.51 -21.81
CA SER A 107 -31.15 49.13 -21.66
C SER A 107 -31.21 48.56 -23.07
N LEU A 108 -30.36 47.57 -23.31
CA LEU A 108 -30.23 46.93 -24.61
C LEU A 108 -30.86 45.58 -24.58
N SER A 109 -31.50 45.19 -25.68
CA SER A 109 -32.11 43.87 -25.76
C SER A 109 -30.99 42.86 -25.89
N THR A 110 -31.21 41.68 -25.34
CA THR A 110 -30.22 40.62 -25.41
C THR A 110 -30.81 39.43 -26.14
N LEU A 111 -29.91 38.59 -26.63
CA LEU A 111 -30.23 37.30 -27.23
C LEU A 111 -29.35 36.33 -26.48
N PRO A 112 -29.83 35.10 -26.18
CA PRO A 112 -29.05 34.20 -25.30
C PRO A 112 -27.66 33.86 -25.85
N ALA A 113 -26.65 33.89 -24.97
CA ALA A 113 -25.26 33.53 -25.29
C ALA A 113 -25.20 32.12 -25.90
N ALA A 114 -26.02 31.18 -25.39
CA ALA A 114 -26.10 29.78 -25.86
C ALA A 114 -26.51 29.67 -27.34
N ASP A 115 -27.20 30.70 -27.86
CA ASP A 115 -27.64 30.72 -29.26
C ASP A 115 -26.58 31.31 -30.16
N PHE A 116 -25.55 31.94 -29.57
CA PHE A 116 -24.49 32.55 -30.37
C PHE A 116 -23.71 31.46 -31.13
N PRO A 117 -23.49 31.65 -32.44
CA PRO A 117 -22.78 30.62 -33.21
C PRO A 117 -21.34 30.41 -32.72
N ASN A 118 -21.07 29.20 -32.23
CA ASN A 118 -19.75 28.80 -31.79
C ASN A 118 -19.10 28.08 -32.98
N LEU A 119 -17.97 28.63 -33.46
CA LEU A 119 -17.20 28.02 -34.53
C LEU A 119 -16.54 26.77 -33.95
N ASP A 120 -16.71 25.60 -34.63
CA ASP A 120 -16.13 24.33 -34.17
C ASP A 120 -14.61 24.41 -34.03
N ASP A 121 -14.08 23.78 -32.98
CA ASP A 121 -12.65 23.69 -32.72
C ASP A 121 -11.97 22.92 -33.85
N TRP A 122 -10.74 23.31 -34.13
CA TRP A 122 -9.96 22.70 -35.20
C TRP A 122 -8.51 22.73 -34.83
N GLN A 123 -7.73 21.88 -35.47
CA GLN A 123 -6.31 21.79 -35.20
C GLN A 123 -5.52 22.52 -36.26
N SER A 124 -4.62 23.39 -35.77
CA SER A 124 -3.70 24.16 -36.59
C SER A 124 -2.67 23.19 -37.16
N GLU A 125 -2.51 23.14 -38.49
CA GLU A 125 -1.52 22.26 -39.11
C GLU A 125 -0.26 23.01 -39.58
N VAL A 126 -0.41 24.32 -39.81
CA VAL A 126 0.69 25.22 -40.19
C VAL A 126 0.55 26.46 -39.33
N GLU A 127 1.65 26.87 -38.78
CA GLU A 127 1.75 28.00 -37.90
C GLU A 127 2.97 28.80 -38.25
N PHE A 128 2.89 30.11 -38.04
CA PHE A 128 4.02 31.00 -38.25
C PHE A 128 3.64 32.37 -37.81
N THR A 129 4.63 33.17 -37.45
CA THR A 129 4.41 34.55 -37.08
C THR A 129 5.13 35.43 -38.10
N LEU A 130 4.61 36.62 -38.34
CA LEU A 130 5.18 37.51 -39.32
C LEU A 130 4.80 38.94 -38.99
N PRO A 131 5.58 39.95 -39.44
CA PRO A 131 5.18 41.34 -39.16
C PRO A 131 3.86 41.66 -39.85
N GLN A 132 3.11 42.60 -39.29
CA GLN A 132 1.84 43.05 -39.81
C GLN A 132 2.01 43.62 -41.21
N ALA A 133 3.09 44.39 -41.41
CA ALA A 133 3.48 45.03 -42.66
C ALA A 133 3.70 44.02 -43.77
N THR A 134 4.20 42.81 -43.43
CA THR A 134 4.41 41.74 -44.39
C THR A 134 3.07 41.19 -44.86
N MET A 135 2.11 40.96 -43.92
CA MET A 135 0.78 40.49 -44.26
C MET A 135 0.04 41.53 -45.09
N LYS A 136 0.16 42.82 -44.71
CA LYS A 136 -0.45 43.94 -45.41
C LYS A 136 0.05 43.96 -46.86
N ARG A 137 1.39 43.86 -47.04
CA ARG A 137 2.03 43.84 -48.35
C ARG A 137 1.54 42.68 -49.20
N LEU A 138 1.50 41.47 -48.64
CA LEU A 138 1.03 40.26 -49.32
C LEU A 138 -0.39 40.38 -49.81
N ILE A 139 -1.28 40.96 -48.99
CA ILE A 139 -2.69 41.15 -49.34
C ILE A 139 -2.84 42.25 -50.35
N GLU A 140 -2.31 43.45 -50.05
CA GLU A 140 -2.42 44.60 -50.94
C GLU A 140 -1.85 44.32 -52.32
N ALA A 141 -0.80 43.49 -52.41
CA ALA A 141 -0.14 43.19 -53.67
C ALA A 141 -1.01 42.31 -54.58
N THR A 142 -1.95 41.52 -54.01
CA THR A 142 -2.73 40.60 -54.82
C THR A 142 -4.24 40.80 -54.81
N GLN A 143 -4.78 41.44 -53.75
CA GLN A 143 -6.22 41.66 -53.50
C GLN A 143 -7.08 42.09 -54.67
N PHE A 144 -6.63 43.08 -55.44
CA PHE A 144 -7.39 43.62 -56.59
C PHE A 144 -7.64 42.58 -57.70
N SER A 145 -6.80 41.53 -57.78
CA SER A 145 -6.90 40.48 -58.79
C SER A 145 -7.91 39.40 -58.43
N MET A 146 -8.44 39.41 -57.20
CA MET A 146 -9.49 38.47 -56.80
C MET A 146 -10.72 38.70 -57.69
N ALA A 147 -11.45 37.62 -57.98
CA ALA A 147 -12.66 37.73 -58.78
C ALA A 147 -13.77 38.35 -57.91
N HIS A 148 -14.74 39.03 -58.53
CA HIS A 148 -15.86 39.65 -57.80
C HIS A 148 -17.18 38.99 -58.17
N GLN A 149 -17.66 38.13 -57.26
CA GLN A 149 -18.89 37.34 -57.38
C GLN A 149 -18.90 36.45 -58.64
N ASP A 150 -17.73 35.85 -58.95
CA ASP A 150 -17.56 34.93 -60.08
C ASP A 150 -18.22 33.61 -59.72
N VAL A 151 -18.77 32.91 -60.75
CA VAL A 151 -19.40 31.58 -60.60
C VAL A 151 -18.40 30.55 -60.08
N ARG A 152 -17.11 30.69 -60.51
CA ARG A 152 -15.98 29.89 -60.03
C ARG A 152 -15.66 30.51 -58.66
N TYR A 153 -16.47 30.12 -57.66
CA TYR A 153 -16.49 30.45 -56.24
C TYR A 153 -15.08 30.60 -55.60
N TYR A 154 -14.14 29.67 -55.95
CA TYR A 154 -12.75 29.59 -55.46
C TYR A 154 -11.87 30.77 -55.91
N LEU A 155 -12.32 31.53 -56.92
CA LEU A 155 -11.62 32.70 -57.46
C LEU A 155 -11.98 33.99 -56.71
N ASN A 156 -13.06 33.95 -55.91
CA ASN A 156 -13.53 35.09 -55.12
C ASN A 156 -12.73 35.26 -53.82
N GLY A 157 -11.76 34.39 -53.63
CA GLY A 157 -10.89 34.42 -52.47
C GLY A 157 -9.46 34.64 -52.89
N MET A 158 -8.56 34.46 -51.93
CA MET A 158 -7.14 34.62 -52.16
C MET A 158 -6.46 33.38 -51.63
N LEU A 159 -5.57 32.84 -52.45
CA LEU A 159 -4.79 31.68 -52.08
C LEU A 159 -3.65 32.12 -51.18
N PHE A 160 -3.48 31.41 -50.07
CA PHE A 160 -2.38 31.58 -49.12
C PHE A 160 -1.60 30.30 -49.19
N GLU A 161 -0.35 30.43 -49.60
CA GLU A 161 0.48 29.27 -49.82
C GLU A 161 1.78 29.38 -49.04
N THR A 162 2.14 28.29 -48.35
CA THR A 162 3.40 28.18 -47.62
C THR A 162 4.25 27.19 -48.41
N GLU A 163 5.53 27.49 -48.58
CA GLU A 163 6.50 26.66 -49.30
C GLU A 163 7.86 27.11 -48.82
N GLY A 164 8.57 26.19 -48.16
CA GLY A 164 9.88 26.46 -47.57
C GLY A 164 9.77 27.51 -46.49
N GLU A 165 10.46 28.64 -46.67
CA GLU A 165 10.42 29.74 -45.71
C GLU A 165 9.56 30.90 -46.24
N GLU A 166 8.78 30.64 -47.29
CA GLU A 166 7.97 31.70 -47.88
C GLU A 166 6.49 31.54 -47.70
N LEU A 167 5.83 32.70 -47.54
CA LEU A 167 4.38 32.81 -47.54
C LEU A 167 4.05 33.55 -48.82
N ARG A 168 3.09 33.01 -49.54
CA ARG A 168 2.68 33.52 -50.82
C ARG A 168 1.18 33.74 -50.88
N THR A 169 0.76 34.82 -51.54
CA THR A 169 -0.63 35.08 -51.84
C THR A 169 -0.79 35.05 -53.32
N VAL A 170 -1.90 34.48 -53.77
CA VAL A 170 -2.24 34.39 -55.18
C VAL A 170 -3.71 34.79 -55.33
N ALA A 171 -4.00 35.60 -56.32
CA ALA A 171 -5.37 36.01 -56.62
C ALA A 171 -5.49 36.13 -58.13
N THR A 172 -6.60 35.64 -58.66
CA THR A 172 -6.91 35.65 -60.08
C THR A 172 -8.41 35.68 -60.27
N ASP A 173 -8.83 36.21 -61.41
CA ASP A 173 -10.23 36.27 -61.83
C ASP A 173 -10.40 35.50 -63.15
N GLY A 174 -9.34 34.81 -63.57
CA GLY A 174 -9.29 34.05 -64.80
C GLY A 174 -8.71 34.83 -65.97
N HIS A 175 -8.63 36.17 -65.84
CA HIS A 175 -8.09 37.04 -66.91
C HIS A 175 -6.76 37.61 -66.54
N ARG A 176 -6.61 37.93 -65.25
CA ARG A 176 -5.37 38.44 -64.73
C ARG A 176 -5.07 37.77 -63.43
N LEU A 177 -3.79 37.67 -63.11
CA LEU A 177 -3.35 37.02 -61.89
C LEU A 177 -2.33 37.86 -61.18
N ALA A 178 -2.31 37.76 -59.85
CA ALA A 178 -1.36 38.41 -59.00
C ALA A 178 -0.80 37.42 -58.00
N VAL A 179 0.52 37.38 -57.93
CA VAL A 179 1.20 36.49 -57.00
C VAL A 179 2.26 37.26 -56.29
N CYS A 180 2.27 37.15 -54.98
CA CYS A 180 3.29 37.79 -54.16
C CYS A 180 3.87 36.77 -53.19
N SER A 181 5.18 36.78 -53.05
CA SER A 181 5.91 35.87 -52.15
C SER A 181 6.76 36.70 -51.23
N MET A 182 6.76 36.34 -49.94
CA MET A 182 7.53 37.02 -48.91
C MET A 182 8.21 36.00 -48.03
N PRO A 183 9.51 36.18 -47.72
CA PRO A 183 10.17 35.22 -46.81
C PRO A 183 9.70 35.46 -45.39
N ILE A 184 9.50 34.39 -44.60
CA ILE A 184 9.07 34.50 -43.21
C ILE A 184 10.28 34.44 -42.27
N GLY A 185 11.07 33.39 -42.46
CA GLY A 185 12.22 33.09 -41.62
C GLY A 185 11.95 31.91 -40.70
N GLN A 186 11.30 30.86 -41.25
CA GLN A 186 10.96 29.61 -40.56
C GLN A 186 10.58 28.65 -41.66
N SER A 187 11.06 27.41 -41.55
CA SER A 187 10.73 26.37 -42.54
C SER A 187 9.29 25.92 -42.30
N LEU A 188 8.45 26.02 -43.34
CA LEU A 188 7.03 25.72 -43.28
C LEU A 188 6.70 24.59 -44.28
N PRO A 189 5.81 23.64 -43.92
CA PRO A 189 5.42 22.59 -44.88
C PRO A 189 4.64 23.17 -46.04
N SER A 190 4.58 22.44 -47.15
CA SER A 190 3.86 22.90 -48.32
C SER A 190 2.36 22.79 -48.11
N HIS A 191 1.73 23.96 -47.93
CA HIS A 191 0.30 24.06 -47.72
C HIS A 191 -0.28 25.13 -48.59
N SER A 192 -1.52 24.94 -49.04
CA SER A 192 -2.19 25.83 -49.95
C SER A 192 -3.65 25.93 -49.55
N VAL A 193 -4.11 27.15 -49.22
CA VAL A 193 -5.50 27.38 -48.80
C VAL A 193 -6.11 28.61 -49.44
N ILE A 194 -7.43 28.63 -49.59
CA ILE A 194 -8.16 29.77 -50.14
C ILE A 194 -8.89 30.46 -49.02
N VAL A 195 -8.58 31.73 -48.82
CA VAL A 195 -9.22 32.58 -47.82
C VAL A 195 -10.31 33.35 -48.56
N PRO A 196 -11.57 33.31 -48.09
CA PRO A 196 -12.63 34.06 -48.80
C PRO A 196 -12.40 35.57 -48.79
N ARG A 197 -12.94 36.26 -49.80
CA ARG A 197 -12.89 37.73 -49.95
C ARG A 197 -13.05 38.48 -48.61
N LYS A 198 -14.12 38.18 -47.89
CA LYS A 198 -14.46 38.82 -46.62
C LYS A 198 -13.42 38.56 -45.52
N GLY A 199 -12.81 37.37 -45.55
CA GLY A 199 -11.76 36.97 -44.63
C GLY A 199 -10.52 37.78 -44.94
N VAL A 200 -10.26 37.97 -46.24
CA VAL A 200 -9.12 38.77 -46.73
C VAL A 200 -9.30 40.23 -46.26
N ILE A 201 -10.49 40.80 -46.47
CA ILE A 201 -10.84 42.16 -46.02
C ILE A 201 -10.64 42.29 -44.50
N GLU A 202 -11.06 41.28 -43.75
CA GLU A 202 -10.91 41.26 -42.30
C GLU A 202 -9.48 41.08 -41.80
N LEU A 203 -8.67 40.34 -42.53
CA LEU A 203 -7.26 40.19 -42.23
C LEU A 203 -6.59 41.57 -42.39
N MET A 204 -6.93 42.32 -43.45
CA MET A 204 -6.43 43.67 -43.70
C MET A 204 -6.82 44.64 -42.57
N ARG A 205 -8.13 44.73 -42.26
CA ARG A 205 -8.65 45.63 -41.23
C ARG A 205 -8.01 45.37 -39.86
N MET A 206 -7.78 44.12 -39.50
CA MET A 206 -7.17 43.80 -38.22
C MET A 206 -5.73 44.29 -38.03
N LEU A 207 -5.03 44.63 -39.13
CA LEU A 207 -3.66 45.13 -39.06
C LEU A 207 -3.66 46.60 -38.62
N ASP A 208 -3.32 46.84 -37.34
CA ASP A 208 -3.32 48.16 -36.69
C ASP A 208 -2.19 49.08 -37.13
N GLY A 209 -1.03 48.50 -37.47
CA GLY A 209 0.15 49.25 -37.87
C GLY A 209 1.03 49.64 -36.69
N GLY A 210 1.20 48.69 -35.77
CA GLY A 210 2.01 48.83 -34.57
C GLY A 210 3.06 47.75 -34.48
N ASP A 211 3.76 47.72 -33.33
CA ASP A 211 4.85 46.76 -33.02
C ASP A 211 4.40 45.30 -32.98
N ASN A 212 3.10 45.07 -32.69
CA ASN A 212 2.55 43.72 -32.59
C ASN A 212 2.78 42.82 -33.81
N PRO A 213 3.44 41.64 -33.64
CA PRO A 213 3.55 40.72 -34.77
C PRO A 213 2.19 40.00 -34.98
N LEU A 214 2.04 39.39 -36.14
CA LEU A 214 0.83 38.64 -36.42
C LEU A 214 1.15 37.16 -36.38
N ARG A 215 0.39 36.37 -35.59
CA ARG A 215 0.57 34.92 -35.51
C ARG A 215 -0.57 34.29 -36.30
N VAL A 216 -0.24 33.54 -37.36
CA VAL A 216 -1.19 32.87 -38.24
C VAL A 216 -1.18 31.38 -37.97
N GLN A 217 -2.36 30.77 -37.97
CA GLN A 217 -2.53 29.35 -37.85
C GLN A 217 -3.47 28.94 -38.95
N ILE A 218 -3.08 27.92 -39.70
CA ILE A 218 -3.88 27.41 -40.80
C ILE A 218 -4.20 25.97 -40.50
N GLY A 219 -5.48 25.62 -40.62
CA GLY A 219 -5.97 24.26 -40.45
C GLY A 219 -6.44 23.71 -41.77
N SER A 220 -7.14 22.58 -41.75
CA SER A 220 -7.65 22.00 -42.99
C SER A 220 -8.78 22.81 -43.61
N ASN A 221 -9.66 23.40 -42.78
CA ASN A 221 -10.81 24.16 -43.29
C ASN A 221 -10.97 25.53 -42.65
N ASN A 222 -9.96 25.98 -41.89
CA ASN A 222 -10.01 27.27 -41.22
C ASN A 222 -8.65 27.90 -41.17
N ILE A 223 -8.65 29.22 -40.96
CA ILE A 223 -7.47 30.05 -40.78
C ILE A 223 -7.73 30.96 -39.58
N ARG A 224 -6.73 31.20 -38.79
CA ARG A 224 -6.81 32.07 -37.64
C ARG A 224 -5.64 33.02 -37.70
N ALA A 225 -5.83 34.22 -37.20
CA ALA A 225 -4.80 35.22 -37.09
C ALA A 225 -4.93 35.87 -35.72
N HIS A 226 -3.81 36.03 -34.99
CA HIS A 226 -3.75 36.67 -33.69
C HIS A 226 -2.93 37.93 -33.80
N VAL A 227 -3.50 39.06 -33.35
CA VAL A 227 -2.91 40.42 -33.31
C VAL A 227 -3.26 41.04 -31.95
N GLY A 228 -2.25 41.18 -31.09
CA GLY A 228 -2.42 41.71 -29.73
C GLY A 228 -3.47 40.92 -28.99
N ASP A 229 -4.55 41.62 -28.58
CA ASP A 229 -5.66 40.95 -27.89
C ASP A 229 -6.86 40.64 -28.77
N PHE A 230 -6.62 40.55 -30.07
CA PHE A 230 -7.61 40.26 -31.07
C PHE A 230 -7.28 38.99 -31.83
N ILE A 231 -8.31 38.14 -32.06
CA ILE A 231 -8.22 36.88 -32.77
C ILE A 231 -9.30 36.81 -33.84
N PHE A 232 -8.87 36.75 -35.09
CA PHE A 232 -9.73 36.59 -36.23
C PHE A 232 -9.65 35.14 -36.69
N THR A 233 -10.79 34.52 -36.95
CA THR A 233 -10.86 33.15 -37.44
C THR A 233 -11.79 33.13 -38.63
N SER A 234 -11.42 32.44 -39.70
CA SER A 234 -12.26 32.34 -40.89
C SER A 234 -12.25 30.92 -41.41
N LYS A 235 -13.38 30.51 -41.99
CA LYS A 235 -13.52 29.24 -42.69
C LYS A 235 -12.74 29.46 -43.98
N LEU A 236 -12.24 28.39 -44.59
CA LEU A 236 -11.55 28.49 -45.85
C LEU A 236 -12.51 28.17 -46.98
N VAL A 237 -12.19 28.59 -48.21
CA VAL A 237 -13.05 28.28 -49.37
C VAL A 237 -12.70 26.85 -49.76
N ASP A 238 -13.70 25.96 -49.79
CA ASP A 238 -13.51 24.57 -50.17
C ASP A 238 -13.60 24.50 -51.69
N GLY A 239 -12.44 24.55 -52.32
CA GLY A 239 -12.29 24.49 -53.78
C GLY A 239 -10.84 24.29 -54.17
N ARG A 240 -10.61 24.06 -55.47
CA ARG A 240 -9.27 23.87 -55.99
C ARG A 240 -8.87 25.10 -56.76
N PHE A 241 -7.91 25.86 -56.22
CA PHE A 241 -7.44 27.09 -56.82
C PHE A 241 -6.54 26.73 -58.00
N PRO A 242 -6.63 27.48 -59.14
CA PRO A 242 -5.73 27.19 -60.28
C PRO A 242 -4.24 27.31 -59.92
N ASP A 243 -3.38 26.52 -60.56
CA ASP A 243 -1.94 26.55 -60.28
C ASP A 243 -1.34 27.76 -60.98
N TYR A 244 -0.87 28.74 -60.18
CA TYR A 244 -0.27 29.98 -60.68
C TYR A 244 1.00 29.73 -61.50
N ARG A 245 1.77 28.67 -61.16
CA ARG A 245 3.04 28.29 -61.80
C ARG A 245 2.84 27.98 -63.27
N ARG A 246 1.68 27.39 -63.60
CA ARG A 246 1.27 27.04 -64.97
C ARG A 246 0.85 28.30 -65.76
N VAL A 247 0.25 29.26 -65.06
CA VAL A 247 -0.25 30.53 -65.61
C VAL A 247 0.88 31.49 -66.03
N LEU A 248 2.00 31.47 -65.29
CA LEU A 248 3.17 32.29 -65.58
C LEU A 248 3.74 31.98 -66.96
N PRO A 249 3.99 33.01 -67.81
CA PRO A 249 4.56 32.76 -69.15
C PRO A 249 5.83 31.91 -69.06
N LYS A 250 5.85 30.78 -69.83
CA LYS A 250 6.95 29.81 -69.87
C LYS A 250 8.25 30.46 -70.33
N ASN A 251 8.21 31.14 -71.49
CA ASN A 251 9.37 31.87 -72.01
C ASN A 251 8.97 33.25 -72.57
N PRO A 252 8.77 34.26 -71.69
CA PRO A 252 8.42 35.60 -72.17
C PRO A 252 9.68 36.42 -72.49
N ASP A 253 10.37 36.02 -73.58
CA ASP A 253 11.61 36.55 -74.15
C ASP A 253 11.74 38.07 -74.16
N LYS A 254 10.77 38.79 -74.78
CA LYS A 254 10.74 40.25 -74.90
C LYS A 254 10.53 40.93 -73.53
N HIS A 255 11.49 41.81 -73.13
CA HIS A 255 11.46 42.53 -71.86
CA HIS A 255 11.40 42.54 -71.88
C HIS A 255 11.41 44.03 -72.10
N LEU A 256 10.38 44.70 -71.61
CA LEU A 256 10.22 46.15 -71.71
C LEU A 256 10.33 46.71 -70.30
N GLU A 257 11.09 47.79 -70.12
CA GLU A 257 11.23 48.48 -68.84
C GLU A 257 10.82 49.94 -69.05
N ALA A 258 10.07 50.48 -68.09
CA ALA A 258 9.57 51.86 -68.15
C ALA A 258 9.33 52.37 -66.73
N GLY A 259 9.36 53.70 -66.58
CA GLY A 259 9.04 54.34 -65.32
C GLY A 259 7.58 54.05 -65.03
N CYS A 260 7.28 53.50 -63.84
CA CYS A 260 5.92 53.15 -63.44
C CYS A 260 4.92 54.30 -63.59
N ASP A 261 5.26 55.49 -63.08
CA ASP A 261 4.40 56.68 -63.13
C ASP A 261 4.10 57.14 -64.55
N LEU A 262 5.14 57.29 -65.39
CA LEU A 262 4.96 57.70 -66.77
C LEU A 262 4.09 56.70 -67.53
N LEU A 263 4.35 55.40 -67.31
CA LEU A 263 3.60 54.32 -67.92
C LEU A 263 2.15 54.34 -67.44
N LYS A 264 1.94 54.48 -66.12
CA LYS A 264 0.63 54.54 -65.49
C LYS A 264 -0.18 55.70 -66.03
N GLN A 265 0.42 56.91 -66.03
CA GLN A 265 -0.27 58.12 -66.48
C GLN A 265 -0.66 58.07 -67.94
N ALA A 266 0.21 57.46 -68.79
CA ALA A 266 -0.06 57.31 -70.22
C ALA A 266 -1.23 56.36 -70.41
N PHE A 267 -1.26 55.24 -69.65
CA PHE A 267 -2.38 54.30 -69.71
C PHE A 267 -3.67 54.89 -69.18
N ALA A 268 -3.58 55.69 -68.06
CA ALA A 268 -4.74 56.33 -67.43
C ALA A 268 -5.37 57.34 -68.40
N ARG A 269 -4.55 58.08 -69.15
CA ARG A 269 -5.07 59.05 -70.11
C ARG A 269 -5.68 58.36 -71.32
N ALA A 270 -4.98 57.35 -71.86
CA ALA A 270 -5.47 56.58 -73.01
C ALA A 270 -6.79 55.91 -72.66
N ALA A 271 -6.91 55.42 -71.38
CA ALA A 271 -8.09 54.75 -70.84
C ALA A 271 -9.35 55.54 -71.00
N ILE A 272 -9.25 56.88 -70.93
CA ILE A 272 -10.38 57.80 -71.05
C ILE A 272 -11.18 57.53 -72.31
N LEU A 273 -10.45 57.34 -73.43
CA LEU A 273 -11.03 57.13 -74.74
C LEU A 273 -11.13 55.68 -75.18
N SER A 274 -11.03 54.74 -74.25
CA SER A 274 -11.19 53.32 -74.54
C SER A 274 -12.64 52.98 -74.31
N ASN A 275 -13.09 51.85 -74.88
CA ASN A 275 -14.44 51.36 -74.73
C ASN A 275 -14.78 51.25 -73.23
N GLU A 276 -15.89 51.86 -72.80
CA GLU A 276 -16.33 51.88 -71.39
C GLU A 276 -16.57 50.51 -70.80
N LYS A 277 -16.97 49.55 -71.64
CA LYS A 277 -17.23 48.19 -71.18
C LYS A 277 -16.01 47.30 -71.36
N PHE A 278 -15.38 47.35 -72.53
CA PHE A 278 -14.27 46.45 -72.87
C PHE A 278 -12.87 46.91 -72.52
N ARG A 279 -12.70 48.24 -72.35
CA ARG A 279 -11.48 48.90 -71.87
C ARG A 279 -10.22 48.57 -72.65
N GLY A 280 -10.41 48.21 -73.91
CA GLY A 280 -9.35 47.82 -74.83
C GLY A 280 -8.44 48.93 -75.26
N VAL A 281 -7.15 48.71 -75.02
CA VAL A 281 -6.09 49.59 -75.49
C VAL A 281 -5.10 48.74 -76.31
N ARG A 282 -4.39 49.38 -77.23
CA ARG A 282 -3.37 48.74 -78.06
C ARG A 282 -2.01 49.28 -77.68
N LEU A 283 -1.03 48.38 -77.56
CA LEU A 283 0.35 48.69 -77.26
C LEU A 283 1.16 48.36 -78.49
N TYR A 284 1.96 49.31 -78.95
CA TYR A 284 2.84 49.12 -80.09
C TYR A 284 4.21 49.27 -79.53
N VAL A 285 4.91 48.15 -79.41
CA VAL A 285 6.24 48.09 -78.87
C VAL A 285 7.27 48.13 -80.00
N SER A 286 8.23 49.04 -79.90
CA SER A 286 9.28 49.21 -80.88
C SER A 286 10.55 49.61 -80.13
N GLU A 287 11.69 49.68 -80.82
CA GLU A 287 12.99 50.01 -80.21
C GLU A 287 12.92 51.27 -79.31
N ASN A 288 13.07 51.04 -77.99
CA ASN A 288 13.04 52.03 -76.92
C ASN A 288 11.79 52.96 -76.92
N GLN A 289 10.67 52.41 -77.41
CA GLN A 289 9.44 53.17 -77.52
C GLN A 289 8.20 52.33 -77.33
N LEU A 290 7.19 52.92 -76.67
CA LEU A 290 5.88 52.33 -76.50
C LEU A 290 4.86 53.35 -76.93
N LYS A 291 3.93 52.91 -77.78
CA LYS A 291 2.83 53.73 -78.27
C LYS A 291 1.57 53.04 -77.79
N ILE A 292 0.74 53.77 -77.05
CA ILE A 292 -0.50 53.25 -76.52
C ILE A 292 -1.62 53.96 -77.26
N THR A 293 -2.56 53.19 -77.78
CA THR A 293 -3.69 53.81 -78.45
C THR A 293 -4.98 53.25 -77.90
N ALA A 294 -6.02 54.07 -77.95
CA ALA A 294 -7.35 53.68 -77.52
C ALA A 294 -8.35 54.34 -78.42
N ASN A 295 -9.46 53.68 -78.61
CA ASN A 295 -10.60 54.20 -79.34
C ASN A 295 -11.85 53.56 -78.80
N ASN A 296 -12.96 54.28 -78.92
CA ASN A 296 -14.23 53.80 -78.38
C ASN A 296 -15.28 53.74 -79.52
N PRO A 297 -16.54 53.27 -79.27
CA PRO A 297 -17.55 53.25 -80.36
C PRO A 297 -17.89 54.61 -80.99
N GLU A 298 -17.76 55.71 -80.22
CA GLU A 298 -18.00 57.10 -80.67
C GLU A 298 -16.89 57.58 -81.61
N GLN A 299 -15.91 56.68 -81.90
CA GLN A 299 -14.74 56.90 -82.74
C GLN A 299 -13.78 57.99 -82.19
N GLU A 300 -13.70 58.09 -80.85
CA GLU A 300 -12.78 59.01 -80.22
C GLU A 300 -11.49 58.26 -80.09
N GLU A 301 -10.36 58.94 -80.20
CA GLU A 301 -9.05 58.29 -80.19
C GLU A 301 -8.05 58.93 -79.27
N ALA A 302 -7.26 58.10 -78.59
CA ALA A 302 -6.19 58.55 -77.72
C ALA A 302 -4.92 57.90 -78.18
N GLU A 303 -3.81 58.63 -78.11
CA GLU A 303 -2.50 58.12 -78.47
C GLU A 303 -1.48 58.66 -77.51
N GLU A 304 -0.66 57.76 -76.98
CA GLU A 304 0.41 58.11 -76.06
C GLU A 304 1.69 57.50 -76.56
N ILE A 305 2.77 58.28 -76.58
CA ILE A 305 4.10 57.79 -76.96
C ILE A 305 5.03 57.97 -75.77
N LEU A 306 5.72 56.90 -75.38
CA LEU A 306 6.65 56.91 -74.26
C LEU A 306 7.98 56.36 -74.69
N ASP A 307 9.04 56.84 -74.02
CA ASP A 307 10.37 56.31 -74.17
C ASP A 307 10.44 55.21 -73.14
N VAL A 308 10.78 54.00 -73.56
CA VAL A 308 10.90 52.84 -72.70
C VAL A 308 12.27 52.20 -72.99
N THR A 309 12.61 51.11 -72.29
CA THR A 309 13.83 50.35 -72.56
C THR A 309 13.31 49.08 -73.17
N TYR A 310 13.48 48.94 -74.48
CA TYR A 310 13.02 47.81 -75.25
C TYR A 310 13.91 47.62 -76.46
N SER A 311 14.38 46.39 -76.67
CA SER A 311 15.26 46.07 -77.79
C SER A 311 14.83 44.90 -78.68
N GLY A 312 13.82 44.16 -78.25
CA GLY A 312 13.26 43.04 -79.03
C GLY A 312 12.56 43.44 -80.32
N ALA A 313 11.81 42.48 -80.89
CA ALA A 313 11.07 42.66 -82.13
C ALA A 313 9.84 43.51 -81.90
N GLU A 314 9.45 44.32 -82.92
CA GLU A 314 8.26 45.15 -82.87
C GLU A 314 7.01 44.29 -82.77
N MET A 315 6.10 44.64 -81.85
CA MET A 315 4.84 43.93 -81.68
C MET A 315 3.68 44.82 -81.23
N GLU A 316 2.45 44.39 -81.54
CA GLU A 316 1.23 45.08 -81.20
C GLU A 316 0.43 44.15 -80.32
N ILE A 317 0.07 44.62 -79.14
CA ILE A 317 -0.67 43.78 -78.21
C ILE A 317 -1.85 44.59 -77.67
N GLY A 318 -2.97 43.91 -77.45
CA GLY A 318 -4.17 44.51 -76.93
C GLY A 318 -4.37 44.12 -75.49
N PHE A 319 -4.78 45.06 -74.66
CA PHE A 319 -5.04 44.78 -73.24
C PHE A 319 -6.22 45.52 -72.71
N ASN A 320 -6.86 44.94 -71.70
CA ASN A 320 -7.88 45.62 -70.93
C ASN A 320 -7.04 46.57 -70.07
N VAL A 321 -7.11 47.86 -70.33
CA VAL A 321 -6.34 48.88 -69.62
C VAL A 321 -6.61 48.90 -68.10
N SER A 322 -7.83 48.57 -67.67
CA SER A 322 -8.15 48.52 -66.25
C SER A 322 -7.26 47.52 -65.53
N TYR A 323 -7.03 46.35 -66.17
CA TYR A 323 -6.17 45.30 -65.65
C TYR A 323 -4.72 45.77 -65.53
N VAL A 324 -4.27 46.55 -66.51
CA VAL A 324 -2.91 47.10 -66.57
C VAL A 324 -2.75 48.15 -65.46
N LEU A 325 -3.72 49.07 -65.38
CA LEU A 325 -3.73 50.14 -64.36
C LEU A 325 -3.79 49.59 -62.95
N ASP A 326 -4.56 48.49 -62.74
CA ASP A 326 -4.64 47.85 -61.45
C ASP A 326 -3.29 47.36 -61.01
N VAL A 327 -2.51 46.76 -61.92
CA VAL A 327 -1.17 46.25 -61.68
C VAL A 327 -0.25 47.41 -61.36
N LEU A 328 -0.25 48.43 -62.23
CA LEU A 328 0.62 49.59 -62.06
C LEU A 328 0.38 50.35 -60.74
N ASN A 329 -0.87 50.36 -60.28
CA ASN A 329 -1.27 50.98 -59.03
C ASN A 329 -0.86 50.12 -57.84
N ALA A 330 -0.91 48.80 -58.00
CA ALA A 330 -0.50 47.86 -56.96
C ALA A 330 1.03 47.83 -56.81
N LEU A 331 1.78 48.13 -57.87
CA LEU A 331 3.25 48.09 -57.86
C LEU A 331 3.98 49.05 -56.95
N LYS A 332 3.62 50.33 -56.95
CA LYS A 332 4.25 51.28 -56.01
C LYS A 332 5.82 51.21 -56.02
N CYS A 333 6.39 51.22 -57.21
CA CYS A 333 7.84 51.18 -57.41
C CYS A 333 8.22 52.20 -58.46
N GLU A 334 9.52 52.38 -58.69
CA GLU A 334 10.00 53.35 -59.67
C GLU A 334 9.85 52.85 -61.08
N ASN A 335 10.35 51.64 -61.35
CA ASN A 335 10.33 51.07 -62.69
C ASN A 335 9.62 49.74 -62.72
N VAL A 336 8.89 49.53 -63.81
CA VAL A 336 8.17 48.31 -64.09
C VAL A 336 8.86 47.56 -65.25
N ARG A 337 8.76 46.22 -65.23
CA ARG A 337 9.23 45.34 -66.30
C ARG A 337 8.03 44.54 -66.81
N MET A 338 7.80 44.61 -68.11
CA MET A 338 6.75 43.86 -68.81
C MET A 338 7.45 42.80 -69.62
N MET A 339 7.13 41.54 -69.36
CA MET A 339 7.72 40.39 -70.04
C MET A 339 6.67 39.84 -70.98
N LEU A 340 6.94 39.94 -72.29
CA LEU A 340 6.03 39.53 -73.36
C LEU A 340 6.56 38.35 -74.14
N THR A 341 5.62 37.61 -74.75
CA THR A 341 5.88 36.44 -75.60
C THR A 341 5.43 36.91 -76.99
N ASP A 342 4.12 36.90 -77.23
CA ASP A 342 3.49 37.34 -78.46
C ASP A 342 2.15 38.02 -78.14
N SER A 343 1.45 38.47 -79.17
CA SER A 343 0.16 39.16 -79.09
C SER A 343 -0.99 38.35 -78.53
N VAL A 344 -0.89 37.02 -78.50
CA VAL A 344 -1.97 36.14 -78.05
C VAL A 344 -1.66 35.42 -76.74
N SER A 345 -0.51 35.74 -76.16
CA SER A 345 -0.02 35.18 -74.91
C SER A 345 0.04 36.27 -73.83
N SER A 346 -0.11 35.85 -72.57
CA SER A 346 -0.10 36.72 -71.41
C SER A 346 1.20 37.49 -71.21
N VAL A 347 1.09 38.67 -70.61
CA VAL A 347 2.24 39.50 -70.24
C VAL A 347 2.47 39.29 -68.74
N GLN A 348 3.73 39.30 -68.33
CA GLN A 348 4.08 39.27 -66.94
C GLN A 348 4.62 40.64 -66.60
N ILE A 349 3.99 41.30 -65.63
CA ILE A 349 4.40 42.63 -65.17
C ILE A 349 4.94 42.49 -63.77
N GLU A 350 6.04 43.17 -63.51
CA GLU A 350 6.65 43.18 -62.20
C GLU A 350 7.46 44.44 -62.01
N ASP A 351 7.84 44.69 -60.75
CA ASP A 351 8.74 45.78 -60.36
C ASP A 351 10.07 45.41 -61.04
N ALA A 352 10.71 46.35 -61.75
CA ALA A 352 11.98 46.05 -62.40
C ALA A 352 13.07 45.67 -61.39
N ALA A 353 12.96 46.19 -60.15
CA ALA A 353 13.88 45.96 -59.03
C ALA A 353 13.43 44.88 -58.02
N SER A 354 12.34 44.13 -58.31
CA SER A 354 11.88 43.07 -57.40
C SER A 354 11.07 41.99 -58.10
N GLN A 355 11.40 40.74 -57.78
CA GLN A 355 10.73 39.57 -58.33
C GLN A 355 9.73 38.95 -57.32
N SER A 356 9.60 39.57 -56.13
CA SER A 356 8.68 39.17 -55.05
C SER A 356 7.19 39.12 -55.52
N ALA A 357 6.77 40.05 -56.36
CA ALA A 357 5.41 40.00 -56.89
C ALA A 357 5.42 39.98 -58.43
N ALA A 358 4.63 39.09 -59.00
CA ALA A 358 4.46 38.99 -60.44
C ALA A 358 2.99 39.11 -60.76
N TYR A 359 2.71 39.76 -61.88
CA TYR A 359 1.35 40.03 -62.36
C TYR A 359 1.24 39.54 -63.76
N VAL A 360 0.27 38.68 -64.00
CA VAL A 360 0.07 38.08 -65.30
C VAL A 360 -1.26 38.56 -65.84
N VAL A 361 -1.24 39.23 -66.99
CA VAL A 361 -2.44 39.75 -67.64
C VAL A 361 -2.58 39.07 -69.02
N MET A 362 -3.72 38.46 -69.25
CA MET A 362 -4.04 37.85 -70.53
C MET A 362 -4.45 38.97 -71.49
N PRO A 363 -3.94 39.00 -72.73
CA PRO A 363 -4.30 40.08 -73.65
C PRO A 363 -5.71 39.97 -74.25
N MET A 364 -6.05 40.94 -75.09
CA MET A 364 -7.31 40.92 -75.82
C MET A 364 -7.09 41.12 -77.33
N ARG A 365 -8.19 41.06 -78.13
CA ARG A 365 -8.16 41.22 -79.60
C ARG A 365 -8.37 42.68 -80.08
N LEU A 366 -8.98 43.53 -79.24
CA LEU A 366 -9.24 44.96 -79.51
C LEU A 366 -8.08 45.87 -79.04
N MET B 1 -11.95 77.49 -84.06
CA MET B 1 -11.65 77.53 -82.63
C MET B 1 -10.30 76.90 -82.30
N LYS B 2 -9.39 77.71 -81.78
CA LYS B 2 -8.04 77.28 -81.43
C LYS B 2 -7.53 77.99 -80.17
N PHE B 3 -6.89 77.25 -79.25
CA PHE B 3 -6.29 77.84 -78.04
C PHE B 3 -5.19 76.95 -77.45
N THR B 4 -4.25 77.57 -76.75
CA THR B 4 -3.20 76.87 -76.03
C THR B 4 -3.19 77.49 -74.66
N VAL B 5 -3.40 76.66 -73.64
CA VAL B 5 -3.45 77.09 -72.24
C VAL B 5 -2.69 76.09 -71.38
N GLU B 6 -2.02 76.60 -70.34
CA GLU B 6 -1.30 75.73 -69.40
C GLU B 6 -2.39 75.01 -68.56
N ARG B 7 -2.17 73.70 -68.30
CA ARG B 7 -3.04 72.78 -67.57
C ARG B 7 -3.59 73.37 -66.28
N GLU B 8 -2.74 74.09 -65.56
CA GLU B 8 -2.98 74.74 -64.28
C GLU B 8 -4.04 75.84 -64.35
N HIS B 9 -4.18 76.47 -65.51
CA HIS B 9 -5.16 77.54 -65.71
C HIS B 9 -6.51 76.99 -66.11
N LEU B 10 -6.52 75.74 -66.56
CA LEU B 10 -7.70 75.06 -67.08
C LEU B 10 -8.38 74.15 -66.08
N LEU B 11 -7.61 73.59 -65.14
CA LEU B 11 -8.10 72.62 -64.16
C LEU B 11 -9.25 73.04 -63.24
N LYS B 12 -9.06 74.13 -62.43
CA LYS B 12 -10.12 74.63 -61.55
C LYS B 12 -11.35 75.05 -62.38
N PRO B 13 -11.20 75.83 -63.49
CA PRO B 13 -12.38 76.14 -64.33
C PRO B 13 -13.15 74.92 -64.83
N LEU B 14 -12.44 73.86 -65.26
CA LEU B 14 -13.10 72.64 -65.72
C LEU B 14 -13.82 71.92 -64.59
N GLN B 15 -13.21 71.92 -63.39
CA GLN B 15 -13.76 71.35 -62.16
C GLN B 15 -15.05 72.08 -61.84
N GLN B 16 -15.01 73.42 -61.86
CA GLN B 16 -16.15 74.26 -61.54
C GLN B 16 -17.30 74.11 -62.48
N VAL B 17 -17.04 74.15 -63.79
CA VAL B 17 -18.10 74.07 -64.78
C VAL B 17 -18.74 72.69 -64.94
N SER B 18 -18.04 71.60 -64.55
CA SER B 18 -18.60 70.26 -64.57
C SER B 18 -19.61 70.01 -63.39
N GLY B 19 -19.65 70.95 -62.44
CA GLY B 19 -20.54 70.98 -61.26
C GLY B 19 -22.00 70.74 -61.57
N PRO B 20 -22.70 71.67 -62.32
CA PRO B 20 -24.13 71.45 -62.63
C PRO B 20 -24.52 70.11 -63.30
N LEU B 21 -23.52 69.41 -63.89
CA LEU B 21 -23.65 68.15 -64.64
C LEU B 21 -23.84 66.90 -63.77
N ARG B 24 -25.83 60.44 -65.92
CA ARG B 24 -26.61 60.26 -67.14
C ARG B 24 -27.45 61.52 -67.43
N PRO B 25 -27.04 62.36 -68.41
CA PRO B 25 -27.82 63.57 -68.72
C PRO B 25 -29.10 63.29 -69.52
N THR B 26 -30.07 64.23 -69.45
CA THR B 26 -31.35 64.14 -70.17
C THR B 26 -31.06 64.17 -71.69
N LEU B 27 -30.43 65.26 -72.14
CA LEU B 27 -30.00 65.48 -73.52
C LEU B 27 -28.50 65.18 -73.58
N PRO B 28 -27.97 64.62 -74.70
CA PRO B 28 -26.52 64.33 -74.74
C PRO B 28 -25.67 65.58 -74.62
N ILE B 29 -26.15 66.72 -75.17
CA ILE B 29 -25.43 68.00 -75.11
C ILE B 29 -25.22 68.51 -73.66
N LEU B 30 -26.08 68.05 -72.73
CA LEU B 30 -25.99 68.39 -71.30
C LEU B 30 -24.79 67.75 -70.64
N GLY B 31 -24.22 66.71 -71.27
CA GLY B 31 -23.01 66.03 -70.81
C GLY B 31 -21.78 66.72 -71.35
N ASN B 32 -21.99 67.81 -72.10
CA ASN B 32 -20.91 68.55 -72.74
C ASN B 32 -20.71 69.91 -72.17
N LEU B 33 -19.51 70.43 -72.35
CA LEU B 33 -19.20 71.78 -71.97
C LEU B 33 -19.10 72.58 -73.24
N LEU B 34 -19.67 73.78 -73.20
CA LEU B 34 -19.60 74.72 -74.30
C LEU B 34 -18.29 75.47 -74.13
N LEU B 35 -17.45 75.40 -75.17
CA LEU B 35 -16.16 76.08 -75.19
C LEU B 35 -16.31 77.23 -76.19
N GLN B 36 -15.97 78.45 -75.77
CA GLN B 36 -16.05 79.62 -76.63
C GLN B 36 -14.79 80.43 -76.49
N VAL B 37 -14.07 80.60 -77.60
CA VAL B 37 -12.89 81.48 -77.63
C VAL B 37 -13.36 82.80 -78.24
N ALA B 38 -13.11 83.92 -77.55
CA ALA B 38 -13.48 85.26 -77.98
C ALA B 38 -12.66 86.28 -77.22
N ASP B 39 -12.05 87.25 -77.96
CA ASP B 39 -11.27 88.39 -77.46
C ASP B 39 -10.17 88.05 -76.43
N GLY B 40 -9.47 86.94 -76.64
CA GLY B 40 -8.41 86.54 -75.71
C GLY B 40 -8.91 85.88 -74.42
N THR B 41 -10.13 85.34 -74.46
CA THR B 41 -10.74 84.64 -73.34
C THR B 41 -11.41 83.36 -73.79
N LEU B 42 -11.20 82.28 -73.02
CA LEU B 42 -11.86 81.02 -73.25
C LEU B 42 -12.96 80.92 -72.21
N SER B 43 -14.20 80.75 -72.66
CA SER B 43 -15.33 80.61 -71.77
C SER B 43 -15.71 79.16 -71.81
N LEU B 44 -15.96 78.59 -70.62
CA LEU B 44 -16.37 77.21 -70.46
C LEU B 44 -17.69 77.25 -69.77
N THR B 45 -18.72 76.59 -70.32
CA THR B 45 -20.07 76.59 -69.77
C THR B 45 -20.62 75.17 -69.64
N GLY B 46 -21.13 74.89 -68.44
CA GLY B 46 -21.83 73.67 -68.11
C GLY B 46 -23.23 74.03 -67.68
N THR B 47 -24.22 73.22 -68.12
CA THR B 47 -25.62 73.46 -67.79
C THR B 47 -26.41 72.17 -67.57
N ASP B 48 -27.55 72.28 -66.90
CA ASP B 48 -28.48 71.17 -66.66
C ASP B 48 -29.88 71.66 -67.03
N LEU B 49 -29.93 72.82 -67.74
CA LEU B 49 -31.13 73.53 -68.21
C LEU B 49 -31.70 74.47 -67.17
N GLU B 50 -31.57 74.15 -65.88
CA GLU B 50 -32.10 74.99 -64.80
C GLU B 50 -31.03 75.98 -64.35
N MET B 51 -29.78 75.58 -64.42
CA MET B 51 -28.65 76.39 -63.99
C MET B 51 -27.44 76.23 -64.87
N GLU B 52 -26.55 77.22 -64.82
CA GLU B 52 -25.34 77.18 -65.59
C GLU B 52 -24.16 77.70 -64.84
N MET B 53 -23.03 77.12 -65.13
CA MET B 53 -21.76 77.52 -64.54
C MET B 53 -20.87 77.94 -65.70
N VAL B 54 -20.37 79.17 -65.66
CA VAL B 54 -19.51 79.74 -66.68
C VAL B 54 -18.19 80.10 -66.03
N ALA B 55 -17.08 79.67 -66.63
CA ALA B 55 -15.75 80.04 -66.19
C ALA B 55 -15.07 80.75 -67.33
N ARG B 56 -14.25 81.74 -67.03
CA ARG B 56 -13.53 82.53 -68.02
C ARG B 56 -12.06 82.36 -67.77
N VAL B 57 -11.34 81.97 -68.81
CA VAL B 57 -9.90 81.72 -68.74
C VAL B 57 -9.22 82.66 -69.73
N ALA B 58 -8.28 83.49 -69.26
CA ALA B 58 -7.54 84.43 -70.08
C ALA B 58 -6.55 83.67 -70.96
N LEU B 59 -6.54 83.98 -72.25
CA LEU B 59 -5.64 83.34 -73.21
C LEU B 59 -4.50 84.30 -73.53
N VAL B 60 -3.32 84.03 -72.97
CA VAL B 60 -2.12 84.87 -73.18
C VAL B 60 -1.22 84.33 -74.31
N GLN B 61 -1.65 83.22 -74.93
CA GLN B 61 -0.97 82.52 -76.00
C GLN B 61 -1.82 82.63 -77.27
N PRO B 62 -1.27 82.40 -78.51
CA PRO B 62 -2.09 82.50 -79.72
C PRO B 62 -3.37 81.68 -79.69
N HIS B 63 -4.44 82.22 -80.28
CA HIS B 63 -5.77 81.61 -80.30
C HIS B 63 -6.61 82.08 -81.47
N GLU B 64 -7.60 81.27 -81.85
CA GLU B 64 -8.53 81.61 -82.90
C GLU B 64 -9.96 81.54 -82.31
N PRO B 65 -10.79 82.61 -82.46
CA PRO B 65 -12.16 82.54 -81.94
C PRO B 65 -13.03 81.45 -82.54
N GLY B 66 -14.05 81.07 -81.81
CA GLY B 66 -14.92 79.99 -82.24
C GLY B 66 -15.58 79.36 -81.04
N ALA B 67 -16.43 78.39 -81.30
CA ALA B 67 -17.17 77.70 -80.27
C ALA B 67 -17.51 76.30 -80.66
N THR B 68 -17.53 75.41 -79.66
CA THR B 68 -17.90 74.01 -79.82
C THR B 68 -18.33 73.48 -78.46
N THR B 69 -18.82 72.24 -78.44
CA THR B 69 -19.18 71.56 -77.21
C THR B 69 -18.43 70.23 -77.18
N VAL B 70 -17.78 69.87 -76.03
CA VAL B 70 -17.06 68.59 -75.86
C VAL B 70 -17.53 67.83 -74.62
N PRO B 71 -17.45 66.46 -74.58
CA PRO B 71 -17.83 65.76 -73.35
C PRO B 71 -17.01 66.29 -72.18
N ALA B 72 -17.71 66.79 -71.18
CA ALA B 72 -17.13 67.42 -69.99
C ALA B 72 -16.18 66.54 -69.19
N ARG B 73 -16.64 65.39 -68.74
CA ARG B 73 -15.86 64.48 -67.91
C ARG B 73 -14.60 63.99 -68.65
N LYS B 74 -14.74 63.59 -69.94
CA LYS B 74 -13.60 63.15 -70.75
C LYS B 74 -12.58 64.26 -70.92
N PHE B 75 -13.05 65.48 -71.24
CA PHE B 75 -12.13 66.61 -71.39
C PHE B 75 -11.43 66.98 -70.08
N PHE B 76 -12.17 66.99 -68.97
CA PHE B 76 -11.59 67.27 -67.65
C PHE B 76 -10.57 66.19 -67.30
N ASP B 77 -10.93 64.90 -67.47
CA ASP B 77 -10.05 63.77 -67.18
C ASP B 77 -8.76 63.80 -67.98
N ILE B 78 -8.84 64.22 -69.23
CA ILE B 78 -7.68 64.35 -70.11
C ILE B 78 -6.76 65.41 -69.54
N CYS B 79 -7.28 66.59 -69.27
CA CYS B 79 -6.50 67.70 -68.73
C CYS B 79 -5.89 67.35 -67.36
N ARG B 80 -6.67 66.75 -66.49
CA ARG B 80 -6.28 66.33 -65.13
C ARG B 80 -5.20 65.22 -65.21
N GLY B 81 -5.38 64.30 -66.17
CA GLY B 81 -4.48 63.18 -66.42
C GLY B 81 -3.13 63.59 -66.97
N LEU B 82 -3.05 64.78 -67.55
CA LEU B 82 -1.81 65.30 -68.10
C LEU B 82 -0.83 65.72 -66.98
N PRO B 83 0.50 65.69 -67.22
CA PRO B 83 1.45 66.03 -66.14
C PRO B 83 1.37 67.50 -65.72
N GLU B 84 1.79 67.81 -64.47
CA GLU B 84 1.77 69.17 -63.96
C GLU B 84 2.71 70.04 -64.79
N GLY B 85 2.21 71.21 -65.18
CA GLY B 85 2.91 72.14 -66.03
C GLY B 85 2.65 71.97 -67.52
N ALA B 86 1.89 70.91 -67.90
CA ALA B 86 1.57 70.62 -69.30
C ALA B 86 0.88 71.76 -70.01
N GLU B 87 1.25 71.99 -71.28
CA GLU B 87 0.67 72.99 -72.16
C GLU B 87 -0.35 72.24 -72.97
N ILE B 88 -1.60 72.69 -72.93
CA ILE B 88 -2.70 72.01 -73.62
C ILE B 88 -3.10 72.78 -74.86
N ALA B 89 -2.80 72.19 -76.04
CA ALA B 89 -3.11 72.76 -77.35
C ALA B 89 -4.40 72.15 -77.84
N VAL B 90 -5.41 73.00 -78.05
CA VAL B 90 -6.74 72.55 -78.46
C VAL B 90 -7.12 73.17 -79.81
N GLN B 91 -7.69 72.32 -80.71
CA GLN B 91 -8.14 72.70 -82.05
C GLN B 91 -9.44 72.03 -82.45
N LEU B 92 -10.44 72.84 -82.85
CA LEU B 92 -11.71 72.27 -83.28
C LEU B 92 -11.62 71.90 -84.77
N GLU B 93 -12.15 70.70 -85.12
CA GLU B 93 -12.23 70.18 -86.50
C GLU B 93 -13.67 69.71 -86.66
N GLY B 94 -14.59 70.69 -86.77
CA GLY B 94 -16.02 70.48 -86.93
C GLY B 94 -16.45 69.33 -86.02
N GLU B 95 -16.83 68.18 -86.61
CA GLU B 95 -17.25 66.99 -85.86
C GLU B 95 -16.37 66.46 -84.70
N ARG B 96 -15.11 66.93 -84.57
CA ARG B 96 -14.18 66.48 -83.53
C ARG B 96 -13.31 67.61 -82.97
N MET B 97 -12.85 67.46 -81.69
CA MET B 97 -11.96 68.41 -81.05
C MET B 97 -10.65 67.73 -80.71
N LEU B 98 -9.55 68.35 -81.13
CA LEU B 98 -8.21 67.80 -80.98
C LEU B 98 -7.52 68.39 -79.79
N VAL B 99 -7.00 67.51 -78.92
CA VAL B 99 -6.31 67.92 -77.70
C VAL B 99 -4.92 67.35 -77.78
N ARG B 100 -3.93 68.22 -77.76
CA ARG B 100 -2.54 67.77 -77.82
C ARG B 100 -1.74 68.40 -76.71
N SER B 101 -0.88 67.60 -76.10
CA SER B 101 0.07 68.03 -75.07
C SER B 101 1.17 67.00 -75.08
N GLY B 102 2.41 67.46 -75.28
CA GLY B 102 3.58 66.58 -75.38
C GLY B 102 3.36 65.56 -76.49
N ARG B 103 3.46 64.28 -76.16
CA ARG B 103 3.21 63.21 -77.14
C ARG B 103 1.89 62.50 -76.84
N SER B 104 0.96 63.24 -76.22
CA SER B 104 -0.39 62.80 -75.90
C SER B 104 -1.32 63.53 -76.87
N ARG B 105 -2.12 62.75 -77.58
CA ARG B 105 -3.08 63.26 -78.57
C ARG B 105 -4.45 62.67 -78.29
N PHE B 106 -5.49 63.52 -78.38
CA PHE B 106 -6.87 63.10 -78.12
C PHE B 106 -7.80 63.75 -79.14
N SER B 107 -8.76 62.97 -79.61
CA SER B 107 -9.79 63.44 -80.52
C SER B 107 -11.10 63.16 -79.81
N LEU B 108 -11.81 64.24 -79.47
CA LEU B 108 -13.09 64.15 -78.77
C LEU B 108 -14.24 64.47 -79.69
N SER B 109 -15.36 63.74 -79.54
CA SER B 109 -16.54 64.03 -80.33
C SER B 109 -17.11 65.39 -79.90
N THR B 110 -17.70 66.12 -80.82
CA THR B 110 -18.28 67.42 -80.53
C THR B 110 -19.75 67.39 -80.82
N LEU B 111 -20.47 68.39 -80.29
CA LEU B 111 -21.87 68.65 -80.59
C LEU B 111 -21.90 70.14 -80.88
N PRO B 112 -22.73 70.60 -81.86
CA PRO B 112 -22.66 72.03 -82.24
C PRO B 112 -22.94 73.02 -81.12
N ALA B 113 -22.14 74.09 -81.03
CA ALA B 113 -22.31 75.19 -80.09
C ALA B 113 -23.73 75.78 -80.15
N ALA B 114 -24.31 75.90 -81.37
CA ALA B 114 -25.68 76.41 -81.61
C ALA B 114 -26.77 75.59 -80.93
N ASP B 115 -26.50 74.31 -80.66
CA ASP B 115 -27.44 73.40 -79.97
C ASP B 115 -27.31 73.54 -78.44
N PHE B 116 -26.25 74.21 -77.95
CA PHE B 116 -26.05 74.37 -76.52
C PHE B 116 -27.14 75.23 -75.89
N PRO B 117 -27.78 74.73 -74.80
CA PRO B 117 -28.88 75.49 -74.18
C PRO B 117 -28.47 76.82 -73.62
N ASN B 118 -29.14 77.86 -74.08
CA ASN B 118 -28.89 79.20 -73.58
C ASN B 118 -29.98 79.53 -72.58
N LEU B 119 -29.59 79.83 -71.33
CA LEU B 119 -30.52 80.26 -70.28
C LEU B 119 -30.98 81.68 -70.63
N ASP B 120 -32.31 81.92 -70.56
CA ASP B 120 -32.96 83.19 -70.91
C ASP B 120 -32.31 84.40 -70.28
N ASP B 121 -32.20 85.50 -71.06
CA ASP B 121 -31.65 86.75 -70.56
C ASP B 121 -32.60 87.37 -69.54
N TRP B 122 -32.03 88.15 -68.61
CA TRP B 122 -32.75 88.79 -67.54
C TRP B 122 -31.97 89.95 -66.99
N GLN B 123 -32.68 90.84 -66.33
CA GLN B 123 -32.13 92.03 -65.72
C GLN B 123 -32.11 91.85 -64.19
N SER B 124 -30.95 92.15 -63.61
CA SER B 124 -30.70 92.09 -62.18
C SER B 124 -31.56 93.15 -61.47
N GLU B 125 -32.28 92.75 -60.43
CA GLU B 125 -33.15 93.65 -59.65
C GLU B 125 -32.45 94.11 -58.39
N VAL B 126 -31.61 93.23 -57.80
CA VAL B 126 -30.88 93.46 -56.56
C VAL B 126 -29.52 92.88 -56.76
N GLU B 127 -28.50 93.64 -56.39
CA GLU B 127 -27.11 93.22 -56.46
C GLU B 127 -26.38 93.67 -55.18
N PHE B 128 -25.54 92.80 -54.64
CA PHE B 128 -24.75 93.05 -53.44
C PHE B 128 -23.57 92.13 -53.46
N THR B 129 -22.54 92.52 -52.74
CA THR B 129 -21.34 91.69 -52.64
C THR B 129 -21.15 91.32 -51.20
N LEU B 130 -20.58 90.16 -50.95
CA LEU B 130 -20.40 89.70 -49.59
C LEU B 130 -19.24 88.73 -49.52
N PRO B 131 -18.59 88.54 -48.36
CA PRO B 131 -17.49 87.54 -48.31
C PRO B 131 -18.06 86.14 -48.54
N GLN B 132 -17.22 85.26 -49.06
CA GLN B 132 -17.55 83.88 -49.34
C GLN B 132 -18.02 83.15 -48.09
N ALA B 133 -17.28 83.37 -46.98
CA ALA B 133 -17.55 82.81 -45.66
C ALA B 133 -18.92 83.18 -45.14
N THR B 134 -19.41 84.39 -45.49
CA THR B 134 -20.75 84.84 -45.11
C THR B 134 -21.83 84.03 -45.84
N MET B 135 -21.64 83.81 -47.16
CA MET B 135 -22.57 83.02 -47.97
C MET B 135 -22.57 81.59 -47.48
N LYS B 136 -21.36 81.04 -47.20
CA LYS B 136 -21.19 79.68 -46.67
C LYS B 136 -21.97 79.54 -45.34
N ARG B 137 -21.80 80.51 -44.42
CA ARG B 137 -22.50 80.56 -43.12
C ARG B 137 -24.02 80.60 -43.31
N LEU B 138 -24.54 81.50 -44.18
CA LEU B 138 -25.98 81.62 -44.47
C LEU B 138 -26.57 80.34 -45.00
N ILE B 139 -25.85 79.65 -45.90
CA ILE B 139 -26.31 78.40 -46.49
C ILE B 139 -26.19 77.28 -45.49
N GLU B 140 -24.98 77.07 -44.92
CA GLU B 140 -24.77 75.98 -43.94
C GLU B 140 -25.69 76.08 -42.75
N ALA B 141 -26.05 77.30 -42.32
CA ALA B 141 -26.92 77.49 -41.16
C ALA B 141 -28.35 77.04 -41.44
N THR B 142 -28.77 76.94 -42.72
CA THR B 142 -30.16 76.61 -43.04
C THR B 142 -30.37 75.43 -43.96
N GLN B 143 -29.38 75.08 -44.79
CA GLN B 143 -29.46 74.05 -45.83
C GLN B 143 -30.09 72.76 -45.42
N PHE B 144 -29.72 72.24 -44.24
CA PHE B 144 -30.20 70.94 -43.74
C PHE B 144 -31.73 70.94 -43.59
N SER B 145 -32.34 72.14 -43.40
CA SER B 145 -33.79 72.24 -43.20
C SER B 145 -34.59 72.25 -44.51
N MET B 146 -33.94 72.32 -45.69
CA MET B 146 -34.66 72.29 -46.98
C MET B 146 -35.37 70.96 -47.12
N ALA B 147 -36.55 70.97 -47.79
CA ALA B 147 -37.31 69.75 -48.03
C ALA B 147 -36.67 68.91 -49.12
N HIS B 148 -36.86 67.61 -49.10
CA HIS B 148 -36.33 66.85 -50.21
C HIS B 148 -37.42 66.15 -50.93
N GLN B 149 -37.54 66.50 -52.22
CA GLN B 149 -38.55 66.04 -53.16
C GLN B 149 -39.98 66.12 -52.55
N ASP B 150 -40.25 67.25 -51.87
CA ASP B 150 -41.56 67.49 -51.29
C ASP B 150 -42.50 67.94 -52.44
N VAL B 151 -43.79 67.55 -52.35
CA VAL B 151 -44.82 67.92 -53.33
C VAL B 151 -44.99 69.46 -53.39
N ARG B 152 -44.83 70.13 -52.22
CA ARG B 152 -44.79 71.59 -52.09
C ARG B 152 -43.37 71.93 -52.59
N TYR B 153 -43.22 71.97 -53.92
CA TYR B 153 -41.98 72.18 -54.69
C TYR B 153 -41.15 73.39 -54.20
N TYR B 154 -41.83 74.48 -53.77
CA TYR B 154 -41.21 75.69 -53.22
C TYR B 154 -40.39 75.46 -51.94
N LEU B 155 -40.59 74.33 -51.27
CA LEU B 155 -39.88 73.95 -50.03
C LEU B 155 -38.55 73.22 -50.32
N ASN B 156 -38.37 72.77 -51.60
CA ASN B 156 -37.19 72.03 -52.02
C ASN B 156 -36.03 72.94 -52.31
N GLY B 157 -36.24 74.21 -52.10
CA GLY B 157 -35.22 75.21 -52.25
C GLY B 157 -34.96 75.97 -50.97
N MET B 158 -34.23 77.06 -51.10
CA MET B 158 -33.91 77.91 -49.98
C MET B 158 -34.28 79.31 -50.34
N LEU B 159 -34.98 79.96 -49.43
CA LEU B 159 -35.33 81.34 -49.62
C LEU B 159 -34.15 82.24 -49.31
N PHE B 160 -33.91 83.21 -50.19
CA PHE B 160 -32.91 84.26 -50.07
C PHE B 160 -33.69 85.54 -50.01
N GLU B 161 -33.57 86.24 -48.92
CA GLU B 161 -34.34 87.42 -48.67
C GLU B 161 -33.46 88.59 -48.29
N THR B 162 -33.70 89.73 -48.95
CA THR B 162 -33.04 91.00 -48.62
C THR B 162 -34.12 91.86 -47.99
N GLU B 163 -33.80 92.53 -46.89
CA GLU B 163 -34.73 93.40 -46.15
C GLU B 163 -33.88 94.27 -45.30
N GLY B 164 -34.18 95.55 -45.37
CA GLY B 164 -33.46 96.58 -44.65
C GLY B 164 -32.00 96.49 -45.03
N GLU B 165 -31.18 96.21 -44.02
CA GLU B 165 -29.73 96.08 -44.14
C GLU B 165 -29.31 94.63 -43.89
N GLU B 166 -30.19 93.65 -44.17
CA GLU B 166 -29.89 92.23 -43.94
C GLU B 166 -30.15 91.30 -45.11
N LEU B 167 -29.32 90.26 -45.22
CA LEU B 167 -29.49 89.15 -46.15
C LEU B 167 -29.87 87.99 -45.26
N ARG B 168 -30.89 87.28 -45.66
CA ARG B 168 -31.46 86.19 -44.90
C ARG B 168 -31.66 84.96 -45.75
N THR B 169 -31.41 83.78 -45.16
CA THR B 169 -31.76 82.52 -45.79
C THR B 169 -32.79 81.88 -44.91
N VAL B 170 -33.72 81.18 -45.55
CA VAL B 170 -34.79 80.46 -44.87
C VAL B 170 -34.96 79.14 -45.58
N ALA B 171 -35.07 78.07 -44.79
CA ALA B 171 -35.30 76.74 -45.33
C ALA B 171 -36.22 76.01 -44.39
N THR B 172 -37.15 75.26 -44.99
CA THR B 172 -38.14 74.48 -44.23
C THR B 172 -38.65 73.30 -45.02
N ASP B 173 -39.05 72.26 -44.32
CA ASP B 173 -39.62 71.06 -44.92
C ASP B 173 -41.04 70.84 -44.42
N GLY B 174 -41.55 71.82 -43.67
CA GLY B 174 -42.87 71.73 -43.07
C GLY B 174 -42.89 71.22 -41.65
N HIS B 175 -41.77 70.61 -41.20
CA HIS B 175 -41.66 70.09 -39.84
C HIS B 175 -40.71 70.91 -39.03
N ARG B 176 -39.63 71.36 -39.66
CA ARG B 176 -38.64 72.18 -39.03
C ARG B 176 -38.25 73.30 -39.97
N LEU B 177 -37.83 74.41 -39.40
CA LEU B 177 -37.43 75.57 -40.15
C LEU B 177 -36.12 76.11 -39.62
N ALA B 178 -35.33 76.70 -40.52
CA ALA B 178 -34.08 77.34 -40.20
C ALA B 178 -34.08 78.69 -40.85
N VAL B 179 -33.72 79.71 -40.09
CA VAL B 179 -33.61 81.05 -40.60
C VAL B 179 -32.31 81.68 -40.16
N CYS B 180 -31.54 82.24 -41.10
CA CYS B 180 -30.27 82.89 -40.79
C CYS B 180 -30.21 84.26 -41.40
N SER B 181 -29.98 85.30 -40.58
CA SER B 181 -29.92 86.69 -41.01
C SER B 181 -28.52 87.20 -40.76
N MET B 182 -27.98 87.92 -41.72
CA MET B 182 -26.65 88.50 -41.63
C MET B 182 -26.74 89.96 -42.05
N PRO B 183 -26.14 90.90 -41.29
CA PRO B 183 -26.18 92.32 -41.71
C PRO B 183 -25.27 92.49 -42.93
N ILE B 184 -25.77 93.13 -43.97
CA ILE B 184 -25.07 93.22 -45.25
C ILE B 184 -24.06 94.39 -45.45
N GLY B 185 -24.29 95.53 -44.78
CA GLY B 185 -23.40 96.71 -44.89
C GLY B 185 -23.84 97.66 -45.97
N GLN B 186 -24.81 97.19 -46.77
CA GLN B 186 -25.49 97.84 -47.89
C GLN B 186 -26.96 97.95 -47.49
N SER B 187 -27.61 99.01 -47.95
CA SER B 187 -29.03 99.18 -47.73
C SER B 187 -29.66 98.72 -49.07
N LEU B 188 -30.31 97.56 -49.04
CA LEU B 188 -30.90 96.94 -50.23
C LEU B 188 -32.45 96.93 -50.19
N PRO B 189 -33.13 96.86 -51.35
CA PRO B 189 -34.60 96.79 -51.36
C PRO B 189 -35.11 95.41 -50.92
N SER B 190 -36.41 95.33 -50.61
CA SER B 190 -37.04 94.10 -50.22
C SER B 190 -37.22 93.17 -51.38
N HIS B 191 -36.47 92.07 -51.33
CA HIS B 191 -36.50 90.99 -52.32
C HIS B 191 -36.55 89.64 -51.64
N SER B 192 -37.38 88.75 -52.16
CA SER B 192 -37.54 87.42 -51.60
C SER B 192 -37.60 86.41 -52.73
N VAL B 193 -36.62 85.50 -52.80
CA VAL B 193 -36.56 84.51 -53.87
C VAL B 193 -36.20 83.12 -53.36
N ILE B 194 -36.61 82.09 -54.09
CA ILE B 194 -36.36 80.70 -53.78
C ILE B 194 -35.37 80.16 -54.76
N VAL B 195 -34.21 79.73 -54.22
CA VAL B 195 -33.14 79.15 -54.98
C VAL B 195 -33.35 77.65 -54.91
N PRO B 196 -33.43 76.92 -56.05
CA PRO B 196 -33.62 75.46 -55.97
C PRO B 196 -32.47 74.76 -55.27
N ARG B 197 -32.76 73.59 -54.70
CA ARG B 197 -31.80 72.72 -54.01
C ARG B 197 -30.45 72.66 -54.72
N LYS B 198 -30.46 72.29 -56.04
CA LYS B 198 -29.26 72.13 -56.84
C LYS B 198 -28.49 73.43 -57.01
N GLY B 199 -29.21 74.54 -57.03
CA GLY B 199 -28.61 75.86 -57.13
C GLY B 199 -27.92 76.21 -55.83
N VAL B 200 -28.54 75.81 -54.71
CA VAL B 200 -27.98 76.00 -53.38
C VAL B 200 -26.68 75.20 -53.25
N ILE B 201 -26.71 73.94 -53.68
CA ILE B 201 -25.54 73.05 -53.69
C ILE B 201 -24.41 73.65 -54.52
N GLU B 202 -24.75 74.17 -55.71
CA GLU B 202 -23.77 74.81 -56.57
C GLU B 202 -23.18 76.06 -55.98
N LEU B 203 -24.01 76.90 -55.37
CA LEU B 203 -23.56 78.11 -54.69
C LEU B 203 -22.52 77.76 -53.63
N MET B 204 -22.77 76.70 -52.84
CA MET B 204 -21.84 76.20 -51.83
C MET B 204 -20.50 75.72 -52.47
N ARG B 205 -20.60 74.89 -53.50
CA ARG B 205 -19.49 74.28 -54.26
C ARG B 205 -18.56 75.31 -54.84
N MET B 206 -19.10 76.42 -55.33
CA MET B 206 -18.31 77.50 -55.93
C MET B 206 -17.49 78.32 -54.94
N LEU B 207 -17.82 78.26 -53.64
CA LEU B 207 -17.07 78.97 -52.60
C LEU B 207 -15.74 78.26 -52.29
N ASP B 208 -14.64 78.83 -52.79
CA ASP B 208 -13.29 78.28 -52.62
C ASP B 208 -12.72 78.49 -51.20
N GLY B 209 -13.26 79.48 -50.51
CA GLY B 209 -12.87 79.84 -49.15
C GLY B 209 -12.01 81.08 -49.07
N GLY B 210 -11.25 81.31 -50.15
CA GLY B 210 -10.31 82.42 -50.31
C GLY B 210 -10.82 83.84 -50.23
N ASP B 211 -9.88 84.78 -50.50
CA ASP B 211 -10.02 86.24 -50.45
C ASP B 211 -11.08 86.83 -51.37
N ASN B 212 -11.33 86.18 -52.53
CA ASN B 212 -12.29 86.64 -53.54
C ASN B 212 -13.70 86.90 -52.96
N PRO B 213 -14.25 88.13 -53.07
CA PRO B 213 -15.61 88.35 -52.58
C PRO B 213 -16.63 87.72 -53.54
N LEU B 214 -17.84 87.52 -53.05
CA LEU B 214 -18.89 86.97 -53.88
C LEU B 214 -19.85 88.07 -54.24
N ARG B 215 -20.15 88.21 -55.52
CA ARG B 215 -21.11 89.20 -55.94
C ARG B 215 -22.34 88.45 -56.39
N VAL B 216 -23.48 88.83 -55.84
CA VAL B 216 -24.78 88.20 -56.11
C VAL B 216 -25.69 89.18 -56.82
N GLN B 217 -26.43 88.69 -57.81
CA GLN B 217 -27.43 89.46 -58.55
C GLN B 217 -28.68 88.64 -58.56
N ILE B 218 -29.77 89.25 -58.18
CA ILE B 218 -31.06 88.59 -58.15
C ILE B 218 -32.01 89.31 -59.10
N GLY B 219 -32.66 88.52 -59.95
CA GLY B 219 -33.67 89.01 -60.87
C GLY B 219 -35.02 88.53 -60.44
N SER B 220 -36.03 88.70 -61.27
CA SER B 220 -37.36 88.24 -60.92
C SER B 220 -37.47 86.70 -60.95
N ASN B 221 -36.75 86.03 -61.86
CA ASN B 221 -36.83 84.57 -62.02
C ASN B 221 -35.48 83.86 -62.09
N ASN B 222 -34.40 84.60 -61.81
CA ASN B 222 -33.05 84.06 -61.84
C ASN B 222 -32.19 84.68 -60.78
N ILE B 223 -31.09 83.97 -60.45
CA ILE B 223 -30.08 84.45 -59.52
C ILE B 223 -28.73 84.15 -60.16
N ARG B 224 -27.79 85.07 -59.95
CA ARG B 224 -26.44 84.93 -60.45
C ARG B 224 -25.47 85.22 -59.33
N ALA B 225 -24.40 84.45 -59.25
CA ALA B 225 -23.32 84.64 -58.30
C ALA B 225 -22.03 84.66 -59.08
N HIS B 226 -21.17 85.66 -58.81
CA HIS B 226 -19.84 85.79 -59.41
C HIS B 226 -18.80 85.64 -58.30
N VAL B 227 -17.81 84.79 -58.52
CA VAL B 227 -16.69 84.58 -57.62
C VAL B 227 -15.52 84.42 -58.56
N GLY B 228 -14.51 85.27 -58.40
CA GLY B 228 -13.33 85.24 -59.26
C GLY B 228 -13.72 85.23 -60.73
N ASP B 229 -13.37 84.16 -61.44
CA ASP B 229 -13.68 84.05 -62.88
C ASP B 229 -14.82 83.09 -63.18
N PHE B 230 -15.65 82.86 -62.18
CA PHE B 230 -16.79 81.96 -62.28
C PHE B 230 -18.05 82.72 -62.13
N ILE B 231 -19.02 82.31 -62.91
CA ILE B 231 -20.36 82.88 -62.87
C ILE B 231 -21.35 81.75 -62.86
N PHE B 232 -22.06 81.65 -61.77
CA PHE B 232 -23.10 80.67 -61.60
C PHE B 232 -24.41 81.38 -61.77
N THR B 233 -25.30 80.81 -62.57
CA THR B 233 -26.63 81.36 -62.79
C THR B 233 -27.62 80.25 -62.60
N SER B 234 -28.72 80.55 -61.91
CA SER B 234 -29.76 79.57 -61.72
C SER B 234 -31.10 80.21 -61.89
N LYS B 235 -32.04 79.44 -62.40
CA LYS B 235 -33.45 79.81 -62.46
C LYS B 235 -33.93 79.78 -60.99
N LEU B 236 -34.94 80.54 -60.66
CA LEU B 236 -35.48 80.51 -59.30
C LEU B 236 -36.68 79.59 -59.29
N VAL B 237 -37.08 79.12 -58.10
CA VAL B 237 -38.28 78.30 -57.99
C VAL B 237 -39.46 79.27 -58.00
N ASP B 238 -40.38 79.08 -58.96
CA ASP B 238 -41.54 79.96 -59.08
C ASP B 238 -42.61 79.44 -58.15
N GLY B 239 -42.68 80.04 -56.98
CA GLY B 239 -43.62 79.69 -55.93
C GLY B 239 -43.59 80.68 -54.80
N ARG B 240 -44.52 80.54 -53.86
CA ARG B 240 -44.59 81.45 -52.71
C ARG B 240 -44.11 80.68 -51.50
N PHE B 241 -42.97 81.10 -50.97
CA PHE B 241 -42.36 80.46 -49.83
C PHE B 241 -43.14 80.86 -48.57
N PRO B 242 -43.38 79.91 -47.63
CA PRO B 242 -44.08 80.27 -46.39
C PRO B 242 -43.40 81.40 -45.61
N ASP B 243 -44.19 82.17 -44.87
CA ASP B 243 -43.68 83.30 -44.12
C ASP B 243 -43.09 82.75 -42.83
N TYR B 244 -41.76 82.85 -42.70
CA TYR B 244 -41.08 82.34 -41.50
C TYR B 244 -41.50 83.09 -40.22
N ARG B 245 -41.85 84.38 -40.35
CA ARG B 245 -42.24 85.26 -39.24
C ARG B 245 -43.49 84.73 -38.55
N ARG B 246 -44.32 84.04 -39.33
CA ARG B 246 -45.58 83.41 -38.94
C ARG B 246 -45.39 82.05 -38.27
N VAL B 247 -44.25 81.44 -38.54
CA VAL B 247 -43.87 80.12 -38.04
C VAL B 247 -43.20 80.23 -36.66
N LEU B 248 -42.49 81.35 -36.43
CA LEU B 248 -41.81 81.61 -35.18
C LEU B 248 -42.79 81.63 -34.00
N PRO B 249 -42.51 80.88 -32.91
CA PRO B 249 -43.41 80.91 -31.73
C PRO B 249 -43.73 82.35 -31.30
N LYS B 250 -45.05 82.64 -31.15
CA LYS B 250 -45.53 83.97 -30.81
C LYS B 250 -45.00 84.47 -29.48
N ASN B 251 -45.32 83.80 -28.39
CA ASN B 251 -44.78 84.21 -27.11
C ASN B 251 -44.30 83.08 -26.22
N PRO B 252 -43.03 82.64 -26.43
CA PRO B 252 -42.50 81.55 -25.61
C PRO B 252 -42.27 82.02 -24.20
N ASP B 253 -43.00 81.42 -23.29
CA ASP B 253 -42.91 81.76 -21.89
C ASP B 253 -41.71 81.05 -21.27
N LYS B 254 -41.41 79.82 -21.73
CA LYS B 254 -40.34 78.97 -21.21
C LYS B 254 -39.03 79.05 -21.96
N HIS B 255 -37.95 79.32 -21.23
CA HIS B 255 -36.60 79.45 -21.79
C HIS B 255 -35.65 78.51 -21.09
N LEU B 256 -35.01 77.64 -21.84
CA LEU B 256 -34.03 76.68 -21.34
C LEU B 256 -32.68 77.04 -21.99
N GLU B 257 -31.61 77.04 -21.22
CA GLU B 257 -30.27 77.24 -21.74
C GLU B 257 -29.41 76.01 -21.32
N ALA B 258 -28.58 75.53 -22.24
CA ALA B 258 -27.73 74.37 -21.99
C ALA B 258 -26.47 74.51 -22.82
N GLY B 259 -25.39 73.85 -22.38
CA GLY B 259 -24.15 73.76 -23.15
C GLY B 259 -24.47 72.96 -24.40
N CYS B 260 -24.18 73.51 -25.58
CA CYS B 260 -24.49 72.89 -26.87
C CYS B 260 -23.94 71.48 -27.02
N ASP B 261 -22.65 71.29 -26.69
CA ASP B 261 -21.98 70.00 -26.80
C ASP B 261 -22.56 68.94 -25.90
N LEU B 262 -22.78 69.27 -24.61
CA LEU B 262 -23.37 68.31 -23.66
C LEU B 262 -24.79 67.93 -24.09
N LEU B 263 -25.55 68.92 -24.55
CA LEU B 263 -26.89 68.71 -25.04
C LEU B 263 -26.88 67.82 -26.30
N LYS B 264 -25.99 68.12 -27.25
CA LYS B 264 -25.82 67.39 -28.51
C LYS B 264 -25.42 65.94 -28.24
N GLN B 265 -24.43 65.73 -27.36
CA GLN B 265 -23.95 64.38 -27.04
C GLN B 265 -25.00 63.52 -26.36
N ALA B 266 -25.79 64.13 -25.49
CA ALA B 266 -26.88 63.45 -24.79
C ALA B 266 -27.95 63.03 -25.79
N PHE B 267 -28.28 63.93 -26.76
CA PHE B 267 -29.26 63.61 -27.79
C PHE B 267 -28.74 62.54 -28.74
N ALA B 268 -27.44 62.60 -29.08
CA ALA B 268 -26.78 61.64 -29.99
C ALA B 268 -26.81 60.25 -29.39
N ARG B 269 -26.58 60.15 -28.06
CA ARG B 269 -26.59 58.86 -27.40
C ARG B 269 -28.01 58.31 -27.28
N ALA B 270 -28.95 59.15 -26.84
CA ALA B 270 -30.36 58.78 -26.72
C ALA B 270 -30.91 58.33 -28.08
N ALA B 271 -30.50 59.02 -29.18
CA ALA B 271 -30.89 58.74 -30.57
C ALA B 271 -30.68 57.30 -30.96
N ILE B 272 -29.62 56.68 -30.42
CA ILE B 272 -29.23 55.31 -30.73
C ILE B 272 -30.39 54.36 -30.49
N LEU B 273 -31.09 54.57 -29.35
CA LEU B 273 -32.18 53.73 -28.94
C LEU B 273 -33.59 54.25 -29.26
N SER B 274 -33.67 55.21 -30.17
CA SER B 274 -34.96 55.74 -30.66
C SER B 274 -35.33 54.93 -31.89
N ASN B 275 -36.61 54.98 -32.28
CA ASN B 275 -37.13 54.28 -33.44
C ASN B 275 -36.31 54.70 -34.66
N GLU B 276 -35.78 53.72 -35.42
CA GLU B 276 -34.93 53.95 -36.60
C GLU B 276 -35.62 54.75 -37.70
N LYS B 277 -36.94 54.64 -37.80
CA LYS B 277 -37.68 55.36 -38.81
C LYS B 277 -38.21 56.69 -38.28
N PHE B 278 -38.80 56.67 -37.08
CA PHE B 278 -39.48 57.84 -36.53
C PHE B 278 -38.66 58.75 -35.64
N ARG B 279 -37.54 58.24 -35.12
CA ARG B 279 -36.52 58.96 -34.39
C ARG B 279 -37.03 59.76 -33.18
N GLY B 280 -38.14 59.30 -32.62
CA GLY B 280 -38.77 59.97 -31.48
C GLY B 280 -38.04 59.89 -30.17
N VAL B 281 -37.82 61.06 -29.59
CA VAL B 281 -37.26 61.17 -28.23
C VAL B 281 -38.18 62.03 -27.40
N ARG B 282 -38.12 61.89 -26.08
CA ARG B 282 -38.91 62.66 -25.14
C ARG B 282 -37.96 63.51 -24.30
N LEU B 283 -38.34 64.77 -24.08
CA LEU B 283 -37.64 65.75 -23.26
C LEU B 283 -38.51 66.04 -22.07
N TYR B 284 -37.93 65.93 -20.89
CA TYR B 284 -38.63 66.23 -19.64
C TYR B 284 -37.87 67.35 -19.06
N VAL B 285 -38.49 68.51 -19.07
CA VAL B 285 -37.92 69.73 -18.56
C VAL B 285 -38.39 69.97 -17.12
N SER B 286 -37.45 70.21 -16.23
CA SER B 286 -37.73 70.47 -14.81
C SER B 286 -36.68 71.43 -14.33
N GLU B 287 -36.63 71.71 -13.03
CA GLU B 287 -35.74 72.72 -12.48
C GLU B 287 -34.30 72.50 -12.73
N ASN B 288 -33.72 73.36 -13.57
CA ASN B 288 -32.33 73.26 -13.93
C ASN B 288 -31.94 71.86 -14.42
N GLN B 289 -32.88 71.14 -15.01
CA GLN B 289 -32.63 69.80 -15.44
C GLN B 289 -33.39 69.45 -16.73
N LEU B 290 -32.73 68.65 -17.55
CA LEU B 290 -33.32 68.07 -18.76
C LEU B 290 -33.07 66.60 -18.72
N LYS B 291 -34.13 65.83 -18.93
CA LYS B 291 -34.08 64.38 -19.03
C LYS B 291 -34.53 64.03 -20.43
N ILE B 292 -33.69 63.31 -21.16
CA ILE B 292 -33.98 62.88 -22.53
C ILE B 292 -34.17 61.39 -22.49
N THR B 293 -35.27 60.91 -23.05
CA THR B 293 -35.48 59.47 -23.10
C THR B 293 -35.80 59.04 -24.52
N ALA B 294 -35.47 57.81 -24.82
CA ALA B 294 -35.75 57.21 -26.09
C ALA B 294 -36.11 55.75 -25.88
N ASN B 295 -37.10 55.27 -26.65
CA ASN B 295 -37.55 53.85 -26.65
C ASN B 295 -37.65 53.43 -28.14
N ASN B 296 -37.39 52.18 -28.45
CA ASN B 296 -37.60 51.74 -29.82
C ASN B 296 -38.59 50.53 -29.79
N PRO B 297 -39.03 49.96 -30.93
CA PRO B 297 -39.97 48.80 -30.87
C PRO B 297 -39.39 47.55 -30.18
N GLU B 298 -38.03 47.39 -30.18
CA GLU B 298 -37.34 46.26 -29.52
C GLU B 298 -37.36 46.41 -28.01
N GLN B 299 -37.99 47.49 -27.51
CA GLN B 299 -38.12 47.86 -26.09
C GLN B 299 -36.78 48.22 -25.42
N GLU B 300 -35.87 48.79 -26.21
CA GLU B 300 -34.61 49.26 -25.69
C GLU B 300 -34.84 50.68 -25.22
N GLU B 301 -34.18 51.11 -24.17
CA GLU B 301 -34.40 52.43 -23.63
C GLU B 301 -33.10 53.17 -23.35
N ALA B 302 -33.11 54.45 -23.61
CA ALA B 302 -32.01 55.34 -23.31
C ALA B 302 -32.54 56.44 -22.44
N GLU B 303 -31.75 56.89 -21.48
CA GLU B 303 -32.07 57.97 -20.60
C GLU B 303 -30.83 58.78 -20.35
N GLU B 304 -30.97 60.08 -20.52
CA GLU B 304 -29.91 61.04 -20.28
C GLU B 304 -30.45 62.11 -19.39
N ILE B 305 -29.68 62.49 -18.36
CA ILE B 305 -30.01 63.59 -17.46
C ILE B 305 -28.89 64.63 -17.56
N LEU B 306 -29.26 65.88 -17.77
CA LEU B 306 -28.32 67.00 -17.90
C LEU B 306 -28.73 68.13 -16.98
N ASP B 307 -27.77 68.90 -16.56
CA ASP B 307 -27.97 70.14 -15.84
C ASP B 307 -28.13 71.17 -16.93
N VAL B 308 -29.20 71.94 -16.87
CA VAL B 308 -29.51 73.01 -17.79
C VAL B 308 -29.87 74.23 -16.95
N THR B 309 -30.16 75.37 -17.57
CA THR B 309 -30.65 76.54 -16.88
C THR B 309 -32.10 76.65 -17.28
N TYR B 310 -32.98 76.32 -16.35
CA TYR B 310 -34.43 76.30 -16.56
C TYR B 310 -35.13 76.51 -15.25
N SER B 311 -36.09 77.43 -15.22
CA SER B 311 -36.87 77.72 -14.00
C SER B 311 -38.38 77.77 -14.18
N GLY B 312 -38.86 77.68 -15.41
CA GLY B 312 -40.29 77.62 -15.67
C GLY B 312 -41.02 76.36 -15.18
N ALA B 313 -42.24 76.13 -15.71
CA ALA B 313 -43.06 74.98 -15.35
C ALA B 313 -42.52 73.68 -15.97
N GLU B 314 -42.66 72.54 -15.25
CA GLU B 314 -42.23 71.24 -15.73
C GLU B 314 -43.05 70.85 -16.97
N MET B 315 -42.39 70.33 -18.01
CA MET B 315 -43.08 69.87 -19.21
C MET B 315 -42.38 68.73 -19.90
N GLU B 316 -43.16 67.98 -20.66
CA GLU B 316 -42.69 66.90 -21.50
C GLU B 316 -42.95 67.32 -22.97
N ILE B 317 -41.98 67.07 -23.83
CA ILE B 317 -42.10 67.38 -25.25
C ILE B 317 -41.36 66.32 -26.05
N GLY B 318 -42.02 65.85 -27.10
CA GLY B 318 -41.49 64.84 -28.00
C GLY B 318 -40.87 65.49 -29.23
N PHE B 319 -39.77 64.94 -29.71
CA PHE B 319 -39.14 65.48 -30.90
C PHE B 319 -38.54 64.38 -31.70
N ASN B 320 -38.44 64.62 -33.01
CA ASN B 320 -37.68 63.77 -33.88
C ASN B 320 -36.23 64.22 -33.56
N VAL B 321 -35.45 63.31 -32.95
CA VAL B 321 -34.07 63.60 -32.52
C VAL B 321 -33.17 64.04 -33.64
N SER B 322 -33.39 63.53 -34.88
CA SER B 322 -32.61 63.94 -36.05
C SER B 322 -32.73 65.43 -36.29
N TYR B 323 -33.95 65.98 -36.17
CA TYR B 323 -34.25 67.41 -36.35
C TYR B 323 -33.51 68.25 -35.32
N VAL B 324 -33.44 67.75 -34.07
CA VAL B 324 -32.79 68.44 -32.95
C VAL B 324 -31.27 68.39 -33.16
N LEU B 325 -30.74 67.21 -33.46
CA LEU B 325 -29.31 67.03 -33.73
C LEU B 325 -28.83 67.87 -34.91
N ASP B 326 -29.66 67.97 -35.97
CA ASP B 326 -29.34 68.78 -37.13
C ASP B 326 -29.13 70.20 -36.71
N VAL B 327 -30.01 70.70 -35.83
CA VAL B 327 -29.90 72.09 -35.32
C VAL B 327 -28.67 72.30 -34.43
N LEU B 328 -28.47 71.37 -33.51
CA LEU B 328 -27.34 71.45 -32.58
C LEU B 328 -25.99 71.36 -33.31
N ASN B 329 -25.93 70.59 -34.40
CA ASN B 329 -24.77 70.48 -35.28
C ASN B 329 -24.56 71.72 -36.11
N ALA B 330 -25.66 72.34 -36.55
CA ALA B 330 -25.61 73.57 -37.32
C ALA B 330 -25.21 74.78 -36.42
N LEU B 331 -25.52 74.72 -35.11
CA LEU B 331 -25.22 75.82 -34.19
C LEU B 331 -23.78 76.20 -33.93
N LYS B 332 -22.91 75.24 -33.68
CA LYS B 332 -21.47 75.59 -33.50
C LYS B 332 -21.21 76.79 -32.53
N CYS B 333 -21.81 76.74 -31.35
CA CYS B 333 -21.71 77.76 -30.32
C CYS B 333 -21.56 77.07 -28.97
N GLU B 334 -21.33 77.82 -27.94
CA GLU B 334 -21.11 77.27 -26.59
C GLU B 334 -22.41 76.89 -25.93
N ASN B 335 -23.38 77.81 -25.95
CA ASN B 335 -24.65 77.56 -25.30
C ASN B 335 -25.81 77.80 -26.23
N VAL B 336 -26.87 77.05 -26.02
CA VAL B 336 -28.08 77.15 -26.82
C VAL B 336 -29.25 77.56 -25.95
N ARG B 337 -30.19 78.27 -26.51
CA ARG B 337 -31.41 78.62 -25.84
C ARG B 337 -32.55 77.94 -26.61
N MET B 338 -33.39 77.20 -25.89
CA MET B 338 -34.58 76.55 -26.39
C MET B 338 -35.75 77.35 -25.80
N MET B 339 -36.58 77.89 -26.67
CA MET B 339 -37.73 78.69 -26.30
C MET B 339 -38.96 77.85 -26.58
N LEU B 340 -39.68 77.50 -25.52
CA LEU B 340 -40.82 76.61 -25.56
C LEU B 340 -42.10 77.30 -25.14
N THR B 341 -43.21 76.72 -25.58
CA THR B 341 -44.57 77.16 -25.31
C THR B 341 -45.17 76.01 -24.52
N ASP B 342 -45.57 74.95 -25.21
CA ASP B 342 -46.15 73.75 -24.65
C ASP B 342 -45.72 72.55 -25.46
N SER B 343 -46.20 71.37 -25.09
CA SER B 343 -45.87 70.09 -25.70
C SER B 343 -46.36 69.91 -27.13
N VAL B 344 -47.32 70.73 -27.60
CA VAL B 344 -47.91 70.59 -28.93
C VAL B 344 -47.58 71.75 -29.86
N SER B 345 -46.71 72.62 -29.39
CA SER B 345 -46.23 73.80 -30.11
C SER B 345 -44.74 73.69 -30.38
N SER B 346 -44.30 74.34 -31.46
CA SER B 346 -42.92 74.36 -31.89
C SER B 346 -41.95 74.97 -30.88
N VAL B 347 -40.69 74.51 -30.91
CA VAL B 347 -39.64 75.05 -30.06
C VAL B 347 -38.79 75.92 -30.99
N GLN B 348 -38.26 76.99 -30.43
CA GLN B 348 -37.31 77.81 -31.14
C GLN B 348 -35.97 77.60 -30.47
N ILE B 349 -34.99 77.17 -31.26
CA ILE B 349 -33.63 76.95 -30.77
C ILE B 349 -32.75 77.97 -31.39
N GLU B 350 -31.92 78.58 -30.57
CA GLU B 350 -30.92 79.53 -31.03
C GLU B 350 -29.67 79.50 -30.16
N ASP B 351 -28.60 80.11 -30.64
CA ASP B 351 -27.38 80.31 -29.88
C ASP B 351 -27.80 81.23 -28.73
N ALA B 352 -27.45 80.89 -27.46
CA ALA B 352 -27.82 81.74 -26.33
C ALA B 352 -27.21 83.14 -26.45
N ALA B 353 -26.05 83.26 -27.11
CA ALA B 353 -25.30 84.50 -27.36
C ALA B 353 -25.63 85.22 -28.71
N SER B 354 -26.56 84.70 -29.53
CA SER B 354 -26.82 85.31 -30.85
C SER B 354 -28.21 85.00 -31.40
N GLN B 355 -28.86 86.03 -31.94
CA GLN B 355 -30.18 85.86 -32.56
C GLN B 355 -30.10 85.77 -34.11
N SER B 356 -28.87 85.76 -34.69
CA SER B 356 -28.62 85.67 -36.14
C SER B 356 -29.27 84.44 -36.79
N ALA B 357 -29.28 83.31 -36.10
CA ALA B 357 -29.91 82.11 -36.60
C ALA B 357 -31.00 81.65 -35.61
N ALA B 358 -32.13 81.23 -36.15
CA ALA B 358 -33.21 80.70 -35.34
C ALA B 358 -33.68 79.43 -35.99
N TYR B 359 -33.95 78.45 -35.15
CA TYR B 359 -34.39 77.14 -35.62
C TYR B 359 -35.68 76.83 -34.97
N VAL B 360 -36.66 76.45 -35.78
CA VAL B 360 -38.01 76.15 -35.28
C VAL B 360 -38.30 74.70 -35.61
N VAL B 361 -38.54 73.90 -34.58
CA VAL B 361 -38.80 72.48 -34.74
C VAL B 361 -40.17 72.20 -34.16
N MET B 362 -41.00 71.57 -34.94
CA MET B 362 -42.33 71.19 -34.53
C MET B 362 -42.19 69.87 -33.78
N PRO B 363 -42.82 69.74 -32.62
CA PRO B 363 -42.69 68.49 -31.87
C PRO B 363 -43.44 67.31 -32.45
N MET B 364 -43.27 66.17 -31.81
CA MET B 364 -44.00 64.93 -32.14
C MET B 364 -45.01 64.74 -31.03
N ARG B 365 -46.19 64.22 -31.38
CA ARG B 365 -47.28 63.96 -30.44
C ARG B 365 -46.82 62.86 -29.47
N LEU B 366 -46.99 63.14 -28.15
CA LEU B 366 -46.62 62.35 -26.95
C LEU B 366 -45.11 62.12 -26.83
N MET C 1 2.89 17.07 -36.45
CA MET C 1 3.12 17.41 -35.04
C MET C 1 4.53 17.00 -34.59
N LYS C 2 5.24 17.96 -34.01
CA LYS C 2 6.60 17.76 -33.56
C LYS C 2 6.90 18.73 -32.44
N PHE C 3 7.62 18.27 -31.41
CA PHE C 3 8.06 19.10 -30.29
C PHE C 3 9.26 18.48 -29.57
N THR C 4 10.05 19.31 -28.92
CA THR C 4 11.18 18.87 -28.11
C THR C 4 11.06 19.61 -26.80
N VAL C 5 10.93 18.85 -25.71
CA VAL C 5 10.76 19.40 -24.38
C VAL C 5 11.65 18.63 -23.37
N GLU C 6 12.15 19.36 -22.34
CA GLU C 6 12.96 18.86 -21.23
C GLU C 6 12.07 17.99 -20.31
N ARG C 7 12.47 16.71 -20.06
CA ARG C 7 11.74 15.74 -19.23
C ARG C 7 11.05 16.30 -18.00
N GLU C 8 11.78 17.02 -17.14
CA GLU C 8 11.29 17.62 -15.87
C GLU C 8 10.12 18.57 -16.07
N HIS C 9 9.96 19.09 -17.30
CA HIS C 9 8.89 20.03 -17.64
C HIS C 9 7.69 19.40 -18.35
N LEU C 10 7.80 18.10 -18.68
CA LEU C 10 6.78 17.24 -19.23
C LEU C 10 6.19 16.32 -18.15
N LEU C 11 6.99 15.97 -17.14
CA LEU C 11 6.63 15.06 -16.06
C LEU C 11 5.40 15.41 -15.23
N LYS C 12 5.38 16.59 -14.57
CA LYS C 12 4.26 17.07 -13.76
C LYS C 12 3.00 17.14 -14.65
N PRO C 13 3.04 17.80 -15.84
CA PRO C 13 1.87 17.81 -16.72
C PRO C 13 1.32 16.42 -17.08
N LEU C 14 2.22 15.46 -17.40
CA LEU C 14 1.80 14.09 -17.73
C LEU C 14 1.23 13.43 -16.51
N GLN C 15 1.88 13.66 -15.32
CA GLN C 15 1.41 13.13 -14.03
C GLN C 15 0.03 13.72 -13.69
N GLN C 16 -0.16 15.01 -13.90
CA GLN C 16 -1.45 15.66 -13.65
C GLN C 16 -2.63 15.31 -14.64
N VAL C 17 -2.36 15.00 -15.95
CA VAL C 17 -3.39 14.64 -16.96
C VAL C 17 -3.69 13.13 -17.08
N SER C 18 -2.61 12.31 -16.90
CA SER C 18 -2.56 10.84 -17.03
C SER C 18 -2.77 10.12 -15.71
N GLY C 19 -2.40 10.79 -14.60
CA GLY C 19 -2.58 10.27 -13.26
C GLY C 19 -4.02 9.84 -12.99
N PRO C 20 -5.02 10.71 -13.34
CA PRO C 20 -6.44 10.34 -13.12
C PRO C 20 -6.99 9.31 -14.09
N LEU C 21 -6.33 9.15 -15.26
CA LEU C 21 -6.68 8.20 -16.31
C LEU C 21 -6.31 6.79 -15.82
N GLY C 22 -7.27 6.16 -15.13
CA GLY C 22 -7.06 4.85 -14.54
C GLY C 22 -8.04 3.76 -14.93
N GLY C 23 -7.51 2.53 -14.89
CA GLY C 23 -8.25 1.30 -15.16
C GLY C 23 -8.57 1.04 -16.62
N ARG C 24 -9.42 0.02 -16.83
CA ARG C 24 -9.94 -0.42 -18.13
C ARG C 24 -10.95 0.64 -18.61
N PRO C 25 -10.60 1.43 -19.66
CA PRO C 25 -11.52 2.48 -20.11
C PRO C 25 -12.71 1.96 -20.90
N THR C 26 -13.81 2.77 -20.94
CA THR C 26 -15.04 2.45 -21.68
C THR C 26 -14.72 2.37 -23.18
N LEU C 27 -14.17 3.46 -23.75
CA LEU C 27 -13.72 3.56 -25.14
C LEU C 27 -12.20 3.44 -25.12
N PRO C 28 -11.56 2.83 -26.15
CA PRO C 28 -10.09 2.74 -26.14
C PRO C 28 -9.39 4.09 -26.12
N ILE C 29 -9.96 5.09 -26.83
CA ILE C 29 -9.42 6.46 -26.90
C ILE C 29 -9.36 7.14 -25.50
N LEU C 30 -10.17 6.67 -24.56
CA LEU C 30 -10.18 7.18 -23.18
C LEU C 30 -8.90 6.81 -22.42
N GLY C 31 -8.19 5.78 -22.92
CA GLY C 31 -6.93 5.32 -22.36
C GLY C 31 -5.77 6.10 -22.96
N ASN C 32 -6.12 6.99 -23.88
CA ASN C 32 -5.16 7.84 -24.57
C ASN C 32 -5.19 9.27 -24.09
N LEU C 33 -4.08 9.92 -24.33
CA LEU C 33 -3.84 11.30 -24.02
C LEU C 33 -3.86 12.06 -25.31
N LEU C 34 -4.63 13.17 -25.39
CA LEU C 34 -4.67 14.02 -26.57
C LEU C 34 -3.50 14.99 -26.47
N LEU C 35 -2.65 14.98 -27.49
CA LEU C 35 -1.50 15.89 -27.55
C LEU C 35 -1.78 16.86 -28.67
N GLN C 36 -1.66 18.16 -28.39
CA GLN C 36 -1.90 19.20 -29.39
C GLN C 36 -0.82 20.27 -29.32
N VAL C 37 -0.10 20.46 -30.42
CA VAL C 37 0.90 21.52 -30.51
C VAL C 37 0.23 22.66 -31.29
N ALA C 38 0.25 23.88 -30.71
CA ALA C 38 -0.30 25.11 -31.30
C ALA C 38 0.21 26.34 -30.54
N ASP C 39 0.60 27.40 -31.26
CA ASP C 39 1.10 28.68 -30.74
C ASP C 39 2.25 28.62 -29.74
N GLY C 40 3.17 27.67 -29.90
CA GLY C 40 4.28 27.52 -28.97
C GLY C 40 3.87 26.91 -27.64
N THR C 41 2.77 26.16 -27.67
CA THR C 41 2.24 25.46 -26.50
C THR C 41 1.85 24.02 -26.87
N LEU C 42 2.20 23.10 -25.98
CA LEU C 42 1.79 21.72 -26.09
C LEU C 42 0.68 21.52 -25.07
N SER C 43 -0.49 21.10 -25.54
CA SER C 43 -1.61 20.82 -24.66
C SER C 43 -1.71 19.33 -24.52
N LEU C 44 -1.89 18.87 -23.28
CA LEU C 44 -2.05 17.45 -22.98
C LEU C 44 -3.41 17.32 -22.32
N THR C 45 -4.26 16.42 -22.84
CA THR C 45 -5.60 16.21 -22.30
C THR C 45 -5.91 14.76 -22.00
N GLY C 46 -6.42 14.53 -20.80
CA GLY C 46 -6.92 13.25 -20.35
C GLY C 46 -8.39 13.40 -19.99
N THR C 47 -9.24 12.45 -20.38
CA THR C 47 -10.69 12.48 -20.11
C THR C 47 -11.31 11.13 -19.77
N ASP C 48 -12.47 11.15 -19.12
CA ASP C 48 -13.24 9.95 -18.81
C ASP C 48 -14.70 10.18 -19.29
N LEU C 49 -14.89 11.27 -20.09
CA LEU C 49 -16.11 11.80 -20.67
C LEU C 49 -16.84 12.75 -19.75
N GLU C 50 -16.59 12.63 -18.43
CA GLU C 50 -17.19 13.48 -17.40
C GLU C 50 -16.18 14.49 -16.88
N MET C 51 -15.05 13.99 -16.33
CA MET C 51 -13.99 14.85 -15.87
C MET C 51 -12.84 14.94 -16.87
N GLU C 52 -12.24 16.12 -16.99
CA GLU C 52 -11.19 16.42 -17.94
C GLU C 52 -10.00 17.06 -17.25
N MET C 53 -8.81 16.74 -17.73
CA MET C 53 -7.54 17.24 -17.20
C MET C 53 -6.76 17.76 -18.39
N VAL C 54 -6.48 19.05 -18.40
CA VAL C 54 -5.73 19.70 -19.49
C VAL C 54 -4.50 20.40 -18.92
N ALA C 55 -3.32 20.13 -19.47
CA ALA C 55 -2.09 20.79 -19.06
C ALA C 55 -1.54 21.49 -20.28
N ARG C 56 -0.94 22.66 -20.06
CA ARG C 56 -0.34 23.45 -21.13
C ARG C 56 1.13 23.58 -20.83
N VAL C 57 1.95 23.17 -21.78
CA VAL C 57 3.41 23.20 -21.63
C VAL C 57 3.94 24.15 -22.69
N ALA C 58 4.70 25.17 -22.25
CA ALA C 58 5.30 26.15 -23.15
C ALA C 58 6.44 25.49 -23.91
N LEU C 59 6.44 25.65 -25.23
CA LEU C 59 7.48 25.09 -26.09
C LEU C 59 8.46 26.20 -26.45
N VAL C 60 9.63 26.16 -25.79
CA VAL C 60 10.73 27.11 -25.90
C VAL C 60 11.77 26.63 -26.95
N GLN C 61 11.53 25.45 -27.53
CA GLN C 61 12.38 24.81 -28.53
C GLN C 61 11.58 24.67 -29.83
N PRO C 62 12.21 24.43 -31.01
CA PRO C 62 11.44 24.29 -32.26
C PRO C 62 10.31 23.25 -32.18
N HIS C 63 9.21 23.54 -32.89
CA HIS C 63 8.03 22.69 -32.89
C HIS C 63 7.18 22.86 -34.15
N GLU C 64 6.40 21.86 -34.45
CA GLU C 64 5.49 21.86 -35.58
C GLU C 64 4.08 21.57 -35.05
N PRO C 65 3.08 22.41 -35.39
CA PRO C 65 1.72 22.17 -34.89
C PRO C 65 1.09 20.88 -35.38
N GLY C 66 0.10 20.43 -34.65
CA GLY C 66 -0.62 19.20 -34.96
C GLY C 66 -1.18 18.56 -33.72
N ALA C 67 -1.89 17.46 -33.91
CA ALA C 67 -2.53 16.77 -32.81
C ALA C 67 -2.63 15.29 -33.04
N THR C 68 -2.55 14.53 -31.96
CA THR C 68 -2.69 13.08 -31.97
C THR C 68 -3.09 12.62 -30.57
N THR C 69 -3.40 11.34 -30.45
CA THR C 69 -3.71 10.72 -29.17
C THR C 69 -2.77 9.51 -29.00
N VAL C 70 -2.13 9.39 -27.82
CA VAL C 70 -1.20 8.30 -27.48
C VAL C 70 -1.58 7.61 -26.19
N PRO C 71 -1.29 6.30 -26.01
CA PRO C 71 -1.61 5.65 -24.72
C PRO C 71 -0.94 6.43 -23.59
N ALA C 72 -1.77 6.88 -22.66
CA ALA C 72 -1.37 7.76 -21.56
C ALA C 72 -0.27 7.19 -20.65
N ARG C 73 -0.55 6.02 -20.04
CA ARG C 73 0.35 5.35 -19.12
C ARG C 73 1.69 5.02 -19.76
N LYS C 74 1.68 4.45 -20.99
CA LYS C 74 2.91 4.12 -21.74
C LYS C 74 3.73 5.37 -22.01
N PHE C 75 3.08 6.47 -22.45
CA PHE C 75 3.82 7.71 -22.70
C PHE C 75 4.40 8.31 -21.43
N PHE C 76 3.61 8.32 -20.33
CA PHE C 76 4.07 8.83 -19.04
C PHE C 76 5.27 7.98 -18.55
N ASP C 77 5.12 6.66 -18.59
CA ASP C 77 6.15 5.71 -18.17
C ASP C 77 7.46 5.85 -18.92
N ILE C 78 7.37 6.13 -20.23
CA ILE C 78 8.54 6.35 -21.08
C ILE C 78 9.27 7.61 -20.60
N CYS C 79 8.53 8.72 -20.46
CA CYS C 79 9.11 9.97 -20.03
C CYS C 79 9.70 9.90 -18.63
N ARG C 80 8.96 9.26 -17.71
CA ARG C 80 9.37 9.05 -16.32
C ARG C 80 10.62 8.16 -16.26
N GLY C 81 10.64 7.12 -17.10
CA GLY C 81 11.73 6.15 -17.19
C GLY C 81 13.02 6.71 -17.76
N LEU C 82 12.95 7.86 -18.46
CA LEU C 82 14.11 8.52 -19.01
C LEU C 82 14.94 9.20 -17.91
N PRO C 83 16.28 9.36 -18.09
CA PRO C 83 17.10 9.94 -17.00
C PRO C 83 16.83 11.41 -16.74
N GLU C 84 17.29 11.85 -15.56
CA GLU C 84 17.23 13.23 -15.08
C GLU C 84 17.89 14.19 -16.11
N GLY C 85 17.14 15.19 -16.53
CA GLY C 85 17.59 16.20 -17.49
C GLY C 85 17.43 15.86 -18.94
N ALA C 86 16.89 14.65 -19.25
CA ALA C 86 16.68 14.18 -20.63
C ALA C 86 15.85 15.13 -21.47
N GLU C 87 16.23 15.26 -22.75
CA GLU C 87 15.53 16.07 -23.74
C GLU C 87 14.67 15.11 -24.51
N ILE C 88 13.35 15.33 -24.52
CA ILE C 88 12.41 14.43 -25.18
C ILE C 88 11.92 14.99 -26.50
N ALA C 89 12.34 14.34 -27.60
CA ALA C 89 12.00 14.71 -28.96
C ALA C 89 10.86 13.84 -29.41
N VAL C 90 9.73 14.50 -29.69
CA VAL C 90 8.51 13.84 -30.09
C VAL C 90 8.12 14.27 -31.50
N GLN C 91 7.62 13.31 -32.31
CA GLN C 91 7.25 13.48 -33.71
C GLN C 91 6.21 12.47 -34.14
N LEU C 92 5.24 12.92 -34.93
CA LEU C 92 4.19 12.06 -35.45
C LEU C 92 4.68 11.53 -36.80
N GLU C 93 4.69 10.19 -36.97
CA GLU C 93 5.17 9.54 -38.19
C GLU C 93 4.20 8.46 -38.65
N GLY C 94 3.13 8.88 -39.32
CA GLY C 94 2.08 7.99 -39.77
C GLY C 94 1.07 7.78 -38.66
N GLU C 95 0.63 6.52 -38.47
CA GLU C 95 -0.34 6.11 -37.43
C GLU C 95 0.42 5.70 -36.10
N ARG C 96 1.66 6.25 -35.94
CA ARG C 96 2.54 6.00 -34.80
C ARG C 96 3.31 7.25 -34.37
N MET C 97 3.45 7.44 -33.05
CA MET C 97 4.15 8.59 -32.48
C MET C 97 5.54 8.17 -32.03
N LEU C 98 6.54 8.93 -32.46
CA LEU C 98 7.93 8.64 -32.19
C LEU C 98 8.46 9.46 -31.04
N VAL C 99 9.06 8.77 -30.08
CA VAL C 99 9.63 9.41 -28.89
C VAL C 99 11.12 9.05 -28.87
N ARG C 100 11.98 10.08 -28.93
CA ARG C 100 13.42 9.89 -28.97
C ARG C 100 14.08 10.76 -27.91
N SER C 101 15.03 10.19 -27.17
CA SER C 101 15.84 10.88 -26.15
C SER C 101 17.11 10.03 -26.01
N GLY C 102 18.27 10.66 -26.22
CA GLY C 102 19.56 9.98 -26.19
C GLY C 102 19.55 8.83 -27.19
N ARG C 103 19.83 7.62 -26.70
CA ARG C 103 19.82 6.44 -27.57
C ARG C 103 18.58 5.57 -27.30
N SER C 104 17.53 6.20 -26.72
CA SER C 104 16.25 5.57 -26.42
C SER C 104 15.24 6.03 -27.48
N ARG C 105 14.54 5.05 -28.09
CA ARG C 105 13.61 5.22 -29.19
C ARG C 105 12.32 4.49 -28.91
N PHE C 106 11.16 5.17 -29.09
CA PHE C 106 9.86 4.53 -28.85
C PHE C 106 8.89 4.90 -29.94
N SER C 107 8.10 3.94 -30.40
CA SER C 107 7.07 4.14 -31.41
C SER C 107 5.79 3.70 -30.76
N LEU C 108 4.89 4.65 -30.54
CA LEU C 108 3.59 4.40 -29.86
C LEU C 108 2.46 4.41 -30.86
N SER C 109 1.47 3.54 -30.65
CA SER C 109 0.28 3.54 -31.51
C SER C 109 -0.53 4.81 -31.22
N THR C 110 -1.16 5.36 -32.24
CA THR C 110 -1.98 6.55 -32.09
C THR C 110 -3.43 6.23 -32.45
N LEU C 111 -4.33 7.10 -31.99
CA LEU C 111 -5.74 7.11 -32.35
C LEU C 111 -5.98 8.55 -32.79
N PRO C 112 -6.81 8.79 -33.83
CA PRO C 112 -6.95 10.18 -34.35
C PRO C 112 -7.45 11.20 -33.33
N ALA C 113 -6.82 12.38 -33.31
CA ALA C 113 -7.18 13.51 -32.46
C ALA C 113 -8.67 13.88 -32.63
N ALA C 114 -9.21 13.81 -33.88
CA ALA C 114 -10.61 14.10 -34.21
C ALA C 114 -11.61 13.18 -33.49
N ASP C 115 -11.17 11.97 -33.10
CA ASP C 115 -11.99 11.00 -32.36
C ASP C 115 -11.94 11.25 -30.86
N PHE C 116 -11.00 12.10 -30.39
CA PHE C 116 -10.88 12.40 -28.96
C PHE C 116 -12.10 13.17 -28.46
N PRO C 117 -12.73 12.73 -27.37
CA PRO C 117 -13.92 13.45 -26.87
C PRO C 117 -13.65 14.91 -26.50
N ASN C 118 -14.34 15.84 -27.21
CA ASN C 118 -14.24 17.27 -26.94
C ASN C 118 -15.41 17.65 -26.05
N LEU C 119 -15.10 18.10 -24.83
CA LEU C 119 -16.13 18.50 -23.89
C LEU C 119 -16.62 19.88 -24.34
N ASP C 120 -17.95 20.03 -24.39
CA ASP C 120 -18.64 21.29 -24.70
C ASP C 120 -18.13 22.45 -23.76
N ASP C 121 -17.97 23.62 -24.37
CA ASP C 121 -17.60 24.84 -23.67
C ASP C 121 -18.78 25.24 -22.81
N TRP C 122 -18.52 25.85 -21.68
CA TRP C 122 -19.60 26.30 -20.82
C TRP C 122 -19.20 27.59 -20.18
N GLN C 123 -20.20 28.32 -19.70
CA GLN C 123 -19.99 29.62 -19.10
C GLN C 123 -19.96 29.53 -17.60
N SER C 124 -18.92 30.11 -17.05
CA SER C 124 -18.67 30.23 -15.62
C SER C 124 -19.71 31.24 -15.04
N GLU C 125 -20.38 30.83 -13.96
CA GLU C 125 -21.38 31.66 -13.27
C GLU C 125 -20.79 32.32 -12.03
N VAL C 126 -19.86 31.64 -11.37
CA VAL C 126 -19.16 32.09 -10.17
C VAL C 126 -17.71 31.77 -10.34
N GLU C 127 -16.85 32.69 -9.97
CA GLU C 127 -15.43 32.47 -9.98
C GLU C 127 -14.75 33.18 -8.87
N PHE C 128 -13.67 32.57 -8.41
CA PHE C 128 -12.86 33.07 -7.32
C PHE C 128 -11.56 32.36 -7.32
N THR C 129 -10.57 32.97 -6.71
CA THR C 129 -9.26 32.37 -6.56
C THR C 129 -8.98 32.21 -5.09
N LEU C 130 -8.22 31.19 -4.74
CA LEU C 130 -7.93 30.97 -3.33
C LEU C 130 -6.63 30.21 -3.21
N PRO C 131 -5.92 30.26 -2.05
CA PRO C 131 -4.69 29.47 -1.93
C PRO C 131 -5.01 27.98 -2.01
N GLN C 132 -4.04 27.20 -2.46
CA GLN C 132 -4.13 25.75 -2.55
C GLN C 132 -4.41 25.15 -1.18
N ALA C 133 -3.72 25.68 -0.15
CA ALA C 133 -3.80 25.25 1.25
C ALA C 133 -5.22 25.39 1.80
N THR C 134 -5.94 26.40 1.34
CA THR C 134 -7.31 26.66 1.73
C THR C 134 -8.22 25.57 1.14
N MET C 135 -8.06 25.25 -0.15
CA MET C 135 -8.82 24.21 -0.82
C MET C 135 -8.54 22.85 -0.19
N LYS C 136 -7.25 22.57 0.09
CA LYS C 136 -6.80 21.33 0.75
C LYS C 136 -7.50 21.18 2.10
N ARG C 137 -7.46 22.23 2.92
CA ARG C 137 -8.08 22.29 4.23
C ARG C 137 -9.60 22.04 4.14
N LEU C 138 -10.28 22.73 3.22
CA LEU C 138 -11.72 22.60 3.03
C LEU C 138 -12.12 21.17 2.67
N ILE C 139 -11.35 20.51 1.81
CA ILE C 139 -11.61 19.16 1.37
C ILE C 139 -11.27 18.18 2.47
N GLU C 140 -10.03 18.23 2.99
CA GLU C 140 -9.58 17.31 4.04
C GLU C 140 -10.44 17.36 5.29
N ALA C 141 -10.97 18.56 5.62
CA ALA C 141 -11.79 18.74 6.81
C ALA C 141 -13.15 18.01 6.69
N THR C 142 -13.64 17.79 5.46
CA THR C 142 -14.97 17.23 5.27
C THR C 142 -15.06 15.94 4.46
N GLN C 143 -14.08 15.66 3.60
CA GLN C 143 -14.05 14.51 2.68
C GLN C 143 -14.49 13.16 3.26
N PHE C 144 -14.04 12.82 4.46
CA PHE C 144 -14.35 11.56 5.11
C PHE C 144 -15.86 11.37 5.36
N SER C 145 -16.60 12.49 5.47
CA SER C 145 -18.03 12.47 5.74
C SER C 145 -18.90 12.25 4.52
N MET C 146 -18.30 12.27 3.31
CA MET C 146 -19.04 11.98 2.09
C MET C 146 -19.56 10.52 2.17
N ALA C 147 -20.72 10.27 1.58
CA ALA C 147 -21.30 8.93 1.59
C ALA C 147 -20.53 8.06 0.58
N HIS C 148 -20.51 6.75 0.83
CA HIS C 148 -19.83 5.78 -0.03
C HIS C 148 -20.89 4.96 -0.76
N GLN C 149 -21.08 5.21 -2.09
CA GLN C 149 -22.01 4.51 -2.96
C GLN C 149 -23.47 4.45 -2.41
N ASP C 150 -23.91 5.55 -1.79
CA ASP C 150 -25.26 5.67 -1.24
C ASP C 150 -26.24 5.86 -2.40
N VAL C 151 -27.48 5.32 -2.25
CA VAL C 151 -28.56 5.45 -3.24
C VAL C 151 -28.94 6.93 -3.44
N ARG C 152 -28.83 7.74 -2.36
CA ARG C 152 -29.01 9.21 -2.38
C ARG C 152 -27.66 9.68 -2.94
N TYR C 153 -27.52 9.59 -4.26
CA TYR C 153 -26.32 9.88 -5.06
C TYR C 153 -25.68 11.26 -4.71
N TYR C 154 -26.50 12.30 -4.43
CA TYR C 154 -26.07 13.65 -4.08
C TYR C 154 -25.22 13.69 -2.79
N LEU C 155 -25.25 12.61 -1.97
CA LEU C 155 -24.48 12.48 -0.75
C LEU C 155 -23.08 11.89 -1.01
N ASN C 156 -22.85 11.34 -2.22
CA ASN C 156 -21.57 10.75 -2.62
C ASN C 156 -20.59 11.80 -3.11
N GLY C 157 -21.03 13.04 -3.09
CA GLY C 157 -20.21 14.17 -3.45
C GLY C 157 -20.02 15.12 -2.28
N MET C 158 -19.46 16.29 -2.57
CA MET C 158 -19.20 17.31 -1.57
C MET C 158 -19.80 18.59 -2.06
N LEU C 159 -20.55 19.25 -1.16
CA LEU C 159 -21.14 20.53 -1.47
C LEU C 159 -20.07 21.62 -1.33
N PHE C 160 -20.01 22.49 -2.35
CA PHE C 160 -19.16 23.68 -2.38
C PHE C 160 -20.11 24.86 -2.39
N GLU C 161 -20.06 25.63 -1.32
CA GLU C 161 -20.96 26.75 -1.13
C GLU C 161 -20.24 28.06 -0.96
N THR C 162 -20.68 29.07 -1.72
CA THR C 162 -20.15 30.43 -1.63
C THR C 162 -21.23 31.27 -1.00
N GLU C 163 -20.84 32.15 -0.08
CA GLU C 163 -21.75 33.06 0.63
C GLU C 163 -20.86 34.17 1.17
N GLY C 164 -21.09 35.40 0.68
CA GLY C 164 -20.33 36.59 1.05
C GLY C 164 -18.88 36.42 0.64
N GLU C 165 -17.96 36.40 1.59
CA GLU C 165 -16.53 36.21 1.31
C GLU C 165 -16.07 34.82 1.74
N GLU C 166 -17.01 33.91 2.00
CA GLU C 166 -16.64 32.58 2.42
C GLU C 166 -16.92 31.49 1.41
N LEU C 167 -16.02 30.52 1.39
CA LEU C 167 -16.16 29.28 0.65
C LEU C 167 -16.34 28.22 1.74
N ARG C 168 -17.33 27.38 1.54
CA ARG C 168 -17.71 26.36 2.48
C ARG C 168 -17.82 24.98 1.79
N THR C 169 -17.33 23.95 2.49
CA THR C 169 -17.47 22.57 2.05
C THR C 169 -18.35 21.85 3.02
N VAL C 170 -19.28 21.06 2.49
CA VAL C 170 -20.19 20.27 3.30
C VAL C 170 -20.18 18.85 2.75
N ALA C 171 -20.11 17.89 3.65
CA ALA C 171 -20.18 16.48 3.29
C ALA C 171 -20.96 15.73 4.37
N THR C 172 -21.89 14.89 3.93
CA THR C 172 -22.75 14.07 4.78
C THR C 172 -23.13 12.68 4.14
N ASP C 173 -23.33 11.71 4.99
CA ASP C 173 -23.75 10.38 4.55
C ASP C 173 -25.14 10.09 5.13
N GLY C 174 -25.73 11.11 5.77
CA GLY C 174 -27.05 11.04 6.40
C GLY C 174 -26.96 10.69 7.86
N HIS C 175 -25.77 10.27 8.34
CA HIS C 175 -25.56 9.91 9.74
C HIS C 175 -24.66 10.90 10.42
N ARG C 176 -23.64 11.35 9.68
CA ARG C 176 -22.70 12.33 10.19
C ARG C 176 -22.45 13.37 9.14
N LEU C 177 -22.12 14.58 9.59
CA LEU C 177 -21.91 15.69 8.69
C LEU C 177 -20.63 16.41 9.06
N ALA C 178 -19.97 16.94 8.03
CA ALA C 178 -18.79 17.74 8.21
C ALA C 178 -19.00 19.03 7.43
N VAL C 179 -18.71 20.16 8.05
CA VAL C 179 -18.84 21.46 7.38
C VAL C 179 -17.59 22.29 7.70
N CYS C 180 -16.98 22.84 6.67
CA CYS C 180 -15.81 23.69 6.85
C CYS C 180 -16.01 25.01 6.11
N SER C 181 -15.82 26.13 6.80
CA SER C 181 -15.95 27.47 6.18
C SER C 181 -14.62 28.15 6.25
N MET C 182 -14.22 28.79 5.14
CA MET C 182 -12.97 29.52 5.05
C MET C 182 -13.20 30.86 4.39
N PRO C 183 -12.69 31.97 4.98
CA PRO C 183 -12.83 33.27 4.30
C PRO C 183 -11.93 33.31 3.07
N ILE C 184 -12.44 33.85 1.98
CA ILE C 184 -11.76 33.83 0.69
C ILE C 184 -11.35 35.24 0.13
N GLY C 185 -11.64 36.31 0.89
CA GLY C 185 -11.25 37.70 0.56
C GLY C 185 -11.74 38.26 -0.77
N GLN C 186 -12.91 37.80 -1.21
CA GLN C 186 -13.58 38.22 -2.44
C GLN C 186 -15.05 38.07 -2.15
N SER C 187 -15.83 39.08 -2.49
CA SER C 187 -17.27 39.05 -2.30
C SER C 187 -17.88 38.17 -3.37
N LEU C 188 -18.58 37.14 -2.96
CA LEU C 188 -19.17 36.15 -3.85
C LEU C 188 -20.69 36.10 -3.82
N PRO C 189 -21.33 35.77 -4.94
CA PRO C 189 -22.77 35.54 -4.87
C PRO C 189 -23.07 34.22 -4.13
N SER C 190 -24.30 34.05 -3.63
CA SER C 190 -24.70 32.83 -2.97
C SER C 190 -24.91 31.73 -3.99
N HIS C 191 -24.00 30.76 -4.01
CA HIS C 191 -24.07 29.63 -4.91
C HIS C 191 -23.75 28.34 -4.16
N SER C 192 -24.36 27.24 -4.59
CA SER C 192 -24.21 25.95 -3.95
C SER C 192 -24.12 24.90 -5.02
N VAL C 193 -23.06 24.10 -5.03
CA VAL C 193 -22.90 23.01 -6.02
C VAL C 193 -22.36 21.75 -5.37
N ILE C 194 -22.65 20.61 -5.99
CA ILE C 194 -22.18 19.31 -5.54
C ILE C 194 -21.15 18.81 -6.51
N VAL C 195 -19.96 18.57 -5.98
CA VAL C 195 -18.85 18.06 -6.75
C VAL C 195 -18.81 16.55 -6.48
N PRO C 196 -18.79 15.70 -7.53
CA PRO C 196 -18.76 14.23 -7.28
C PRO C 196 -17.50 13.80 -6.60
N ARG C 197 -17.58 12.66 -5.88
CA ARG C 197 -16.45 12.03 -5.22
C ARG C 197 -15.13 12.11 -6.01
N LYS C 198 -15.15 11.63 -7.27
CA LYS C 198 -13.98 11.58 -8.16
C LYS C 198 -13.42 12.96 -8.49
N GLY C 199 -14.30 13.94 -8.60
CA GLY C 199 -13.95 15.34 -8.84
C GLY C 199 -13.26 15.89 -7.61
N VAL C 200 -13.77 15.52 -6.42
CA VAL C 200 -13.20 15.91 -5.12
C VAL C 200 -11.78 15.35 -5.00
N ILE C 201 -11.62 14.04 -5.31
CA ILE C 201 -10.33 13.34 -5.27
C ILE C 201 -9.35 14.05 -6.21
N GLU C 202 -9.78 14.38 -7.41
CA GLU C 202 -8.94 15.06 -8.39
C GLU C 202 -8.55 16.46 -7.96
N LEU C 203 -9.48 17.22 -7.37
CA LEU C 203 -9.23 18.55 -6.85
C LEU C 203 -8.11 18.48 -5.80
N MET C 204 -8.13 17.45 -4.92
CA MET C 204 -7.10 17.21 -3.90
C MET C 204 -5.75 16.91 -4.58
N ARG C 205 -5.77 15.99 -5.56
CA ARG C 205 -4.65 15.46 -6.33
C ARG C 205 -3.91 16.55 -7.06
N MET C 206 -4.64 17.56 -7.57
CA MET C 206 -4.06 18.65 -8.34
C MET C 206 -3.34 19.67 -7.49
N LEU C 207 -3.56 19.66 -6.16
CA LEU C 207 -2.88 20.60 -5.25
C LEU C 207 -1.43 20.18 -5.01
N ASP C 208 -0.48 20.87 -5.65
CA ASP C 208 0.95 20.59 -5.55
C ASP C 208 1.56 21.06 -4.21
N GLY C 209 0.92 22.04 -3.58
CA GLY C 209 1.35 22.60 -2.31
C GLY C 209 2.04 23.95 -2.46
N GLY C 210 2.68 24.16 -3.62
CA GLY C 210 3.44 25.36 -3.97
C GLY C 210 2.73 26.71 -3.94
N ASP C 211 3.44 27.73 -4.46
CA ASP C 211 3.03 29.14 -4.50
C ASP C 211 1.81 29.45 -5.38
N ASN C 212 1.58 28.63 -6.40
CA ASN C 212 0.48 28.81 -7.34
C ASN C 212 -0.90 28.90 -6.67
N PRO C 213 -1.67 29.99 -6.90
CA PRO C 213 -3.04 30.03 -6.34
C PRO C 213 -3.96 29.14 -7.19
N LEU C 214 -5.11 28.80 -6.64
CA LEU C 214 -6.06 28.01 -7.38
C LEU C 214 -7.21 28.92 -7.82
N ARG C 215 -7.57 28.89 -9.09
CA ARG C 215 -8.67 29.65 -9.64
C ARG C 215 -9.81 28.69 -9.95
N VAL C 216 -10.94 28.86 -9.25
CA VAL C 216 -12.13 28.02 -9.40
C VAL C 216 -13.19 28.74 -10.20
N GLN C 217 -13.82 28.06 -11.12
CA GLN C 217 -14.90 28.60 -11.92
C GLN C 217 -16.02 27.59 -11.90
N ILE C 218 -17.18 28.03 -11.48
CA ILE C 218 -18.34 27.17 -11.35
C ILE C 218 -19.40 27.59 -12.34
N GLY C 219 -19.88 26.63 -13.11
CA GLY C 219 -20.97 26.80 -14.07
C GLY C 219 -22.23 26.14 -13.55
N SER C 220 -23.23 26.04 -14.41
CA SER C 220 -24.50 25.43 -13.99
C SER C 220 -24.39 23.93 -13.73
N ASN C 221 -23.57 23.22 -14.54
CA ASN C 221 -23.42 21.77 -14.43
C ASN C 221 -21.98 21.31 -14.44
N ASN C 222 -21.04 22.24 -14.34
CA ASN C 222 -19.61 21.93 -14.36
C ASN C 222 -18.84 22.83 -13.42
N ILE C 223 -17.67 22.38 -13.04
CA ILE C 223 -16.73 23.08 -12.20
C ILE C 223 -15.36 22.91 -12.85
N ARG C 224 -14.60 23.98 -12.84
CA ARG C 224 -13.24 23.93 -13.32
C ARG C 224 -12.32 24.62 -12.35
N ALA C 225 -11.16 24.06 -12.20
CA ALA C 225 -10.12 24.56 -11.33
C ALA C 225 -8.86 24.70 -12.17
N HIS C 226 -8.17 25.85 -12.06
CA HIS C 226 -6.89 26.13 -12.73
C HIS C 226 -5.84 26.27 -11.66
N VAL C 227 -4.73 25.54 -11.81
CA VAL C 227 -3.55 25.64 -10.94
C VAL C 227 -2.34 25.62 -11.85
N GLY C 228 -1.65 26.78 -11.90
CA GLY C 228 -0.55 27.02 -12.81
C GLY C 228 -1.04 26.88 -14.24
N ASP C 229 -0.47 25.92 -14.95
CA ASP C 229 -0.87 25.63 -16.32
C ASP C 229 -1.73 24.35 -16.45
N PHE C 230 -2.43 24.01 -15.39
CA PHE C 230 -3.29 22.84 -15.38
C PHE C 230 -4.75 23.22 -15.18
N ILE C 231 -5.64 22.62 -15.96
CA ILE C 231 -7.08 22.85 -15.87
C ILE C 231 -7.80 21.52 -15.67
N PHE C 232 -8.38 21.37 -14.48
CA PHE C 232 -9.23 20.25 -14.13
C PHE C 232 -10.69 20.71 -14.28
N THR C 233 -11.50 19.92 -14.96
CA THR C 233 -12.90 20.20 -15.19
C THR C 233 -13.66 18.94 -14.81
N SER C 234 -14.72 19.12 -14.06
CA SER C 234 -15.57 18.03 -13.64
C SER C 234 -16.99 18.47 -13.86
N LYS C 235 -17.88 17.50 -14.15
CA LYS C 235 -19.32 17.66 -14.24
C LYS C 235 -19.75 17.79 -12.75
N LEU C 236 -20.88 18.44 -12.48
CA LEU C 236 -21.39 18.52 -11.11
C LEU C 236 -22.45 17.44 -10.89
N VAL C 237 -22.75 17.11 -9.63
CA VAL C 237 -23.81 16.17 -9.33
C VAL C 237 -25.13 16.96 -9.44
N ASP C 238 -26.04 16.49 -10.28
CA ASP C 238 -27.34 17.15 -10.44
C ASP C 238 -28.26 16.56 -9.38
N GLY C 239 -28.36 17.25 -8.26
CA GLY C 239 -29.14 16.84 -7.10
C GLY C 239 -29.23 17.98 -6.10
N ARG C 240 -30.10 17.82 -5.10
CA ARG C 240 -30.28 18.83 -4.08
C ARG C 240 -29.69 18.28 -2.80
N PHE C 241 -28.63 18.93 -2.35
CA PHE C 241 -27.93 18.55 -1.15
C PHE C 241 -28.76 19.00 0.07
N PRO C 242 -28.80 18.18 1.15
CA PRO C 242 -29.53 18.60 2.37
C PRO C 242 -28.99 19.90 2.99
N ASP C 243 -29.86 20.66 3.70
CA ASP C 243 -29.43 21.92 4.33
C ASP C 243 -28.67 21.63 5.60
N TYR C 244 -27.35 21.93 5.61
CA TYR C 244 -26.50 21.71 6.77
C TYR C 244 -26.92 22.56 7.98
N ARG C 245 -27.45 23.78 7.71
CA ARG C 245 -27.87 24.73 8.74
C ARG C 245 -28.95 24.18 9.63
N ARG C 246 -29.84 23.39 9.05
CA ARG C 246 -30.91 22.75 9.78
C ARG C 246 -30.35 21.63 10.65
N VAL C 247 -29.39 20.87 10.11
CA VAL C 247 -28.75 19.72 10.75
C VAL C 247 -28.00 20.12 12.03
N LEU C 248 -27.43 21.33 12.06
CA LEU C 248 -26.67 21.81 13.22
C LEU C 248 -27.55 21.93 14.47
N PRO C 249 -27.12 21.33 15.63
CA PRO C 249 -27.92 21.48 16.86
C PRO C 249 -28.13 22.96 17.20
N LYS C 250 -29.41 23.35 17.44
CA LYS C 250 -29.84 24.75 17.68
C LYS C 250 -29.09 25.46 18.82
N ASN C 251 -29.33 25.07 20.08
CA ASN C 251 -28.63 25.64 21.23
C ASN C 251 -28.43 24.53 22.24
N PRO C 252 -27.25 23.88 22.18
CA PRO C 252 -26.99 22.76 23.08
C PRO C 252 -26.78 23.25 24.50
N ASP C 253 -27.32 22.52 25.45
CA ASP C 253 -27.23 22.84 26.87
C ASP C 253 -25.94 22.29 27.49
N LYS C 254 -25.46 21.19 26.92
CA LYS C 254 -24.30 20.47 27.43
C LYS C 254 -23.08 20.59 26.57
N HIS C 255 -21.95 20.90 27.21
CA HIS C 255 -20.70 21.10 26.53
C HIS C 255 -19.61 20.39 27.28
N LEU C 256 -18.91 19.53 26.53
CA LEU C 256 -17.81 18.72 27.05
C LEU C 256 -16.54 19.14 26.32
N GLU C 257 -15.45 19.28 27.05
CA GLU C 257 -14.14 19.58 26.47
C GLU C 257 -13.18 18.50 26.93
N ALA C 258 -12.31 18.07 26.04
CA ALA C 258 -11.32 17.01 26.33
C ALA C 258 -10.14 17.15 25.42
N GLY C 259 -8.99 16.65 25.86
CA GLY C 259 -7.79 16.58 25.06
C GLY C 259 -8.09 15.63 23.92
N CYS C 260 -7.88 16.12 22.68
CA CYS C 260 -8.19 15.33 21.49
C CYS C 260 -7.52 13.94 21.48
N ASP C 261 -6.21 13.88 21.78
CA ASP C 261 -5.44 12.64 21.79
C ASP C 261 -5.93 11.63 22.82
N LEU C 262 -6.16 12.05 24.08
CA LEU C 262 -6.66 11.16 25.13
C LEU C 262 -8.01 10.63 24.76
N LEU C 263 -8.87 11.52 24.25
CA LEU C 263 -10.20 11.16 23.82
C LEU C 263 -10.16 10.17 22.63
N LYS C 264 -9.32 10.45 21.64
CA LYS C 264 -9.12 9.64 20.44
C LYS C 264 -8.62 8.24 20.81
N GLN C 265 -7.56 8.18 21.64
CA GLN C 265 -6.96 6.92 22.07
C GLN C 265 -7.91 6.03 22.86
N ALA C 266 -8.76 6.65 23.69
CA ALA C 266 -9.76 5.93 24.48
C ALA C 266 -10.79 5.36 23.56
N PHE C 267 -11.25 6.13 22.57
CA PHE C 267 -12.23 5.65 21.60
C PHE C 267 -11.66 4.57 20.69
N ALA C 268 -10.37 4.71 20.29
CA ALA C 268 -9.67 3.75 19.42
C ALA C 268 -9.57 2.39 20.11
N ARG C 269 -9.27 2.38 21.44
CA ARG C 269 -9.18 1.17 22.22
C ARG C 269 -10.55 0.52 22.40
N ALA C 270 -11.60 1.30 22.72
CA ALA C 270 -12.97 0.77 22.89
C ALA C 270 -13.54 0.26 21.58
N ALA C 271 -13.06 0.83 20.48
CA ALA C 271 -13.47 0.42 19.15
C ALA C 271 -13.14 -1.06 18.85
N ILE C 272 -12.01 -1.53 19.38
CA ILE C 272 -11.53 -2.90 19.21
C ILE C 272 -12.61 -3.92 19.60
N LEU C 273 -13.30 -3.66 20.74
CA LEU C 273 -14.31 -4.57 21.28
C LEU C 273 -15.73 -4.21 20.97
N SER C 274 -15.94 -3.32 19.99
CA SER C 274 -17.27 -2.93 19.57
C SER C 274 -17.70 -3.87 18.45
N ASN C 275 -19.01 -3.92 18.18
CA ASN C 275 -19.57 -4.72 17.10
C ASN C 275 -18.89 -4.32 15.79
N GLU C 276 -18.33 -5.32 15.07
CA GLU C 276 -17.60 -5.12 13.80
C GLU C 276 -18.43 -4.46 12.72
N LYS C 277 -19.74 -4.67 12.74
CA LYS C 277 -20.62 -4.10 11.74
C LYS C 277 -21.23 -2.77 12.23
N PHE C 278 -21.72 -2.74 13.46
CA PHE C 278 -22.43 -1.58 13.99
C PHE C 278 -21.61 -0.54 14.74
N ARG C 279 -20.42 -0.95 15.20
CA ARG C 279 -19.38 -0.09 15.80
C ARG C 279 -19.87 0.77 16.98
N GLY C 280 -20.94 0.31 17.61
CA GLY C 280 -21.57 1.01 18.72
C GLY C 280 -20.79 1.07 20.00
N VAL C 281 -20.58 2.28 20.48
CA VAL C 281 -19.96 2.53 21.77
C VAL C 281 -20.96 3.36 22.58
N ARG C 282 -20.83 3.32 23.90
CA ARG C 282 -21.67 4.08 24.82
C ARG C 282 -20.79 5.07 25.55
N LEU C 283 -21.29 6.31 25.67
CA LEU C 283 -20.61 7.41 26.36
C LEU C 283 -21.45 7.72 27.56
N TYR C 284 -20.80 7.77 28.73
CA TYR C 284 -21.46 8.12 29.99
C TYR C 284 -20.78 9.36 30.43
N VAL C 285 -21.51 10.45 30.34
CA VAL C 285 -21.02 11.77 30.70
C VAL C 285 -21.44 12.10 32.13
N SER C 286 -20.49 12.53 32.93
CA SER C 286 -20.73 12.92 34.32
C SER C 286 -19.76 14.06 34.64
N GLU C 287 -19.91 14.69 35.82
CA GLU C 287 -19.08 15.83 36.21
C GLU C 287 -17.59 15.55 36.05
N ASN C 288 -16.97 16.28 35.08
CA ASN C 288 -15.56 16.21 34.69
C ASN C 288 -15.06 14.80 34.34
N GLN C 289 -15.96 13.96 33.85
CA GLN C 289 -15.62 12.59 33.53
C GLN C 289 -16.38 12.03 32.34
N LEU C 290 -15.69 11.22 31.53
CA LEU C 290 -16.29 10.50 30.43
C LEU C 290 -15.92 9.03 30.57
N LYS C 291 -16.91 8.16 30.48
CA LYS C 291 -16.74 6.73 30.51
C LYS C 291 -17.23 6.22 29.17
N ILE C 292 -16.35 5.53 28.46
CA ILE C 292 -16.67 4.95 27.15
C ILE C 292 -16.71 3.45 27.32
N THR C 293 -17.78 2.83 26.86
CA THR C 293 -17.86 1.38 26.92
C THR C 293 -18.20 0.81 25.53
N ALA C 294 -17.73 -0.40 25.29
CA ALA C 294 -18.04 -1.14 24.06
C ALA C 294 -18.10 -2.64 24.33
N ASN C 295 -19.04 -3.29 23.66
CA ASN C 295 -19.21 -4.72 23.71
C ASN C 295 -19.65 -5.25 22.37
N ASN C 296 -19.30 -6.51 22.10
CA ASN C 296 -19.59 -7.12 20.80
C ASN C 296 -20.48 -8.37 20.99
N PRO C 297 -20.94 -9.08 19.92
CA PRO C 297 -21.79 -10.27 20.13
C PRO C 297 -21.15 -11.41 20.93
N GLU C 298 -19.81 -11.54 20.91
CA GLU C 298 -19.02 -12.55 21.64
C GLU C 298 -18.88 -12.14 23.11
N GLN C 299 -19.64 -11.10 23.53
CA GLN C 299 -19.69 -10.55 24.89
C GLN C 299 -18.35 -10.07 25.46
N GLU C 300 -17.48 -9.55 24.56
CA GLU C 300 -16.21 -8.95 24.99
C GLU C 300 -16.52 -7.52 25.33
N GLU C 301 -15.86 -6.96 26.33
CA GLU C 301 -16.15 -5.63 26.81
C GLU C 301 -14.95 -4.74 26.96
N ALA C 302 -15.11 -3.46 26.61
CA ALA C 302 -14.05 -2.47 26.79
C ALA C 302 -14.63 -1.34 27.63
N GLU C 303 -13.82 -0.76 28.50
CA GLU C 303 -14.22 0.37 29.31
C GLU C 303 -13.06 1.32 29.41
N GLU C 304 -13.36 2.60 29.16
CA GLU C 304 -12.37 3.68 29.27
C GLU C 304 -12.94 4.78 30.14
N ILE C 305 -12.15 5.27 31.10
CA ILE C 305 -12.53 6.40 31.93
C ILE C 305 -11.52 7.54 31.72
N LEU C 306 -12.05 8.74 31.39
CA LEU C 306 -11.21 9.92 31.14
C LEU C 306 -11.67 11.08 31.95
N ASP C 307 -10.71 11.97 32.25
CA ASP C 307 -11.00 13.25 32.89
C ASP C 307 -11.30 14.18 31.72
N VAL C 308 -12.46 14.82 31.75
CA VAL C 308 -12.88 15.79 30.73
C VAL C 308 -13.30 17.07 31.47
N THR C 309 -13.71 18.11 30.74
CA THR C 309 -14.25 19.31 31.35
C THR C 309 -15.73 19.25 31.00
N TYR C 310 -16.54 18.89 31.97
CA TYR C 310 -17.98 18.75 31.80
C TYR C 310 -18.63 19.11 33.08
N SER C 311 -19.50 20.11 32.96
CA SER C 311 -20.31 20.74 33.98
C SER C 311 -21.72 20.78 33.39
N GLY C 312 -22.47 19.74 33.69
CA GLY C 312 -23.83 19.56 33.22
C GLY C 312 -24.49 18.33 33.84
N ALA C 313 -25.65 17.95 33.29
CA ALA C 313 -26.39 16.78 33.75
C ALA C 313 -25.77 15.49 33.21
N GLU C 314 -25.78 14.43 34.03
CA GLU C 314 -25.29 13.12 33.63
C GLU C 314 -26.16 12.54 32.50
N MET C 315 -25.52 12.02 31.44
CA MET C 315 -26.22 11.40 30.32
C MET C 315 -25.43 10.26 29.67
N GLU C 316 -26.16 9.37 28.98
CA GLU C 316 -25.66 8.20 28.28
C GLU C 316 -26.06 8.30 26.82
N ILE C 317 -25.07 8.38 25.92
CA ILE C 317 -25.28 8.51 24.49
C ILE C 317 -24.47 7.46 23.74
N GLY C 318 -25.12 6.86 22.76
CA GLY C 318 -24.52 5.84 21.93
C GLY C 318 -24.05 6.42 20.62
N PHE C 319 -22.89 5.99 20.16
CA PHE C 319 -22.36 6.45 18.89
C PHE C 319 -21.64 5.37 18.15
N ASN C 320 -21.64 5.49 16.83
CA ASN C 320 -20.83 4.66 15.97
C ASN C 320 -19.41 5.23 16.20
N VAL C 321 -18.54 4.45 16.83
CA VAL C 321 -17.18 4.85 17.16
C VAL C 321 -16.35 5.29 15.96
N SER C 322 -16.61 4.67 14.79
CA SER C 322 -15.88 5.02 13.54
C SER C 322 -16.13 6.47 13.19
N TYR C 323 -17.40 6.93 13.31
CA TYR C 323 -17.82 8.31 13.04
C TYR C 323 -17.11 9.28 13.95
N VAL C 324 -16.98 8.91 15.24
CA VAL C 324 -16.32 9.72 16.26
C VAL C 324 -14.82 9.82 15.97
N LEU C 325 -14.19 8.67 15.72
CA LEU C 325 -12.77 8.59 15.42
C LEU C 325 -12.42 9.38 14.15
N ASP C 326 -13.28 9.31 13.12
CA ASP C 326 -13.10 10.04 11.87
C ASP C 326 -13.01 11.52 12.15
N VAL C 327 -13.90 12.04 13.04
CA VAL C 327 -13.94 13.44 13.44
C VAL C 327 -12.67 13.79 14.21
N LEU C 328 -12.33 12.99 15.22
CA LEU C 328 -11.15 13.22 16.06
C LEU C 328 -9.83 13.18 15.28
N ASN C 329 -9.78 12.35 14.23
CA ASN C 329 -8.62 12.26 13.36
C ASN C 329 -8.59 13.42 12.38
N ALA C 330 -9.76 13.92 11.93
CA ALA C 330 -9.85 15.07 11.03
C ALA C 330 -9.50 16.38 11.77
N LEU C 331 -9.74 16.43 13.10
CA LEU C 331 -9.50 17.63 13.90
C LEU C 331 -8.09 18.10 14.07
N LYS C 332 -7.14 17.21 14.39
CA LYS C 332 -5.73 17.61 14.49
C LYS C 332 -5.50 18.91 15.32
N CYS C 333 -6.13 19.01 16.48
CA CYS C 333 -6.04 20.14 17.42
C CYS C 333 -5.81 19.59 18.80
N GLU C 334 -5.53 20.47 19.78
CA GLU C 334 -5.22 20.06 21.13
C GLU C 334 -6.45 19.62 21.88
N ASN C 335 -7.52 20.44 21.85
CA ASN C 335 -8.73 20.15 22.57
C ASN C 335 -9.93 20.20 21.68
N VAL C 336 -10.91 19.35 22.02
CA VAL C 336 -12.15 19.27 21.29
C VAL C 336 -13.31 19.63 22.17
N ARG C 337 -14.35 20.14 21.56
CA ARG C 337 -15.57 20.45 22.26
C ARG C 337 -16.68 19.64 21.64
N MET C 338 -17.43 18.95 22.48
CA MET C 338 -18.60 18.18 22.09
C MET C 338 -19.80 18.92 22.67
N MET C 339 -20.72 19.32 21.82
CA MET C 339 -21.91 20.04 22.20
C MET C 339 -23.09 19.09 22.06
N LEU C 340 -23.72 18.76 23.19
CA LEU C 340 -24.81 17.78 23.26
C LEU C 340 -26.11 18.39 23.70
N THR C 341 -27.21 17.71 23.34
CA THR C 341 -28.57 18.07 23.66
C THR C 341 -29.04 16.94 24.59
N ASP C 342 -29.40 15.80 23.99
CA ASP C 342 -29.84 14.61 24.68
C ASP C 342 -29.33 13.36 23.95
N SER C 343 -29.69 12.17 24.46
CA SER C 343 -29.31 10.85 23.97
C SER C 343 -29.83 10.52 22.57
N VAL C 344 -30.85 11.21 22.09
CA VAL C 344 -31.46 10.90 20.78
C VAL C 344 -31.26 11.99 19.74
N SER C 345 -30.46 13.01 20.11
CA SER C 345 -30.15 14.16 19.26
C SER C 345 -28.67 14.18 18.95
N SER C 346 -28.34 14.78 17.79
CA SER C 346 -26.98 14.89 17.29
C SER C 346 -26.03 15.66 18.18
N VAL C 347 -24.76 15.29 18.15
CA VAL C 347 -23.70 15.98 18.85
C VAL C 347 -22.97 16.84 17.80
N GLN C 348 -22.48 18.01 18.24
CA GLN C 348 -21.63 18.83 17.40
C GLN C 348 -20.28 18.76 17.99
N ILE C 349 -19.31 18.41 17.15
CA ILE C 349 -17.95 18.34 17.59
C ILE C 349 -17.09 19.33 16.82
N GLU C 350 -16.26 20.01 17.57
CA GLU C 350 -15.37 20.99 16.97
C GLU C 350 -14.12 21.15 17.79
N ASP C 351 -13.14 21.82 17.20
CA ASP C 351 -11.91 22.22 17.86
C ASP C 351 -12.37 23.19 18.95
N ALA C 352 -11.91 23.00 20.20
CA ALA C 352 -12.32 23.90 21.30
C ALA C 352 -11.90 25.36 20.99
N ALA C 353 -10.81 25.55 20.23
CA ALA C 353 -10.24 26.84 19.84
C ALA C 353 -10.66 27.37 18.44
N SER C 354 -11.54 26.67 17.70
CA SER C 354 -11.92 27.12 16.35
C SER C 354 -13.30 26.67 15.92
N GLN C 355 -14.07 27.58 15.32
CA GLN C 355 -15.39 27.27 14.81
C GLN C 355 -15.43 27.09 13.27
N SER C 356 -14.26 27.16 12.60
CA SER C 356 -14.16 27.04 11.14
C SER C 356 -14.71 25.72 10.60
N ALA C 357 -14.49 24.63 11.37
CA ALA C 357 -15.01 23.30 11.03
C ALA C 357 -15.95 22.80 12.16
N ALA C 358 -17.06 22.22 11.75
CA ALA C 358 -18.02 21.66 12.68
C ALA C 358 -18.40 20.28 12.16
N TYR C 359 -18.54 19.36 13.10
CA TYR C 359 -18.85 17.96 12.84
C TYR C 359 -20.06 17.57 13.60
N VAL C 360 -21.08 17.13 12.88
CA VAL C 360 -22.35 16.78 13.48
C VAL C 360 -22.52 15.27 13.33
N VAL C 361 -22.63 14.58 14.47
CA VAL C 361 -22.81 13.14 14.46
C VAL C 361 -24.10 12.73 15.14
N MET C 362 -24.96 12.06 14.39
CA MET C 362 -26.22 11.53 14.90
C MET C 362 -25.90 10.31 15.77
N PRO C 363 -26.49 10.22 16.97
CA PRO C 363 -26.19 9.06 17.82
C PRO C 363 -26.90 7.76 17.41
N MET C 364 -26.67 6.67 18.17
CA MET C 364 -27.42 5.44 17.98
C MET C 364 -28.49 5.19 19.08
N ARG C 365 -28.73 3.92 19.53
CA ARG C 365 -29.75 3.61 20.55
C ARG C 365 -29.26 2.60 21.58
N MET D 1 -4.03 -17.88 35.55
CA MET D 1 -2.86 -17.13 35.14
C MET D 1 -2.99 -15.64 35.20
N LYS D 2 -1.91 -14.99 35.64
CA LYS D 2 -1.84 -13.55 35.82
C LYS D 2 -0.44 -13.07 35.48
N PHE D 3 -0.34 -11.82 35.02
CA PHE D 3 0.95 -11.17 34.76
C PHE D 3 0.79 -9.67 34.62
N THR D 4 1.87 -8.95 34.94
CA THR D 4 1.98 -7.50 34.75
C THR D 4 3.28 -7.26 34.00
N VAL D 5 3.13 -6.60 32.88
CA VAL D 5 4.27 -6.31 32.03
C VAL D 5 4.12 -4.91 31.46
N GLU D 6 5.27 -4.23 31.24
CA GLU D 6 5.31 -2.92 30.58
C GLU D 6 4.87 -3.16 29.10
N ARG D 7 4.06 -2.26 28.54
CA ARG D 7 3.60 -2.27 27.16
C ARG D 7 4.76 -2.46 26.16
N GLU D 8 5.90 -1.84 26.45
CA GLU D 8 7.12 -1.83 25.64
C GLU D 8 7.79 -3.19 25.51
N HIS D 9 7.66 -3.99 26.57
CA HIS D 9 8.18 -5.34 26.63
C HIS D 9 7.25 -6.36 25.91
N LEU D 10 6.00 -5.97 25.63
CA LEU D 10 4.96 -6.81 25.06
C LEU D 10 4.68 -6.55 23.57
N LEU D 11 4.92 -5.32 23.11
CA LEU D 11 4.61 -4.89 21.74
C LEU D 11 5.28 -5.66 20.59
N LYS D 12 6.62 -5.66 20.52
CA LYS D 12 7.35 -6.37 19.48
C LYS D 12 7.02 -7.88 19.54
N PRO D 13 7.07 -8.54 20.73
CA PRO D 13 6.63 -9.96 20.81
C PRO D 13 5.23 -10.23 20.26
N LEU D 14 4.26 -9.38 20.56
CA LEU D 14 2.90 -9.53 20.04
C LEU D 14 2.84 -9.36 18.55
N GLN D 15 3.60 -8.40 18.02
CA GLN D 15 3.67 -8.15 16.59
C GLN D 15 4.28 -9.38 15.91
N GLN D 16 5.41 -9.87 16.43
CA GLN D 16 6.11 -11.01 15.89
C GLN D 16 5.29 -12.29 15.88
N VAL D 17 4.62 -12.60 16.99
CA VAL D 17 3.79 -13.81 17.06
C VAL D 17 2.50 -13.78 16.23
N SER D 18 1.97 -12.58 15.95
CA SER D 18 0.80 -12.41 15.09
C SER D 18 1.12 -12.61 13.59
N GLY D 19 2.42 -12.69 13.26
CA GLY D 19 2.95 -12.93 11.91
C GLY D 19 2.34 -14.10 11.14
N PRO D 20 2.43 -15.37 11.63
CA PRO D 20 1.83 -16.51 10.89
C PRO D 20 0.31 -16.46 10.65
N LEU D 21 -0.38 -15.49 11.30
CA LEU D 21 -1.83 -15.31 11.31
C LEU D 21 -2.38 -14.43 10.18
N GLY D 22 -3.40 -14.94 9.49
CA GLY D 22 -4.09 -14.26 8.39
C GLY D 22 -5.48 -13.82 8.78
N GLY D 23 -6.01 -12.84 8.03
CA GLY D 23 -7.34 -12.23 8.20
C GLY D 23 -8.49 -13.19 8.52
N ARG D 24 -8.60 -14.29 7.72
CA ARG D 24 -9.62 -15.31 7.94
C ARG D 24 -8.94 -16.67 8.27
N PRO D 25 -8.88 -17.07 9.56
CA PRO D 25 -8.23 -18.37 9.86
C PRO D 25 -9.13 -19.58 9.56
N THR D 26 -8.50 -20.75 9.32
CA THR D 26 -9.19 -22.01 9.06
C THR D 26 -10.01 -22.40 10.32
N LEU D 27 -9.31 -22.54 11.45
CA LEU D 27 -9.88 -22.83 12.76
C LEU D 27 -9.95 -21.53 13.54
N PRO D 28 -10.96 -21.30 14.41
CA PRO D 28 -11.00 -20.06 15.19
C PRO D 28 -9.81 -19.89 16.12
N ILE D 29 -9.29 -21.00 16.68
CA ILE D 29 -8.14 -20.96 17.59
C ILE D 29 -6.86 -20.45 16.89
N LEU D 30 -6.81 -20.55 15.55
CA LEU D 30 -5.69 -20.05 14.75
C LEU D 30 -5.64 -18.52 14.73
N GLY D 31 -6.76 -17.87 15.06
CA GLY D 31 -6.87 -16.41 15.18
C GLY D 31 -6.46 -15.97 16.56
N ASN D 32 -6.11 -16.95 17.41
CA ASN D 32 -5.72 -16.70 18.79
C ASN D 32 -4.25 -16.93 19.03
N LEU D 33 -3.73 -16.29 20.09
CA LEU D 33 -2.37 -16.51 20.53
C LEU D 33 -2.44 -17.32 21.81
N LEU D 34 -1.53 -18.25 21.97
CA LEU D 34 -1.41 -19.03 23.16
C LEU D 34 -0.52 -18.25 24.12
N LEU D 35 -1.03 -17.97 25.32
CA LEU D 35 -0.29 -17.24 26.33
C LEU D 35 -0.01 -18.23 27.43
N GLN D 36 1.26 -18.32 27.86
CA GLN D 36 1.66 -19.22 28.92
C GLN D 36 2.58 -18.53 29.89
N VAL D 37 2.18 -18.45 31.16
CA VAL D 37 3.01 -17.88 32.19
C VAL D 37 3.63 -19.07 32.92
N ALA D 38 4.97 -19.05 33.12
CA ALA D 38 5.74 -20.07 33.80
C ALA D 38 7.12 -19.54 34.11
N ASP D 39 7.63 -19.75 35.36
CA ASP D 39 9.01 -19.43 35.80
C ASP D 39 9.50 -18.00 35.54
N GLY D 40 8.61 -17.04 35.70
CA GLY D 40 8.96 -15.65 35.46
C GLY D 40 9.10 -15.31 33.99
N THR D 41 8.40 -16.08 33.12
CA THR D 41 8.39 -15.84 31.68
C THR D 41 6.98 -15.99 31.13
N LEU D 42 6.62 -15.09 30.25
CA LEU D 42 5.38 -15.15 29.50
C LEU D 42 5.77 -15.62 28.09
N SER D 43 5.17 -16.72 27.63
CA SER D 43 5.40 -17.23 26.29
C SER D 43 4.18 -16.90 25.50
N LEU D 44 4.39 -16.41 24.28
CA LEU D 44 3.31 -16.06 23.38
C LEU D 44 3.54 -16.90 22.12
N THR D 45 2.50 -17.61 21.64
CA THR D 45 2.62 -18.47 20.45
C THR D 45 1.50 -18.23 19.46
N GLY D 46 1.89 -18.06 18.21
CA GLY D 46 0.98 -17.91 17.09
C GLY D 46 1.32 -18.99 16.07
N THR D 47 0.29 -19.58 15.47
CA THR D 47 0.46 -20.65 14.51
C THR D 47 -0.55 -20.58 13.34
N ASP D 48 -0.24 -21.27 12.24
CA ASP D 48 -1.13 -21.40 11.08
C ASP D 48 -1.18 -22.90 10.73
N LEU D 49 -0.66 -23.74 11.65
CA LEU D 49 -0.55 -25.21 11.58
C LEU D 49 0.73 -25.67 10.87
N GLU D 50 1.22 -24.89 9.90
CA GLU D 50 2.44 -25.22 9.14
C GLU D 50 3.67 -24.65 9.84
N MET D 51 3.50 -23.49 10.48
CA MET D 51 4.56 -22.80 11.16
C MET D 51 4.10 -22.16 12.46
N GLU D 52 5.03 -21.94 13.37
CA GLU D 52 4.72 -21.28 14.62
C GLU D 52 5.78 -20.25 15.00
N MET D 53 5.36 -19.23 15.71
CA MET D 53 6.20 -18.15 16.20
C MET D 53 5.97 -18.06 17.70
N VAL D 54 7.02 -18.25 18.44
CA VAL D 54 7.02 -18.23 19.88
C VAL D 54 7.91 -17.05 20.35
N ALA D 55 7.38 -16.24 21.27
CA ALA D 55 8.15 -15.14 21.84
C ALA D 55 8.14 -15.38 23.35
N ARG D 56 9.23 -15.06 24.00
CA ARG D 56 9.38 -15.20 25.45
C ARG D 56 9.61 -13.82 26.02
N VAL D 57 8.83 -13.44 27.02
CA VAL D 57 8.90 -12.13 27.65
C VAL D 57 9.17 -12.37 29.13
N ALA D 58 10.24 -11.77 29.65
CA ALA D 58 10.62 -11.87 31.06
C ALA D 58 9.63 -11.10 31.90
N LEU D 59 9.15 -11.70 33.00
CA LEU D 59 8.21 -11.07 33.92
C LEU D 59 8.95 -10.71 35.20
N VAL D 60 9.13 -9.42 35.47
CA VAL D 60 9.83 -8.99 36.70
C VAL D 60 8.80 -8.82 37.84
N GLN D 61 7.64 -8.29 37.49
CA GLN D 61 6.49 -8.00 38.33
C GLN D 61 5.71 -9.27 38.71
N PRO D 62 5.02 -9.30 39.90
CA PRO D 62 4.26 -10.51 40.31
C PRO D 62 3.40 -11.13 39.23
N HIS D 63 3.37 -12.47 39.21
CA HIS D 63 2.65 -13.26 38.22
C HIS D 63 2.24 -14.62 38.76
N GLU D 64 1.20 -15.18 38.17
CA GLU D 64 0.71 -16.51 38.51
C GLU D 64 0.75 -17.36 37.22
N PRO D 65 1.39 -18.56 37.29
CA PRO D 65 1.43 -19.43 36.10
C PRO D 65 0.06 -19.88 35.60
N GLY D 66 0.02 -20.23 34.33
CA GLY D 66 -1.22 -20.61 33.68
C GLY D 66 -1.09 -20.41 32.20
N ALA D 67 -2.15 -20.74 31.47
CA ALA D 67 -2.18 -20.67 30.04
C ALA D 67 -3.56 -20.50 29.53
N THR D 68 -3.67 -19.78 28.44
CA THR D 68 -4.92 -19.51 27.75
C THR D 68 -4.62 -19.10 26.33
N THR D 69 -5.66 -18.90 25.54
CA THR D 69 -5.55 -18.42 24.19
C THR D 69 -6.48 -17.21 24.07
N VAL D 70 -6.00 -16.10 23.46
CA VAL D 70 -6.81 -14.86 23.26
C VAL D 70 -6.79 -14.41 21.83
N PRO D 71 -7.84 -13.74 21.31
CA PRO D 71 -7.77 -13.24 19.94
C PRO D 71 -6.54 -12.35 19.79
N ALA D 72 -5.67 -12.72 18.85
CA ALA D 72 -4.39 -12.08 18.57
C ALA D 72 -4.51 -10.61 18.19
N ARG D 73 -5.27 -10.29 17.14
CA ARG D 73 -5.47 -8.96 16.61
C ARG D 73 -6.08 -8.00 17.65
N LYS D 74 -7.10 -8.43 18.38
CA LYS D 74 -7.73 -7.64 19.45
C LYS D 74 -6.75 -7.40 20.60
N PHE D 75 -6.02 -8.42 21.04
CA PHE D 75 -5.06 -8.25 22.12
C PHE D 75 -3.90 -7.34 21.73
N PHE D 76 -3.34 -7.51 20.51
CA PHE D 76 -2.26 -6.69 20.02
C PHE D 76 -2.73 -5.22 19.92
N ASP D 77 -3.92 -4.99 19.34
CA ASP D 77 -4.51 -3.67 19.17
C ASP D 77 -4.74 -2.96 20.49
N ILE D 78 -5.15 -3.72 21.52
CA ILE D 78 -5.39 -3.18 22.86
C ILE D 78 -4.04 -2.69 23.42
N CYS D 79 -3.03 -3.55 23.41
CA CYS D 79 -1.73 -3.19 23.92
C CYS D 79 -1.10 -2.01 23.16
N ARG D 80 -1.17 -2.05 21.81
CA ARG D 80 -0.66 -1.01 20.92
C ARG D 80 -1.39 0.33 21.16
N GLY D 81 -2.71 0.24 21.36
CA GLY D 81 -3.59 1.37 21.62
C GLY D 81 -3.38 2.06 22.96
N LEU D 82 -2.72 1.37 23.89
CA LEU D 82 -2.43 1.90 25.21
C LEU D 82 -1.29 2.92 25.14
N PRO D 83 -1.22 3.90 26.06
CA PRO D 83 -0.17 4.92 25.95
C PRO D 83 1.23 4.40 26.21
N GLU D 84 2.23 5.12 25.73
CA GLU D 84 3.64 4.80 25.92
C GLU D 84 3.94 4.67 27.41
N GLY D 85 4.67 3.61 27.77
CA GLY D 85 5.05 3.36 29.15
C GLY D 85 3.99 2.72 30.01
N ALA D 86 2.79 2.45 29.44
CA ALA D 86 1.68 1.79 30.15
C ALA D 86 2.07 0.41 30.73
N GLU D 87 1.57 0.12 31.93
CA GLU D 87 1.76 -1.13 32.64
C GLU D 87 0.50 -1.95 32.31
N ILE D 88 0.69 -3.13 31.74
CA ILE D 88 -0.44 -3.97 31.35
C ILE D 88 -0.64 -5.14 32.32
N ALA D 89 -1.75 -5.08 33.07
CA ALA D 89 -2.12 -6.10 34.04
C ALA D 89 -3.11 -7.05 33.39
N VAL D 90 -2.72 -8.31 33.30
CA VAL D 90 -3.54 -9.33 32.65
C VAL D 90 -3.88 -10.44 33.66
N GLN D 91 -5.14 -10.86 33.65
CA GLN D 91 -5.61 -11.92 34.52
C GLN D 91 -6.70 -12.73 33.86
N LEU D 92 -6.63 -14.04 34.08
CA LEU D 92 -7.62 -14.96 33.54
C LEU D 92 -8.72 -15.07 34.57
N GLU D 93 -9.95 -14.77 34.15
CA GLU D 93 -11.11 -14.80 35.02
C GLU D 93 -12.21 -15.58 34.30
N GLY D 94 -12.27 -16.88 34.57
CA GLY D 94 -13.21 -17.78 33.93
C GLY D 94 -12.81 -18.06 32.50
N GLU D 95 -13.78 -17.89 31.56
CA GLU D 95 -13.62 -18.07 30.11
C GLU D 95 -13.35 -16.71 29.39
N ARG D 96 -12.90 -15.69 30.18
CA ARG D 96 -12.55 -14.31 29.78
C ARG D 96 -11.15 -13.99 30.24
N MET D 97 -10.42 -13.19 29.45
CA MET D 97 -9.13 -12.67 29.87
C MET D 97 -9.28 -11.17 30.11
N LEU D 98 -8.88 -10.74 31.29
CA LEU D 98 -9.03 -9.35 31.71
C LEU D 98 -7.75 -8.59 31.51
N VAL D 99 -7.86 -7.46 30.81
CA VAL D 99 -6.69 -6.61 30.49
C VAL D 99 -6.96 -5.26 31.10
N ARG D 100 -6.10 -4.85 32.00
CA ARG D 100 -6.24 -3.56 32.68
C ARG D 100 -4.96 -2.77 32.61
N SER D 101 -5.10 -1.47 32.38
CA SER D 101 -3.98 -0.52 32.36
C SER D 101 -4.60 0.83 32.62
N GLY D 102 -4.18 1.52 33.69
CA GLY D 102 -4.76 2.80 34.08
C GLY D 102 -6.25 2.67 34.28
N ARG D 103 -7.04 3.49 33.58
CA ARG D 103 -8.49 3.40 33.66
C ARG D 103 -9.09 2.73 32.42
N SER D 104 -8.26 1.93 31.73
CA SER D 104 -8.66 1.16 30.55
C SER D 104 -8.82 -0.31 30.98
N ARG D 105 -10.00 -0.89 30.69
CA ARG D 105 -10.39 -2.26 31.07
C ARG D 105 -10.91 -2.98 29.85
N PHE D 106 -10.44 -4.21 29.63
CA PHE D 106 -10.89 -5.05 28.51
C PHE D 106 -11.12 -6.48 28.97
N SER D 107 -12.16 -7.09 28.44
CA SER D 107 -12.50 -8.48 28.72
C SER D 107 -12.53 -9.18 27.36
N LEU D 108 -11.58 -10.08 27.15
CA LEU D 108 -11.44 -10.82 25.88
C LEU D 108 -11.90 -12.25 26.03
N SER D 109 -12.54 -12.78 25.01
CA SER D 109 -12.95 -14.18 25.02
C SER D 109 -11.70 -15.06 24.94
N THR D 110 -11.72 -16.23 25.58
CA THR D 110 -10.61 -17.16 25.52
C THR D 110 -11.06 -18.45 24.84
N LEU D 111 -10.09 -19.23 24.39
CA LEU D 111 -10.26 -20.58 23.87
C LEU D 111 -9.25 -21.39 24.64
N PRO D 112 -9.60 -22.62 25.10
CA PRO D 112 -8.67 -23.36 25.98
C PRO D 112 -7.28 -23.61 25.39
N ALA D 113 -6.25 -23.40 26.22
CA ALA D 113 -4.85 -23.65 25.90
C ALA D 113 -4.66 -25.11 25.37
N ALA D 114 -5.40 -26.09 25.94
CA ALA D 114 -5.34 -27.52 25.53
C ALA D 114 -5.76 -27.76 24.08
N ASP D 115 -6.59 -26.87 23.53
CA ASP D 115 -7.04 -26.91 22.15
C ASP D 115 -6.03 -26.28 21.19
N PHE D 116 -5.02 -25.56 21.72
CA PHE D 116 -4.05 -24.90 20.86
C PHE D 116 -3.18 -25.91 20.11
N PRO D 117 -3.05 -25.77 18.77
CA PRO D 117 -2.25 -26.74 18.01
C PRO D 117 -0.78 -26.80 18.43
N ASN D 118 -0.37 -28.02 18.74
CA ASN D 118 0.96 -28.42 19.14
C ASN D 118 1.70 -28.88 17.89
N LEU D 119 2.78 -28.18 17.49
CA LEU D 119 3.62 -28.65 16.39
C LEU D 119 4.45 -29.84 16.93
N ASP D 120 4.50 -30.94 16.16
CA ASP D 120 5.17 -32.19 16.54
C ASP D 120 6.60 -31.98 16.94
N ASP D 121 7.06 -32.74 17.94
CA ASP D 121 8.45 -32.69 18.36
C ASP D 121 9.35 -33.28 17.29
N TRP D 122 10.56 -32.77 17.23
CA TRP D 122 11.56 -33.22 16.27
C TRP D 122 12.91 -32.92 16.83
N GLN D 123 13.90 -33.70 16.43
CA GLN D 123 15.24 -33.37 16.88
C GLN D 123 16.00 -32.74 15.74
N SER D 124 16.72 -31.69 16.07
CA SER D 124 17.56 -30.90 15.18
C SER D 124 18.66 -31.79 14.62
N GLU D 125 18.81 -31.80 13.29
CA GLU D 125 19.84 -32.57 12.59
C GLU D 125 21.12 -31.76 12.37
N VAL D 126 21.00 -30.45 12.12
CA VAL D 126 22.05 -29.50 11.77
C VAL D 126 21.66 -28.24 12.50
N GLU D 127 22.61 -27.64 13.20
CA GLU D 127 22.45 -26.39 13.93
C GLU D 127 23.65 -25.52 13.67
N PHE D 128 23.40 -24.22 13.45
CA PHE D 128 24.42 -23.23 13.19
C PHE D 128 23.89 -21.89 13.52
N THR D 129 24.79 -20.95 13.80
CA THR D 129 24.41 -19.59 14.04
C THR D 129 25.00 -18.70 12.97
N LEU D 130 24.34 -17.61 12.65
CA LEU D 130 24.85 -16.71 11.62
C LEU D 130 24.30 -15.32 11.87
N PRO D 131 24.95 -14.25 11.39
CA PRO D 131 24.36 -12.92 11.59
C PRO D 131 23.02 -12.80 10.86
N GLN D 132 22.15 -11.95 11.38
CA GLN D 132 20.84 -11.68 10.80
C GLN D 132 20.97 -11.16 9.37
N ALA D 133 21.94 -10.26 9.15
CA ALA D 133 22.26 -9.62 7.87
C ALA D 133 22.61 -10.64 6.83
N THR D 134 23.26 -11.74 7.25
CA THR D 134 23.63 -12.82 6.34
C THR D 134 22.36 -13.55 5.86
N MET D 135 21.44 -13.89 6.81
CA MET D 135 20.19 -14.56 6.47
C MET D 135 19.33 -13.67 5.58
N LYS D 136 19.27 -12.33 5.92
CA LYS D 136 18.52 -11.34 5.14
C LYS D 136 19.04 -11.31 3.71
N ARG D 137 20.36 -11.24 3.55
CA ARG D 137 21.03 -11.22 2.25
C ARG D 137 20.71 -12.49 1.43
N LEU D 138 20.83 -13.66 2.06
CA LEU D 138 20.56 -14.95 1.43
C LEU D 138 19.13 -15.05 0.92
N ILE D 139 18.18 -14.56 1.71
CA ILE D 139 16.76 -14.60 1.34
C ILE D 139 16.47 -13.55 0.27
N GLU D 140 16.81 -12.30 0.54
CA GLU D 140 16.56 -11.19 -0.39
C GLU D 140 17.15 -11.44 -1.76
N ALA D 141 18.33 -12.09 -1.82
CA ALA D 141 19.03 -12.36 -3.07
C ALA D 141 18.29 -13.37 -3.93
N THR D 142 17.47 -14.26 -3.34
CA THR D 142 16.83 -15.31 -4.13
C THR D 142 15.31 -15.34 -4.12
N GLN D 143 14.69 -14.76 -3.09
CA GLN D 143 13.24 -14.80 -2.84
C GLN D 143 12.35 -14.58 -4.06
N PHE D 144 12.63 -13.54 -4.87
CA PHE D 144 11.85 -13.20 -6.06
C PHE D 144 11.77 -14.32 -7.10
N SER D 145 12.75 -15.24 -7.12
CA SER D 145 12.81 -16.35 -8.06
C SER D 145 11.98 -17.54 -7.67
N MET D 146 11.44 -17.55 -6.45
CA MET D 146 10.53 -18.63 -6.02
C MET D 146 9.29 -18.62 -6.92
N ALA D 147 8.73 -19.80 -7.18
CA ALA D 147 7.52 -19.90 -8.00
C ALA D 147 6.32 -19.38 -7.21
N HIS D 148 5.31 -18.86 -7.94
CA HIS D 148 4.09 -18.32 -7.37
C HIS D 148 2.94 -19.29 -7.65
N GLN D 149 2.49 -20.04 -6.61
CA GLN D 149 1.38 -21.00 -6.65
C GLN D 149 1.50 -22.02 -7.82
N ASP D 150 2.73 -22.48 -8.07
CA ASP D 150 3.02 -23.47 -9.10
C ASP D 150 2.52 -24.84 -8.62
N VAL D 151 2.07 -25.68 -9.58
CA VAL D 151 1.58 -27.04 -9.31
C VAL D 151 2.67 -27.91 -8.70
N ARG D 152 3.93 -27.68 -9.13
CA ARG D 152 5.11 -28.33 -8.56
C ARG D 152 5.44 -27.48 -7.31
N TYR D 153 4.77 -27.81 -6.19
CA TYR D 153 4.83 -27.20 -4.85
C TYR D 153 6.25 -26.95 -4.35
N TYR D 154 7.20 -27.87 -4.66
CA TYR D 154 8.59 -27.76 -4.23
C TYR D 154 9.28 -26.49 -4.74
N LEU D 155 8.72 -25.85 -5.79
CA LEU D 155 9.23 -24.62 -6.39
C LEU D 155 8.68 -23.37 -5.72
N ASN D 156 7.61 -23.51 -4.90
CA ASN D 156 6.98 -22.39 -4.19
C ASN D 156 7.72 -22.06 -2.92
N GLY D 157 8.78 -22.80 -2.63
CA GLY D 157 9.64 -22.57 -1.49
C GLY D 157 11.04 -22.16 -1.90
N MET D 158 11.91 -22.04 -0.87
CA MET D 158 13.32 -21.74 -1.01
C MET D 158 14.15 -22.91 -0.52
N LEU D 159 15.11 -23.37 -1.34
CA LEU D 159 16.02 -24.41 -0.90
C LEU D 159 17.08 -23.76 0.00
N PHE D 160 17.34 -24.37 1.14
CA PHE D 160 18.38 -23.99 2.09
C PHE D 160 19.35 -25.16 2.09
N GLU D 161 20.56 -24.88 1.71
CA GLU D 161 21.55 -25.91 1.58
C GLU D 161 22.80 -25.57 2.39
N THR D 162 23.27 -26.53 3.17
CA THR D 162 24.51 -26.43 3.95
C THR D 162 25.49 -27.34 3.26
N GLU D 163 26.72 -26.86 3.08
CA GLU D 163 27.81 -27.60 2.45
C GLU D 163 29.07 -26.95 2.95
N GLY D 164 29.87 -27.71 3.66
CA GLY D 164 31.12 -27.21 4.23
C GLY D 164 30.83 -26.10 5.22
N GLU D 165 31.35 -24.90 5.00
CA GLU D 165 31.12 -23.77 5.89
C GLU D 165 30.18 -22.77 5.24
N GLU D 166 29.47 -23.19 4.21
CA GLU D 166 28.56 -22.30 3.52
C GLU D 166 27.11 -22.67 3.68
N LEU D 167 26.30 -21.62 3.74
CA LEU D 167 24.86 -21.73 3.70
C LEU D 167 24.48 -21.12 2.36
N ARG D 168 23.63 -21.83 1.65
CA ARG D 168 23.17 -21.46 0.35
C ARG D 168 21.65 -21.45 0.25
N THR D 169 21.11 -20.46 -0.47
CA THR D 169 19.69 -20.42 -0.78
C THR D 169 19.56 -20.57 -2.27
N VAL D 170 18.54 -21.30 -2.71
CA VAL D 170 18.24 -21.51 -4.12
C VAL D 170 16.74 -21.34 -4.29
N ALA D 171 16.36 -20.61 -5.33
CA ALA D 171 14.95 -20.41 -5.68
C ALA D 171 14.84 -20.42 -7.20
N THR D 172 13.87 -21.19 -7.72
CA THR D 172 13.56 -21.34 -9.14
C THR D 172 12.04 -21.56 -9.38
N ASP D 173 11.54 -20.99 -10.48
CA ASP D 173 10.15 -21.15 -10.93
C ASP D 173 10.10 -21.99 -12.21
N GLY D 174 11.25 -22.54 -12.60
CA GLY D 174 11.41 -23.36 -13.80
C GLY D 174 11.89 -22.55 -14.99
N HIS D 175 11.80 -21.21 -14.92
CA HIS D 175 12.23 -20.35 -16.01
C HIS D 175 13.47 -19.57 -15.64
N ARG D 176 13.56 -19.17 -14.37
CA ARG D 176 14.70 -18.45 -13.87
C ARG D 176 15.08 -19.01 -12.53
N LEU D 177 16.36 -18.87 -12.19
CA LEU D 177 16.89 -19.36 -10.93
C LEU D 177 17.75 -18.30 -10.26
N ALA D 178 17.75 -18.31 -8.94
CA ALA D 178 18.59 -17.46 -8.12
C ALA D 178 19.29 -18.36 -7.09
N VAL D 179 20.59 -18.18 -6.95
CA VAL D 179 21.38 -18.94 -5.99
C VAL D 179 22.32 -18.01 -5.25
N CYS D 180 22.30 -18.05 -3.92
CA CYS D 180 23.15 -17.23 -3.08
C CYS D 180 23.88 -18.08 -2.07
N SER D 181 25.20 -17.93 -1.98
CA SER D 181 26.06 -18.67 -1.04
C SER D 181 26.75 -17.69 -0.14
N MET D 182 26.78 -17.99 1.15
CA MET D 182 27.41 -17.15 2.15
C MET D 182 28.19 -18.02 3.11
N PRO D 183 29.44 -17.62 3.48
CA PRO D 183 30.21 -18.41 4.45
C PRO D 183 29.61 -18.24 5.86
N ILE D 184 29.62 -19.33 6.64
CA ILE D 184 29.03 -19.41 7.98
C ILE D 184 30.05 -19.42 9.15
N GLY D 185 31.25 -19.89 8.86
CA GLY D 185 32.28 -19.99 9.88
C GLY D 185 32.12 -21.16 10.83
N GLN D 186 31.49 -22.24 10.37
CA GLN D 186 31.25 -23.49 11.08
C GLN D 186 31.16 -24.56 10.02
N SER D 187 31.88 -25.65 10.21
CA SER D 187 31.87 -26.76 9.26
C SER D 187 30.56 -27.52 9.45
N LEU D 188 29.79 -27.63 8.38
CA LEU D 188 28.46 -28.24 8.41
C LEU D 188 28.36 -29.48 7.58
N PRO D 189 27.54 -30.45 7.98
CA PRO D 189 27.29 -31.58 7.10
C PRO D 189 26.40 -31.13 5.93
N SER D 190 26.45 -31.90 4.84
CA SER D 190 25.69 -31.61 3.66
C SER D 190 24.23 -31.92 3.90
N HIS D 191 23.44 -30.85 3.96
CA HIS D 191 22.01 -30.92 4.14
C HIS D 191 21.32 -30.02 3.13
N SER D 192 20.14 -30.44 2.68
CA SER D 192 19.38 -29.71 1.69
C SER D 192 17.92 -29.79 2.06
N VAL D 193 17.29 -28.62 2.27
CA VAL D 193 15.88 -28.56 2.66
C VAL D 193 15.13 -27.48 1.93
N ILE D 194 13.80 -27.67 1.77
CA ILE D 194 12.93 -26.67 1.14
C ILE D 194 12.08 -26.03 2.21
N VAL D 195 12.20 -24.70 2.32
CA VAL D 195 11.45 -23.92 3.27
C VAL D 195 10.27 -23.35 2.48
N PRO D 196 9.00 -23.53 2.94
CA PRO D 196 7.88 -22.96 2.16
C PRO D 196 7.90 -21.45 2.10
N ARG D 197 7.29 -20.88 1.05
CA ARG D 197 7.16 -19.43 0.83
C ARG D 197 6.88 -18.64 2.10
N LYS D 198 5.82 -19.04 2.84
CA LYS D 198 5.37 -18.38 4.07
C LYS D 198 6.42 -18.47 5.19
N GLY D 199 7.16 -19.56 5.24
CA GLY D 199 8.25 -19.76 6.18
C GLY D 199 9.38 -18.80 5.85
N VAL D 200 9.66 -18.65 4.56
CA VAL D 200 10.67 -17.72 4.05
C VAL D 200 10.31 -16.29 4.44
N ILE D 201 9.04 -15.90 4.20
CA ILE D 201 8.50 -14.57 4.55
C ILE D 201 8.67 -14.33 6.05
N GLU D 202 8.32 -15.33 6.87
CA GLU D 202 8.44 -15.22 8.33
C GLU D 202 9.86 -15.09 8.79
N LEU D 203 10.79 -15.86 8.17
CA LEU D 203 12.22 -15.80 8.48
C LEU D 203 12.72 -14.37 8.25
N MET D 204 12.32 -13.74 7.12
CA MET D 204 12.67 -12.36 6.78
C MET D 204 12.15 -11.40 7.82
N ARG D 205 10.82 -11.47 8.10
CA ARG D 205 10.12 -10.61 9.07
C ARG D 205 10.72 -10.63 10.45
N MET D 206 11.23 -11.80 10.88
CA MET D 206 11.80 -11.92 12.23
C MET D 206 13.16 -11.22 12.41
N LEU D 207 13.83 -10.91 11.30
CA LEU D 207 15.13 -10.24 11.32
C LEU D 207 14.98 -8.74 11.60
N ASP D 208 15.29 -8.34 12.84
CA ASP D 208 15.19 -6.95 13.30
C ASP D 208 16.30 -6.05 12.72
N GLY D 209 17.42 -6.66 12.32
CA GLY D 209 18.59 -5.99 11.77
C GLY D 209 19.74 -5.85 12.75
N GLY D 210 19.40 -5.80 14.04
CA GLY D 210 20.32 -5.63 15.16
C GLY D 210 21.40 -6.67 15.37
N ASP D 211 22.14 -6.47 16.48
CA ASP D 211 23.30 -7.26 16.94
C ASP D 211 23.05 -8.74 17.17
N ASN D 212 21.81 -9.11 17.62
CA ASN D 212 21.39 -10.48 17.94
C ASN D 212 21.70 -11.46 16.81
N PRO D 213 22.51 -12.52 17.05
CA PRO D 213 22.73 -13.51 15.98
C PRO D 213 21.51 -14.42 15.81
N LEU D 214 21.43 -15.05 14.67
CA LEU D 214 20.35 -15.97 14.39
C LEU D 214 20.84 -17.40 14.53
N ARG D 215 20.16 -18.20 15.32
CA ARG D 215 20.48 -19.62 15.56
C ARG D 215 19.50 -20.45 14.69
N VAL D 216 20.03 -21.28 13.77
CA VAL D 216 19.20 -22.08 12.90
C VAL D 216 19.35 -23.54 13.25
N GLN D 217 18.22 -24.25 13.32
CA GLN D 217 18.22 -25.68 13.54
C GLN D 217 17.38 -26.28 12.47
N ILE D 218 17.92 -27.28 11.80
CA ILE D 218 17.24 -27.96 10.72
C ILE D 218 17.08 -29.41 11.11
N GLY D 219 15.86 -29.92 10.99
CA GLY D 219 15.53 -31.32 11.21
C GLY D 219 15.23 -31.99 9.88
N SER D 220 14.72 -33.20 9.90
CA SER D 220 14.38 -33.88 8.66
C SER D 220 13.15 -33.27 7.97
N ASN D 221 12.18 -32.77 8.77
CA ASN D 221 10.93 -32.21 8.24
C ASN D 221 10.56 -30.84 8.79
N ASN D 222 11.47 -30.23 9.55
CA ASN D 222 11.21 -28.92 10.15
C ASN D 222 12.47 -28.09 10.20
N ILE D 223 12.29 -26.79 10.33
CA ILE D 223 13.34 -25.81 10.49
C ILE D 223 12.94 -24.88 11.64
N ARG D 224 13.92 -24.48 12.46
CA ARG D 224 13.72 -23.57 13.57
C ARG D 224 14.77 -22.47 13.49
N ALA D 225 14.36 -21.25 13.78
CA ALA D 225 15.24 -20.07 13.85
C ALA D 225 15.00 -19.39 15.15
N HIS D 226 16.07 -19.08 15.91
CA HIS D 226 16.01 -18.32 17.19
C HIS D 226 16.68 -16.97 16.98
N VAL D 227 16.00 -15.88 17.33
CA VAL D 227 16.54 -14.52 17.25
C VAL D 227 16.10 -13.87 18.53
N GLY D 228 17.06 -13.49 19.37
CA GLY D 228 16.77 -12.85 20.64
C GLY D 228 15.80 -13.72 21.43
N ASP D 229 14.59 -13.23 21.68
CA ASP D 229 13.61 -14.00 22.45
C ASP D 229 12.50 -14.65 21.60
N PHE D 230 12.75 -14.81 20.31
CA PHE D 230 11.79 -15.37 19.35
C PHE D 230 12.26 -16.66 18.82
N ILE D 231 11.32 -17.55 18.60
CA ILE D 231 11.58 -18.84 18.00
C ILE D 231 10.53 -19.08 16.94
N PHE D 232 10.99 -19.14 15.72
CA PHE D 232 10.17 -19.43 14.58
C PHE D 232 10.44 -20.86 14.20
N THR D 233 9.38 -21.65 13.97
CA THR D 233 9.49 -23.05 13.57
C THR D 233 8.56 -23.25 12.37
N SER D 234 9.04 -23.95 11.35
CA SER D 234 8.26 -24.21 10.16
C SER D 234 8.47 -25.62 9.72
N LYS D 235 7.43 -26.21 9.14
CA LYS D 235 7.48 -27.52 8.51
C LYS D 235 8.26 -27.29 7.22
N LEU D 236 8.91 -28.31 6.69
CA LEU D 236 9.62 -28.18 5.43
C LEU D 236 8.75 -28.71 4.30
N VAL D 237 9.03 -28.30 3.06
CA VAL D 237 8.28 -28.79 1.90
C VAL D 237 8.82 -30.16 1.56
N ASP D 238 7.96 -31.19 1.56
CA ASP D 238 8.42 -32.54 1.25
C ASP D 238 8.35 -32.73 -0.26
N GLY D 239 9.51 -32.56 -0.88
CA GLY D 239 9.73 -32.65 -2.31
C GLY D 239 11.20 -32.62 -2.65
N ARG D 240 11.52 -32.90 -3.92
CA ARG D 240 12.90 -32.88 -4.36
C ARG D 240 13.10 -31.69 -5.25
N PHE D 241 13.93 -30.78 -4.76
CA PHE D 241 14.23 -29.54 -5.45
C PHE D 241 15.16 -29.83 -6.63
N PRO D 242 14.96 -29.18 -7.79
CA PRO D 242 15.89 -29.39 -8.92
C PRO D 242 17.35 -29.04 -8.58
N ASP D 243 18.32 -29.70 -9.24
CA ASP D 243 19.73 -29.42 -8.96
C ASP D 243 20.17 -28.15 -9.67
N TYR D 244 20.46 -27.10 -8.88
CA TYR D 244 20.91 -25.80 -9.40
C TYR D 244 22.24 -25.91 -10.16
N ARG D 245 23.11 -26.83 -9.74
CA ARG D 245 24.44 -27.03 -10.32
C ARG D 245 24.36 -27.42 -11.80
N ARG D 246 23.33 -28.20 -12.18
CA ARG D 246 23.10 -28.63 -13.56
C ARG D 246 22.56 -27.49 -14.41
N VAL D 247 21.81 -26.58 -13.77
CA VAL D 247 21.15 -25.43 -14.39
C VAL D 247 22.17 -24.35 -14.78
N LEU D 248 23.22 -24.17 -13.97
CA LEU D 248 24.25 -23.17 -14.22
C LEU D 248 24.97 -23.41 -15.55
N PRO D 249 25.12 -22.37 -16.41
CA PRO D 249 25.90 -22.56 -17.65
C PRO D 249 27.34 -23.00 -17.30
N LYS D 250 27.82 -24.13 -17.89
CA LYS D 250 29.14 -24.72 -17.60
C LYS D 250 30.34 -23.80 -17.87
N ASN D 251 30.64 -23.46 -19.15
CA ASN D 251 31.72 -22.54 -19.50
C ASN D 251 31.22 -21.48 -20.51
N PRO D 252 30.50 -20.41 -20.04
CA PRO D 252 30.00 -19.38 -20.98
C PRO D 252 31.16 -18.68 -21.69
N ASP D 253 31.11 -18.72 -23.02
CA ASP D 253 32.12 -18.13 -23.90
C ASP D 253 32.04 -16.62 -23.84
N LYS D 254 30.81 -16.08 -23.85
CA LYS D 254 30.51 -14.67 -23.91
C LYS D 254 30.23 -14.02 -22.57
N HIS D 255 30.99 -12.94 -22.26
CA HIS D 255 30.93 -12.18 -21.01
C HIS D 255 30.68 -10.70 -21.32
N LEU D 256 29.55 -10.16 -20.83
CA LEU D 256 29.16 -8.77 -21.00
C LEU D 256 29.14 -8.10 -19.63
N GLU D 257 29.69 -6.90 -19.54
CA GLU D 257 29.66 -6.11 -18.31
C GLU D 257 29.02 -4.76 -18.60
N ALA D 258 28.18 -4.26 -17.68
CA ALA D 258 27.45 -3.00 -17.84
C ALA D 258 27.11 -2.44 -16.49
N GLY D 259 26.92 -1.12 -16.44
CA GLY D 259 26.47 -0.43 -15.24
C GLY D 259 25.07 -0.92 -14.95
N CYS D 260 24.83 -1.41 -13.72
CA CYS D 260 23.54 -1.99 -13.33
C CYS D 260 22.36 -1.03 -13.58
N ASP D 261 22.48 0.24 -13.15
CA ASP D 261 21.45 1.26 -13.28
C ASP D 261 21.11 1.59 -14.73
N LEU D 262 22.13 1.81 -15.57
CA LEU D 262 21.92 2.10 -17.00
C LEU D 262 21.26 0.92 -17.68
N LEU D 263 21.70 -0.28 -17.36
CA LEU D 263 21.15 -1.51 -17.91
C LEU D 263 19.70 -1.71 -17.47
N LYS D 264 19.43 -1.49 -16.17
CA LYS D 264 18.11 -1.61 -15.56
C LYS D 264 17.14 -0.62 -16.17
N GLN D 265 17.53 0.67 -16.27
CA GLN D 265 16.70 1.73 -16.82
C GLN D 265 16.36 1.52 -18.28
N ALA D 266 17.31 1.00 -19.06
CA ALA D 266 17.11 0.71 -20.48
C ALA D 266 16.11 -0.44 -20.62
N PHE D 267 16.24 -1.48 -19.78
CA PHE D 267 15.29 -2.60 -19.81
C PHE D 267 13.93 -2.19 -19.32
N ALA D 268 13.86 -1.30 -18.30
CA ALA D 268 12.60 -0.81 -17.72
C ALA D 268 11.82 -0.02 -18.75
N ARG D 269 12.51 0.82 -19.53
CA ARG D 269 11.88 1.61 -20.59
C ARG D 269 11.41 0.74 -21.74
N ALA D 270 12.28 -0.18 -22.20
CA ALA D 270 11.93 -1.09 -23.29
C ALA D 270 10.74 -1.96 -22.90
N ALA D 271 10.67 -2.38 -21.62
CA ALA D 271 9.60 -3.20 -21.02
C ALA D 271 8.21 -2.64 -21.27
N ILE D 272 8.10 -1.31 -21.27
CA ILE D 272 6.84 -0.59 -21.49
C ILE D 272 6.17 -1.05 -22.78
N LEU D 273 6.95 -1.21 -23.84
CA LEU D 273 6.45 -1.61 -25.14
C LEU D 273 6.56 -3.08 -25.51
N SER D 274 6.77 -3.92 -24.51
CA SER D 274 6.83 -5.36 -24.69
C SER D 274 5.42 -5.92 -24.48
N ASN D 275 5.18 -7.14 -24.96
CA ASN D 275 3.92 -7.86 -24.82
C ASN D 275 3.56 -7.94 -23.33
N GLU D 276 2.34 -7.51 -22.97
CA GLU D 276 1.86 -7.49 -21.59
C GLU D 276 1.84 -8.85 -20.92
N LYS D 277 1.64 -9.92 -21.71
CA LYS D 277 1.60 -11.28 -21.19
C LYS D 277 2.96 -11.96 -21.26
N PHE D 278 3.64 -11.87 -22.41
CA PHE D 278 4.90 -12.56 -22.65
C PHE D 278 6.17 -11.82 -22.31
N ARG D 279 6.09 -10.49 -22.20
CA ARG D 279 7.15 -9.60 -21.73
C ARG D 279 8.48 -9.74 -22.47
N GLY D 280 8.39 -10.22 -23.70
CA GLY D 280 9.52 -10.46 -24.57
C GLY D 280 10.26 -9.26 -25.05
N VAL D 281 11.56 -9.27 -24.80
CA VAL D 281 12.49 -8.27 -25.29
C VAL D 281 13.60 -9.02 -26.05
N ARG D 282 14.27 -8.33 -26.96
CA ARG D 282 15.40 -8.86 -27.72
C ARG D 282 16.63 -8.07 -27.36
N LEU D 283 17.73 -8.79 -27.16
CA LEU D 283 19.05 -8.25 -26.86
C LEU D 283 19.92 -8.54 -28.05
N TYR D 284 20.59 -7.51 -28.54
CA TYR D 284 21.52 -7.64 -29.64
C TYR D 284 22.84 -7.25 -29.05
N VAL D 285 23.69 -8.25 -28.83
CA VAL D 285 25.03 -7.97 -28.30
C VAL D 285 26.01 -7.84 -29.47
N SER D 286 26.86 -6.81 -29.39
CA SER D 286 27.89 -6.54 -30.39
C SER D 286 29.06 -5.87 -29.66
N GLU D 287 30.20 -5.66 -30.34
CA GLU D 287 31.40 -5.07 -29.73
C GLU D 287 31.09 -3.80 -28.94
N ASN D 288 31.24 -3.91 -27.60
CA ASN D 288 31.01 -2.86 -26.61
C ASN D 288 29.64 -2.19 -26.68
N GLN D 289 28.64 -2.94 -27.14
CA GLN D 289 27.31 -2.40 -27.31
C GLN D 289 26.22 -3.42 -27.06
N LEU D 290 25.13 -2.95 -26.45
CA LEU D 290 23.92 -3.74 -26.26
C LEU D 290 22.76 -2.92 -26.79
N LYS D 291 21.94 -3.55 -27.62
CA LYS D 291 20.74 -2.97 -28.18
C LYS D 291 19.59 -3.81 -27.68
N ILE D 292 18.65 -3.18 -26.98
CA ILE D 292 17.47 -3.85 -26.45
C ILE D 292 16.27 -3.38 -27.25
N THR D 293 15.48 -4.31 -27.73
CA THR D 293 14.28 -3.92 -28.46
C THR D 293 13.09 -4.66 -27.90
N ALA D 294 11.91 -4.04 -28.02
CA ALA D 294 10.66 -4.66 -27.61
C ALA D 294 9.64 -4.23 -28.62
N ASN D 295 8.60 -5.05 -28.76
CA ASN D 295 7.42 -4.77 -29.53
C ASN D 295 6.27 -5.57 -28.99
N ASN D 296 5.05 -5.05 -29.17
CA ASN D 296 3.85 -5.68 -28.63
C ASN D 296 2.83 -5.98 -29.77
N PRO D 297 1.66 -6.63 -29.52
CA PRO D 297 0.71 -6.88 -30.61
C PRO D 297 0.12 -5.62 -31.27
N GLU D 298 0.08 -4.46 -30.55
CA GLU D 298 -0.38 -3.16 -31.06
C GLU D 298 0.63 -2.56 -32.02
N GLN D 299 1.75 -3.29 -32.27
CA GLN D 299 2.86 -2.94 -33.15
C GLN D 299 3.69 -1.73 -32.67
N GLU D 300 3.75 -1.54 -31.34
CA GLU D 300 4.53 -0.45 -30.76
C GLU D 300 5.93 -0.98 -30.58
N GLU D 301 6.94 -0.13 -30.74
CA GLU D 301 8.32 -0.57 -30.65
C GLU D 301 9.18 0.29 -29.77
N ALA D 302 10.06 -0.34 -29.00
CA ALA D 302 11.03 0.37 -28.15
C ALA D 302 12.42 -0.08 -28.55
N GLU D 303 13.39 0.82 -28.45
CA GLU D 303 14.77 0.50 -28.75
C GLU D 303 15.66 1.26 -27.80
N GLU D 304 16.61 0.53 -27.20
CA GLU D 304 17.60 1.11 -26.32
C GLU D 304 18.98 0.67 -26.77
N ILE D 305 19.93 1.61 -26.84
CA ILE D 305 21.31 1.31 -27.15
C ILE D 305 22.17 1.75 -25.98
N LEU D 306 23.01 0.83 -25.49
CA LEU D 306 23.92 1.09 -24.37
C LEU D 306 25.33 0.72 -24.74
N ASP D 307 26.26 1.42 -24.11
CA ASP D 307 27.67 1.08 -24.19
C ASP D 307 27.87 0.08 -23.06
N VAL D 308 28.40 -1.09 -23.40
CA VAL D 308 28.69 -2.16 -22.45
C VAL D 308 30.15 -2.57 -22.68
N THR D 309 30.67 -3.51 -21.90
CA THR D 309 32.01 -4.06 -22.11
C THR D 309 31.72 -5.45 -22.65
N TYR D 310 31.93 -5.64 -23.95
CA TYR D 310 31.69 -6.91 -24.64
C TYR D 310 32.62 -7.02 -25.83
N SER D 311 33.28 -8.18 -25.98
CA SER D 311 34.21 -8.38 -27.08
C SER D 311 33.97 -9.64 -27.92
N GLY D 312 33.10 -10.53 -27.44
CA GLY D 312 32.74 -11.76 -28.14
C GLY D 312 32.03 -11.60 -29.47
N ALA D 313 31.43 -12.70 -29.95
CA ALA D 313 30.67 -12.74 -31.21
C ALA D 313 29.31 -12.07 -31.06
N GLU D 314 28.83 -11.44 -32.14
CA GLU D 314 27.52 -10.81 -32.12
C GLU D 314 26.41 -11.85 -32.07
N MET D 315 25.43 -11.64 -31.18
CA MET D 315 24.29 -12.53 -31.03
C MET D 315 23.00 -11.82 -30.61
N GLU D 316 21.88 -12.47 -30.92
CA GLU D 316 20.51 -12.04 -30.62
C GLU D 316 19.84 -13.03 -29.65
N ILE D 317 19.47 -12.54 -28.45
CA ILE D 317 18.82 -13.36 -27.44
C ILE D 317 17.56 -12.69 -26.93
N GLY D 318 16.51 -13.47 -26.82
CA GLY D 318 15.22 -13.03 -26.33
C GLY D 318 15.05 -13.37 -24.87
N PHE D 319 14.45 -12.46 -24.11
CA PHE D 319 14.21 -12.68 -22.70
C PHE D 319 12.94 -12.07 -22.25
N ASN D 320 12.36 -12.68 -21.20
CA ASN D 320 11.22 -12.12 -20.50
C ASN D 320 11.87 -10.98 -19.70
N VAL D 321 11.57 -9.74 -20.07
CA VAL D 321 12.14 -8.55 -19.45
C VAL D 321 11.90 -8.48 -17.94
N SER D 322 10.74 -9.01 -17.46
CA SER D 322 10.42 -9.01 -16.02
C SER D 322 11.46 -9.81 -15.25
N TYR D 323 11.87 -10.96 -15.79
CA TYR D 323 12.89 -11.85 -15.20
C TYR D 323 14.24 -11.17 -15.10
N VAL D 324 14.60 -10.37 -16.13
CA VAL D 324 15.86 -9.63 -16.20
C VAL D 324 15.82 -8.48 -15.19
N LEU D 325 14.71 -7.74 -15.16
CA LEU D 325 14.53 -6.62 -14.24
C LEU D 325 14.55 -7.11 -12.79
N ASP D 326 13.97 -8.27 -12.52
CA ASP D 326 13.95 -8.85 -11.18
C ASP D 326 15.35 -9.09 -10.69
N VAL D 327 16.23 -9.62 -11.57
CA VAL D 327 17.63 -9.87 -11.26
C VAL D 327 18.35 -8.56 -11.01
N LEU D 328 18.20 -7.58 -11.94
CA LEU D 328 18.86 -6.28 -11.83
C LEU D 328 18.45 -5.50 -10.59
N ASN D 329 17.18 -5.68 -10.15
CA ASN D 329 16.66 -5.04 -8.94
C ASN D 329 17.16 -5.76 -7.70
N ALA D 330 17.34 -7.09 -7.77
CA ALA D 330 17.88 -7.86 -6.65
C ALA D 330 19.38 -7.60 -6.44
N LEU D 331 20.12 -7.25 -7.54
CA LEU D 331 21.56 -7.03 -7.49
C LEU D 331 22.08 -5.89 -6.66
N LYS D 332 21.48 -4.69 -6.74
CA LYS D 332 21.91 -3.56 -5.89
C LYS D 332 23.47 -3.39 -5.84
N CYS D 333 24.11 -3.39 -7.01
CA CYS D 333 25.56 -3.21 -7.16
C CYS D 333 25.83 -2.21 -8.26
N GLU D 334 27.09 -1.85 -8.47
CA GLU D 334 27.48 -0.90 -9.48
C GLU D 334 27.44 -1.50 -10.88
N ASN D 335 28.09 -2.65 -11.05
CA ASN D 335 28.18 -3.30 -12.35
C ASN D 335 27.74 -4.72 -12.31
N VAL D 336 27.21 -5.17 -13.43
CA VAL D 336 26.74 -6.55 -13.56
C VAL D 336 27.47 -7.27 -14.67
N ARG D 337 27.59 -8.59 -14.55
CA ARG D 337 28.18 -9.45 -15.56
C ARG D 337 27.10 -10.37 -16.04
N MET D 338 26.94 -10.46 -17.37
CA MET D 338 26.03 -11.39 -18.04
C MET D 338 26.89 -12.39 -18.77
N MET D 339 26.68 -13.67 -18.48
CA MET D 339 27.45 -14.75 -19.07
C MET D 339 26.55 -15.55 -19.97
N LEU D 340 26.82 -15.47 -21.29
CA LEU D 340 26.02 -16.08 -22.34
C LEU D 340 26.73 -17.21 -23.06
N THR D 341 25.94 -18.11 -23.65
CA THR D 341 26.39 -19.26 -24.42
C THR D 341 25.91 -18.98 -25.85
N ASP D 342 24.62 -19.22 -26.10
CA ASP D 342 23.95 -18.98 -27.37
C ASP D 342 22.52 -18.50 -27.12
N SER D 343 21.77 -18.25 -28.21
CA SER D 343 20.40 -17.75 -28.21
C SER D 343 19.36 -18.68 -27.59
N VAL D 344 19.67 -19.98 -27.46
CA VAL D 344 18.71 -20.97 -26.93
C VAL D 344 19.10 -21.53 -25.56
N SER D 345 20.19 -20.98 -24.99
CA SER D 345 20.74 -21.38 -23.70
C SER D 345 20.62 -20.24 -22.71
N SER D 346 20.54 -20.59 -21.41
CA SER D 346 20.39 -19.68 -20.30
C SER D 346 21.54 -18.68 -20.14
N VAL D 347 21.23 -17.50 -19.61
CA VAL D 347 22.23 -16.48 -19.28
C VAL D 347 22.46 -16.55 -17.78
N GLN D 348 23.70 -16.30 -17.35
CA GLN D 348 24.02 -16.19 -15.95
C GLN D 348 24.33 -14.73 -15.69
N ILE D 349 23.62 -14.12 -14.75
CA ILE D 349 23.83 -12.72 -14.39
C ILE D 349 24.37 -12.68 -12.97
N GLU D 350 25.34 -11.77 -12.72
CA GLU D 350 26.02 -11.64 -11.44
C GLU D 350 26.41 -10.22 -11.11
N ASP D 351 26.94 -10.02 -9.92
CA ASP D 351 27.56 -8.74 -9.60
C ASP D 351 28.89 -8.88 -10.33
N ALA D 352 29.36 -7.83 -11.02
CA ALA D 352 30.68 -7.95 -11.68
C ALA D 352 31.80 -8.11 -10.62
N ALA D 353 31.57 -7.54 -9.42
CA ALA D 353 32.46 -7.55 -8.25
C ALA D 353 32.20 -8.69 -7.24
N SER D 354 31.20 -9.56 -7.46
CA SER D 354 30.90 -10.65 -6.51
C SER D 354 30.28 -11.87 -7.14
N GLN D 355 30.79 -13.05 -6.78
CA GLN D 355 30.26 -14.32 -7.29
C GLN D 355 29.32 -15.00 -6.27
N SER D 356 29.09 -14.38 -5.10
CA SER D 356 28.26 -14.92 -4.02
C SER D 356 26.82 -15.24 -4.46
N ALA D 357 26.26 -14.41 -5.37
CA ALA D 357 24.94 -14.62 -5.96
C ALA D 357 25.02 -14.80 -7.46
N ALA D 358 24.33 -15.81 -7.95
CA ALA D 358 24.25 -16.10 -9.37
C ALA D 358 22.77 -16.22 -9.79
N TYR D 359 22.44 -15.62 -10.95
CA TYR D 359 21.07 -15.59 -11.49
C TYR D 359 21.07 -16.19 -12.86
N VAL D 360 20.26 -17.22 -13.04
CA VAL D 360 20.20 -17.92 -14.31
C VAL D 360 18.80 -17.71 -14.90
N VAL D 361 18.75 -17.12 -16.10
CA VAL D 361 17.49 -16.86 -16.78
C VAL D 361 17.50 -17.61 -18.09
N MET D 362 16.48 -18.42 -18.31
CA MET D 362 16.29 -19.15 -19.54
C MET D 362 15.71 -18.17 -20.57
N PRO D 363 16.26 -18.14 -21.81
CA PRO D 363 15.73 -17.20 -22.80
C PRO D 363 14.38 -17.60 -23.40
N MET D 364 13.90 -16.74 -24.30
CA MET D 364 12.64 -16.83 -25.02
C MET D 364 12.92 -16.89 -26.53
N ARG D 365 12.30 -17.86 -27.23
CA ARG D 365 12.44 -18.05 -28.69
C ARG D 365 11.70 -16.96 -29.47
N MET E 1 9.28 -73.24 85.37
CA MET E 1 10.39 -72.68 84.60
C MET E 1 10.42 -71.16 84.68
N LYS E 2 11.58 -70.63 85.08
CA LYS E 2 11.76 -69.19 85.25
C LYS E 2 13.24 -68.85 85.08
N PHE E 3 13.55 -67.74 84.42
CA PHE E 3 14.91 -67.24 84.21
C PHE E 3 14.91 -65.76 83.90
N THR E 4 15.99 -65.08 84.24
CA THR E 4 16.21 -63.67 83.92
C THR E 4 17.58 -63.59 83.28
N VAL E 5 17.63 -63.14 82.03
CA VAL E 5 18.85 -63.05 81.26
C VAL E 5 18.87 -61.71 80.53
N GLU E 6 20.08 -61.14 80.36
CA GLU E 6 20.32 -59.93 79.61
C GLU E 6 20.03 -60.25 78.15
N ARG E 7 19.31 -59.36 77.44
CA ARG E 7 18.93 -59.48 76.03
C ARG E 7 20.12 -59.92 75.13
N GLU E 8 21.29 -59.36 75.45
CA GLU E 8 22.56 -59.54 74.77
C GLU E 8 23.08 -60.99 74.81
N HIS E 9 22.74 -61.71 75.89
CA HIS E 9 23.13 -63.11 76.08
C HIS E 9 22.17 -64.06 75.41
N LEU E 10 20.98 -63.57 75.07
CA LEU E 10 19.91 -64.38 74.49
C LEU E 10 19.78 -64.26 72.99
N LEU E 11 20.18 -63.12 72.44
CA LEU E 11 20.03 -62.81 71.02
C LEU E 11 20.68 -63.74 70.02
N LYS E 12 22.04 -63.89 70.11
CA LYS E 12 22.78 -64.78 69.21
C LYS E 12 22.24 -66.23 69.37
N PRO E 13 22.10 -66.77 70.61
CA PRO E 13 21.54 -68.13 70.74
C PRO E 13 20.18 -68.32 70.09
N LEU E 14 19.26 -67.32 70.22
CA LEU E 14 17.93 -67.38 69.60
C LEU E 14 18.04 -67.36 68.10
N GLN E 15 18.93 -66.53 67.56
CA GLN E 15 19.16 -66.42 66.13
C GLN E 15 19.64 -67.76 65.61
N GLN E 16 20.65 -68.32 66.28
CA GLN E 16 21.25 -69.57 65.89
C GLN E 16 20.29 -70.75 65.90
N VAL E 17 19.51 -70.91 66.97
CA VAL E 17 18.57 -72.02 67.07
C VAL E 17 17.34 -71.92 66.15
N SER E 18 16.97 -70.70 65.70
CA SER E 18 15.87 -70.47 64.75
C SER E 18 16.25 -70.83 63.30
N GLY E 19 17.54 -71.09 63.10
CA GLY E 19 18.14 -71.50 61.83
C GLY E 19 17.45 -72.67 61.15
N PRO E 20 17.46 -73.92 61.73
CA PRO E 20 16.80 -75.07 61.04
C PRO E 20 15.32 -74.90 60.64
N LEU E 21 14.64 -73.90 61.24
CA LEU E 21 13.22 -73.59 61.10
C LEU E 21 12.86 -72.84 59.82
N GLY E 23 9.72 -71.30 57.01
CA GLY E 23 8.55 -70.44 57.04
C GLY E 23 7.31 -71.12 57.57
N ARG E 24 6.86 -72.18 56.89
CA ARG E 24 5.67 -72.98 57.26
C ARG E 24 6.10 -74.42 57.67
N PRO E 25 6.09 -74.73 58.98
CA PRO E 25 6.54 -76.06 59.43
C PRO E 25 5.52 -77.17 59.18
N THR E 26 6.02 -78.43 59.11
CA THR E 26 5.22 -79.64 58.92
C THR E 26 4.28 -79.82 60.13
N LEU E 27 4.85 -79.88 61.34
CA LEU E 27 4.14 -79.97 62.60
C LEU E 27 4.20 -78.59 63.26
N PRO E 28 3.17 -78.15 64.02
CA PRO E 28 3.26 -76.84 64.68
C PRO E 28 4.42 -76.74 65.67
N ILE E 29 4.74 -77.83 66.38
CA ILE E 29 5.86 -77.86 67.35
C ILE E 29 7.22 -77.58 66.71
N LEU E 30 7.34 -77.81 65.39
CA LEU E 30 8.55 -77.53 64.62
C LEU E 30 8.83 -76.04 64.45
N GLY E 31 7.79 -75.23 64.66
CA GLY E 31 7.88 -73.77 64.62
C GLY E 31 8.23 -73.23 65.98
N ASN E 32 8.37 -74.14 66.95
CA ASN E 32 8.69 -73.79 68.31
C ASN E 32 10.10 -74.14 68.70
N LEU E 33 10.61 -73.44 69.72
CA LEU E 33 11.93 -73.72 70.30
C LEU E 33 11.69 -74.34 71.64
N LEU E 34 12.45 -75.38 71.95
CA LEU E 34 12.41 -76.03 73.25
C LEU E 34 13.32 -75.24 74.18
N LEU E 35 12.76 -74.76 75.28
CA LEU E 35 13.50 -74.01 76.29
C LEU E 35 13.60 -74.90 77.52
N GLN E 36 14.80 -75.07 78.07
CA GLN E 36 15.02 -75.92 79.26
C GLN E 36 15.94 -75.24 80.23
N VAL E 37 15.47 -75.00 81.45
CA VAL E 37 16.28 -74.45 82.52
C VAL E 37 16.69 -75.63 83.41
N ALA E 38 18.02 -75.77 83.63
CA ALA E 38 18.68 -76.82 84.40
C ALA E 38 20.01 -76.32 85.00
N ASP E 39 20.21 -76.48 86.34
CA ASP E 39 21.43 -76.09 87.10
C ASP E 39 22.34 -74.91 86.80
N GLY E 40 21.67 -73.82 86.51
CA GLY E 40 22.27 -72.59 86.02
C GLY E 40 22.50 -72.48 84.53
N THR E 41 21.74 -73.28 83.72
CA THR E 41 21.84 -73.31 82.25
C THR E 41 20.50 -73.30 81.55
N LEU E 42 20.37 -72.37 80.58
CA LEU E 42 19.20 -72.34 79.73
C LEU E 42 19.61 -72.97 78.40
N SER E 43 18.91 -74.04 78.01
CA SER E 43 19.17 -74.68 76.72
C SER E 43 18.03 -74.29 75.80
N LEU E 44 18.38 -73.97 74.55
CA LEU E 44 17.43 -73.59 73.52
C LEU E 44 17.64 -74.54 72.38
N THR E 45 16.58 -75.21 71.92
CA THR E 45 16.67 -76.20 70.82
C THR E 45 15.65 -75.94 69.72
N GLY E 46 16.14 -75.94 68.49
CA GLY E 46 15.34 -75.82 67.28
C GLY E 46 15.57 -77.03 66.42
N THR E 47 14.50 -77.55 65.80
CA THR E 47 14.56 -78.75 64.95
C THR E 47 13.62 -78.71 63.74
N ASP E 48 13.90 -79.52 62.71
CA ASP E 48 13.05 -79.69 61.54
C ASP E 48 12.85 -81.20 61.30
N LEU E 49 13.24 -82.00 62.33
CA LEU E 49 13.24 -83.47 62.40
C LEU E 49 14.48 -84.10 61.78
N GLU E 50 15.05 -83.47 60.74
CA GLU E 50 16.25 -83.95 60.04
C GLU E 50 17.52 -83.45 60.75
N MET E 51 17.44 -82.24 61.31
CA MET E 51 18.54 -81.60 62.00
C MET E 51 18.09 -80.79 63.22
N GLU E 52 19.04 -80.55 64.15
CA GLU E 52 18.75 -79.76 65.34
C GLU E 52 19.87 -78.83 65.67
N MET E 53 19.52 -77.70 66.25
CA MET E 53 20.48 -76.69 66.70
C MET E 53 20.18 -76.47 68.17
N VAL E 54 21.21 -76.65 69.01
CA VAL E 54 21.10 -76.46 70.46
C VAL E 54 22.07 -75.38 70.91
N ALA E 55 21.58 -74.43 71.72
CA ALA E 55 22.40 -73.37 72.30
C ALA E 55 22.29 -73.45 73.80
N ARG E 56 23.39 -73.16 74.50
CA ARG E 56 23.45 -73.18 75.95
C ARG E 56 23.81 -71.80 76.46
N VAL E 57 22.97 -71.25 77.34
CA VAL E 57 23.14 -69.91 77.91
C VAL E 57 23.30 -70.05 79.41
N ALA E 58 24.39 -69.52 79.97
CA ALA E 58 24.66 -69.54 81.41
C ALA E 58 23.73 -68.55 82.12
N LEU E 59 23.08 -69.01 83.19
CA LEU E 59 22.17 -68.19 83.98
C LEU E 59 22.87 -67.77 85.26
N VAL E 60 23.27 -66.51 85.31
CA VAL E 60 24.02 -65.90 86.43
C VAL E 60 23.07 -65.17 87.41
N GLN E 61 21.77 -65.18 87.09
CA GLN E 61 20.71 -64.53 87.86
C GLN E 61 19.75 -65.61 88.35
N PRO E 62 18.91 -65.34 89.39
CA PRO E 62 17.96 -66.38 89.88
C PRO E 62 17.12 -67.05 88.80
N HIS E 63 16.88 -68.36 88.96
CA HIS E 63 16.14 -69.17 88.00
C HIS E 63 15.48 -70.38 88.62
N GLU E 64 14.44 -70.88 87.96
CA GLU E 64 13.70 -72.05 88.39
C GLU E 64 13.73 -73.06 87.24
N PRO E 65 14.09 -74.33 87.51
CA PRO E 65 14.14 -75.33 86.44
C PRO E 65 12.80 -75.65 85.80
N GLY E 66 12.88 -76.21 84.60
CA GLY E 66 11.68 -76.56 83.86
C GLY E 66 11.93 -76.50 82.38
N ALA E 67 10.93 -76.89 81.61
CA ALA E 67 11.00 -76.91 80.17
C ALA E 67 9.66 -76.64 79.52
N THR E 68 9.73 -75.98 78.36
CA THR E 68 8.56 -75.66 77.55
C THR E 68 9.01 -75.43 76.13
N THR E 69 8.04 -75.23 75.23
CA THR E 69 8.31 -74.92 73.83
C THR E 69 7.51 -73.66 73.51
N VAL E 70 8.16 -72.65 72.87
CA VAL E 70 7.54 -71.37 72.49
C VAL E 70 7.73 -71.07 71.01
N PRO E 71 6.80 -70.34 70.33
CA PRO E 71 7.02 -70.00 68.92
C PRO E 71 8.33 -69.25 68.80
N ALA E 72 9.22 -69.81 67.99
CA ALA E 72 10.58 -69.34 67.79
C ALA E 72 10.68 -67.91 67.29
N ARG E 73 10.06 -67.63 66.14
CA ARG E 73 10.11 -66.33 65.49
C ARG E 73 9.55 -65.23 66.39
N LYS E 74 8.37 -65.46 67.00
CA LYS E 74 7.74 -64.50 67.92
C LYS E 74 8.63 -64.23 69.11
N PHE E 75 9.21 -65.28 69.72
CA PHE E 75 10.08 -65.08 70.88
C PHE E 75 11.36 -64.33 70.52
N PHE E 76 11.99 -64.69 69.39
CA PHE E 76 13.17 -64.01 68.90
C PHE E 76 12.85 -62.54 68.62
N ASP E 77 11.77 -62.26 67.89
CA ASP E 77 11.33 -60.92 67.54
C ASP E 77 11.08 -60.05 68.75
N ILE E 78 10.50 -60.64 69.81
CA ILE E 78 10.23 -59.93 71.06
C ILE E 78 11.55 -59.50 71.68
N CYS E 79 12.45 -60.46 71.88
CA CYS E 79 13.77 -60.20 72.47
C CYS E 79 14.58 -59.18 71.65
N ARG E 80 14.61 -59.36 70.32
CA ARG E 80 15.30 -58.47 69.36
C ARG E 80 14.70 -57.06 69.39
N GLY E 81 13.37 -56.98 69.49
CA GLY E 81 12.60 -55.73 69.56
C GLY E 81 12.78 -54.94 70.83
N LEU E 82 13.23 -55.60 71.89
CA LEU E 82 13.50 -54.95 73.19
C LEU E 82 14.73 -54.07 73.11
N PRO E 83 14.81 -52.98 73.91
CA PRO E 83 15.98 -52.09 73.80
C PRO E 83 17.28 -52.72 74.25
N GLU E 84 18.40 -52.18 73.78
CA GLU E 84 19.75 -52.58 74.13
C GLU E 84 19.90 -52.55 75.66
N GLY E 85 20.51 -53.61 76.20
CA GLY E 85 20.74 -53.71 77.63
C GLY E 85 19.55 -54.18 78.44
N ALA E 86 18.41 -54.48 77.77
CA ALA E 86 17.20 -54.95 78.45
C ALA E 86 17.43 -56.29 79.18
N GLU E 87 16.84 -56.41 80.37
CA GLU E 87 16.85 -57.61 81.20
C GLU E 87 15.54 -58.31 80.87
N ILE E 88 15.63 -59.55 80.40
CA ILE E 88 14.46 -60.31 80.00
C ILE E 88 14.09 -61.36 81.06
N ALA E 89 12.94 -61.13 81.71
CA ALA E 89 12.40 -62.00 82.74
C ALA E 89 11.37 -62.92 82.11
N VAL E 90 11.65 -64.22 82.12
CA VAL E 90 10.78 -65.23 81.52
C VAL E 90 10.25 -66.17 82.61
N GLN E 91 8.94 -66.47 82.56
CA GLN E 91 8.27 -67.29 83.57
C GLN E 91 7.21 -68.15 82.90
N LEU E 92 7.13 -69.42 83.26
CA LEU E 92 6.07 -70.25 82.71
C LEU E 92 4.77 -69.91 83.45
N GLU E 93 3.64 -70.27 82.86
CA GLU E 93 2.30 -70.07 83.43
C GLU E 93 1.33 -71.04 82.79
N GLY E 94 1.67 -72.33 82.94
CA GLY E 94 0.90 -73.45 82.43
C GLY E 94 0.99 -73.57 80.92
N GLU E 95 -0.12 -73.23 80.21
CA GLU E 95 -0.19 -73.27 78.75
C GLU E 95 0.32 -71.98 78.04
N ARG E 96 0.91 -71.04 78.79
CA ARG E 96 1.43 -69.77 78.26
C ARG E 96 2.77 -69.38 78.90
N MET E 97 3.69 -68.71 78.13
CA MET E 97 4.98 -68.24 78.63
C MET E 97 4.99 -66.72 78.71
N LEU E 98 5.35 -66.18 79.87
CA LEU E 98 5.37 -64.76 80.13
C LEU E 98 6.75 -64.18 79.97
N VAL E 99 6.84 -63.12 79.17
CA VAL E 99 8.09 -62.43 78.88
C VAL E 99 7.92 -61.00 79.33
N ARG E 100 8.74 -60.59 80.27
CA ARG E 100 8.67 -59.22 80.80
C ARG E 100 10.02 -58.58 80.77
N SER E 101 10.05 -57.30 80.44
CA SER E 101 11.25 -56.46 80.41
C SER E 101 10.74 -55.03 80.48
N GLY E 102 11.18 -54.29 81.51
CA GLY E 102 10.72 -52.94 81.75
C GLY E 102 9.21 -52.92 81.88
N ARG E 103 8.52 -52.10 81.08
CA ARG E 103 7.06 -52.08 81.10
C ARG E 103 6.49 -52.74 79.86
N SER E 104 7.24 -53.69 79.28
CA SER E 104 6.83 -54.51 78.13
C SER E 104 6.52 -55.91 78.67
N ARG E 105 5.33 -56.44 78.33
CA ARG E 105 4.79 -57.73 78.76
C ARG E 105 4.29 -58.52 77.56
N PHE E 106 4.65 -59.81 77.49
CA PHE E 106 4.23 -60.69 76.41
C PHE E 106 3.82 -62.04 76.94
N SER E 107 2.75 -62.59 76.40
CA SER E 107 2.25 -63.91 76.77
C SER E 107 2.24 -64.72 75.49
N LEU E 108 3.07 -65.74 75.45
CA LEU E 108 3.22 -66.61 74.28
C LEU E 108 2.60 -67.98 74.52
N SER E 109 1.99 -68.54 73.49
CA SER E 109 1.41 -69.87 73.59
C SER E 109 2.56 -70.89 73.70
N THR E 110 2.33 -71.98 74.42
CA THR E 110 3.33 -73.02 74.57
C THR E 110 2.79 -74.33 74.02
N LEU E 111 3.69 -75.24 73.76
CA LEU E 111 3.41 -76.63 73.40
C LEU E 111 4.27 -77.44 74.36
N PRO E 112 3.76 -78.56 74.92
CA PRO E 112 4.54 -79.30 75.94
C PRO E 112 5.92 -79.74 75.48
N ALA E 113 6.93 -79.57 76.37
CA ALA E 113 8.32 -79.98 76.14
C ALA E 113 8.39 -81.48 75.78
N ALA E 114 7.52 -82.32 76.40
CA ALA E 114 7.44 -83.77 76.16
C ALA E 114 7.08 -84.11 74.69
N ASP E 115 6.40 -83.19 73.99
CA ASP E 115 6.00 -83.36 72.59
C ASP E 115 7.12 -82.94 71.65
N PHE E 116 8.17 -82.27 72.17
CA PHE E 116 9.28 -81.81 71.33
C PHE E 116 10.06 -82.98 70.76
N PRO E 117 10.30 -83.00 69.43
CA PRO E 117 11.02 -84.12 68.83
C PRO E 117 12.45 -84.27 69.36
N ASN E 118 12.74 -85.47 69.89
CA ASN E 118 14.06 -85.85 70.37
C ASN E 118 14.76 -86.60 69.23
N LEU E 119 15.88 -86.05 68.73
CA LEU E 119 16.65 -86.70 67.66
C LEU E 119 17.33 -87.92 68.25
N ASP E 120 17.25 -89.05 67.52
CA ASP E 120 17.78 -90.37 67.91
C ASP E 120 19.21 -90.30 68.40
N ASP E 121 19.52 -91.02 69.50
CA ASP E 121 20.89 -91.08 70.04
C ASP E 121 21.73 -91.91 69.08
N TRP E 122 23.01 -91.57 69.01
CA TRP E 122 23.96 -92.26 68.13
C TRP E 122 25.34 -92.14 68.67
N GLN E 123 26.21 -93.04 68.23
CA GLN E 123 27.59 -93.11 68.63
C GLN E 123 28.50 -92.51 67.58
N SER E 124 29.36 -91.57 68.01
CA SER E 124 30.36 -90.92 67.15
C SER E 124 31.41 -91.97 66.73
N GLU E 125 31.70 -92.07 65.43
CA GLU E 125 32.68 -93.02 64.90
C GLU E 125 34.01 -92.36 64.60
N VAL E 126 33.96 -91.09 64.19
CA VAL E 126 35.12 -90.26 63.83
C VAL E 126 34.84 -88.92 64.45
N GLU E 127 35.82 -88.38 65.16
CA GLU E 127 35.74 -87.08 65.79
C GLU E 127 37.08 -86.38 65.59
N PHE E 128 37.05 -85.10 65.23
CA PHE E 128 38.23 -84.28 64.99
C PHE E 128 37.82 -82.86 65.18
N THR E 129 38.80 -82.01 65.44
CA THR E 129 38.54 -80.58 65.58
C THR E 129 39.29 -79.83 64.50
N LEU E 130 38.75 -78.70 64.07
CA LEU E 130 39.39 -77.95 63.00
C LEU E 130 38.98 -76.50 63.12
N PRO E 131 39.75 -75.54 62.56
CA PRO E 131 39.31 -74.14 62.62
C PRO E 131 38.01 -73.96 61.84
N GLN E 132 37.22 -72.97 62.25
CA GLN E 132 35.97 -72.61 61.63
C GLN E 132 36.20 -72.22 60.18
N ALA E 133 37.28 -71.43 59.94
CA ALA E 133 37.69 -70.91 58.64
C ALA E 133 37.95 -72.03 57.66
N THR E 134 38.43 -73.18 58.16
CA THR E 134 38.69 -74.35 57.35
C THR E 134 37.37 -74.94 56.85
N MET E 135 36.40 -75.10 57.77
CA MET E 135 35.09 -75.63 57.44
C MET E 135 34.36 -74.68 56.48
N LYS E 136 34.43 -73.35 56.75
CA LYS E 136 33.81 -72.31 55.92
C LYS E 136 34.38 -72.40 54.49
N ARG E 137 35.71 -72.48 54.37
CA ARG E 137 36.40 -72.59 53.09
C ARG E 137 35.94 -73.84 52.30
N LEU E 138 35.93 -74.99 52.96
CA LEU E 138 35.50 -76.27 52.39
C LEU E 138 34.09 -76.21 51.86
N ILE E 139 33.17 -75.59 52.61
CA ILE E 139 31.77 -75.51 52.20
C ILE E 139 31.60 -74.49 51.07
N GLU E 140 32.09 -73.26 51.28
CA GLU E 140 31.99 -72.19 50.30
C GLU E 140 32.56 -72.57 48.94
N ALA E 141 33.65 -73.38 48.95
CA ALA E 141 34.32 -73.80 47.73
C ALA E 141 33.52 -74.78 46.89
N THR E 142 32.55 -75.46 47.46
CA THR E 142 31.84 -76.50 46.71
C THR E 142 30.33 -76.46 46.78
N GLN E 143 29.77 -75.71 47.69
CA GLN E 143 28.34 -75.64 47.91
C GLN E 143 27.46 -75.42 46.63
N PHE E 144 27.85 -74.48 45.76
CA PHE E 144 27.10 -74.14 44.53
C PHE E 144 26.92 -75.33 43.55
N SER E 145 27.84 -76.32 43.61
CA SER E 145 27.84 -77.50 42.74
C SER E 145 26.89 -78.57 43.18
N MET E 146 26.31 -78.44 44.39
CA MET E 146 25.33 -79.41 44.90
C MET E 146 24.14 -79.41 43.97
N ALA E 147 23.52 -80.56 43.77
CA ALA E 147 22.35 -80.66 42.91
C ALA E 147 21.16 -80.03 43.60
N HIS E 148 20.23 -79.48 42.83
CA HIS E 148 19.01 -78.88 43.35
C HIS E 148 17.85 -79.79 43.00
N GLN E 149 17.28 -80.48 44.03
CA GLN E 149 16.11 -81.35 43.92
C GLN E 149 16.26 -82.43 42.84
N ASP E 150 17.46 -82.97 42.71
CA ASP E 150 17.77 -84.03 41.76
C ASP E 150 17.18 -85.34 42.28
N VAL E 151 16.72 -86.21 41.35
CA VAL E 151 16.16 -87.53 41.66
C VAL E 151 17.23 -88.41 42.35
N ARG E 152 18.52 -88.25 41.94
CA ARG E 152 19.68 -88.87 42.57
C ARG E 152 19.90 -88.02 43.83
N TYR E 153 19.09 -88.31 44.86
CA TYR E 153 18.99 -87.60 46.15
C TYR E 153 20.35 -87.37 46.82
N TYR E 154 21.28 -88.32 46.69
CA TYR E 154 22.64 -88.27 47.25
C TYR E 154 23.48 -87.10 46.68
N LEU E 155 23.06 -86.51 45.54
CA LEU E 155 23.71 -85.38 44.89
C LEU E 155 23.22 -84.04 45.46
N ASN E 156 22.07 -84.06 46.18
CA ASN E 156 21.48 -82.86 46.81
C ASN E 156 22.17 -82.47 48.11
N GLY E 157 23.20 -83.18 48.46
CA GLY E 157 24.02 -82.92 49.63
C GLY E 157 25.46 -82.73 49.24
N MET E 158 26.30 -82.69 50.27
CA MET E 158 27.72 -82.51 50.06
C MET E 158 28.44 -83.65 50.75
N LEU E 159 29.38 -84.25 50.02
CA LEU E 159 30.19 -85.30 50.59
C LEU E 159 31.28 -84.68 51.46
N PHE E 160 31.45 -85.24 52.67
CA PHE E 160 32.51 -84.89 53.60
C PHE E 160 33.37 -86.14 53.71
N GLU E 161 34.60 -86.01 53.33
CA GLU E 161 35.51 -87.13 53.30
C GLU E 161 36.78 -86.86 54.09
N THR E 162 37.17 -87.83 54.91
CA THR E 162 38.44 -87.77 55.66
C THR E 162 39.34 -88.79 55.01
N GLU E 163 40.60 -88.43 54.80
CA GLU E 163 41.63 -89.30 54.19
C GLU E 163 42.95 -88.74 54.61
N GLY E 164 43.75 -89.53 55.32
CA GLY E 164 45.06 -89.09 55.82
C GLY E 164 44.88 -87.94 56.78
N GLU E 165 45.49 -86.79 56.50
CA GLU E 165 45.38 -85.60 57.34
C GLU E 165 44.46 -84.58 56.71
N GLU E 166 43.68 -85.02 55.71
CA GLU E 166 42.81 -84.08 55.02
C GLU E 166 41.35 -84.29 55.23
N LEU E 167 40.62 -83.18 55.27
CA LEU E 167 39.15 -83.18 55.21
C LEU E 167 38.83 -82.63 53.81
N ARG E 168 37.93 -83.29 53.13
CA ARG E 168 37.52 -82.99 51.78
C ARG E 168 36.02 -82.84 51.63
N THR E 169 35.58 -81.86 50.82
CA THR E 169 34.17 -81.71 50.49
C THR E 169 34.07 -81.92 49.00
N VAL E 170 33.00 -82.60 48.60
CA VAL E 170 32.70 -82.87 47.21
C VAL E 170 31.25 -82.56 47.00
N ALA E 171 30.94 -81.85 45.91
CA ALA E 171 29.56 -81.57 45.52
C ALA E 171 29.46 -81.67 43.98
N THR E 172 28.39 -82.29 43.50
CA THR E 172 28.15 -82.49 42.07
C THR E 172 26.69 -82.61 41.76
N ASP E 173 26.28 -82.19 40.56
CA ASP E 173 24.89 -82.28 40.10
C ASP E 173 24.85 -83.19 38.86
N GLY E 174 25.99 -83.80 38.54
CA GLY E 174 26.10 -84.67 37.37
C GLY E 174 26.65 -83.99 36.15
N HIS E 175 26.64 -82.65 36.14
CA HIS E 175 27.16 -81.87 35.01
C HIS E 175 28.44 -81.18 35.38
N ARG E 176 28.50 -80.71 36.63
CA ARG E 176 29.69 -80.05 37.12
C ARG E 176 29.97 -80.57 38.53
N LEU E 177 31.22 -80.54 38.92
CA LEU E 177 31.65 -81.04 40.20
C LEU E 177 32.59 -80.06 40.84
N ALA E 178 32.57 -80.00 42.17
CA ALA E 178 33.49 -79.18 42.94
C ALA E 178 34.07 -80.07 44.04
N VAL E 179 35.38 -80.01 44.22
CA VAL E 179 36.07 -80.77 45.24
C VAL E 179 37.08 -79.89 45.93
N CYS E 180 37.02 -79.83 47.26
CA CYS E 180 37.94 -79.04 48.06
C CYS E 180 38.59 -79.89 49.14
N SER E 181 39.92 -79.88 49.23
CA SER E 181 40.68 -80.62 50.23
C SER E 181 41.45 -79.64 51.08
N MET E 182 41.43 -79.85 52.40
CA MET E 182 42.14 -79.00 53.35
C MET E 182 42.87 -79.86 54.35
N PRO E 183 44.17 -79.59 54.63
CA PRO E 183 44.86 -80.36 55.65
C PRO E 183 44.32 -80.00 57.05
N ILE E 184 44.18 -81.01 57.91
CA ILE E 184 43.59 -80.93 59.27
C ILE E 184 44.61 -80.95 60.41
N GLY E 185 45.78 -81.54 60.15
CA GLY E 185 46.86 -81.66 61.11
C GLY E 185 46.63 -82.76 62.13
N GLN E 186 45.92 -83.81 61.72
CA GLN E 186 45.58 -84.99 62.52
C GLN E 186 45.43 -86.11 61.50
N SER E 187 46.06 -87.25 61.74
CA SER E 187 45.92 -88.40 60.86
C SER E 187 44.52 -89.00 61.11
N LEU E 188 43.70 -89.08 60.06
CA LEU E 188 42.31 -89.51 60.15
C LEU E 188 42.03 -90.80 59.45
N PRO E 189 41.04 -91.60 59.94
CA PRO E 189 40.68 -92.80 59.19
C PRO E 189 39.92 -92.40 57.92
N SER E 190 39.89 -93.28 56.93
CA SER E 190 39.16 -93.02 55.71
C SER E 190 37.65 -93.17 55.96
N HIS E 191 36.95 -92.04 55.97
CA HIS E 191 35.52 -92.00 56.17
C HIS E 191 34.90 -91.07 55.11
N SER E 192 33.69 -91.40 54.67
CA SER E 192 33.00 -90.66 53.63
C SER E 192 31.54 -90.57 53.99
N VAL E 193 31.00 -89.35 54.14
CA VAL E 193 29.57 -89.15 54.45
C VAL E 193 28.94 -88.04 53.62
N ILE E 194 27.63 -88.10 53.44
CA ILE E 194 26.86 -87.09 52.69
C ILE E 194 26.02 -86.29 53.66
N VAL E 195 26.25 -84.99 53.69
CA VAL E 195 25.54 -84.07 54.56
C VAL E 195 24.47 -83.43 53.68
N PRO E 196 23.18 -83.44 54.08
CA PRO E 196 22.15 -82.85 53.23
C PRO E 196 22.30 -81.34 53.06
N ARG E 197 21.76 -80.80 51.95
CA ARG E 197 21.74 -79.39 51.58
C ARG E 197 21.45 -78.42 52.74
N LYS E 198 20.41 -78.70 53.53
CA LYS E 198 20.00 -77.89 54.67
C LYS E 198 20.99 -77.97 55.85
N GLY E 199 21.63 -79.14 56.00
CA GLY E 199 22.64 -79.37 57.02
C GLY E 199 23.86 -78.55 56.68
N VAL E 200 24.19 -78.53 55.36
CA VAL E 200 25.30 -77.76 54.83
C VAL E 200 25.08 -76.26 55.12
N ILE E 201 23.87 -75.77 54.83
CA ILE E 201 23.46 -74.38 55.06
C ILE E 201 23.63 -74.03 56.53
N GLU E 202 23.15 -74.92 57.41
CA GLU E 202 23.24 -74.73 58.85
C GLU E 202 24.66 -74.72 59.37
N LEU E 203 25.50 -75.62 58.84
CA LEU E 203 26.91 -75.71 59.20
C LEU E 203 27.59 -74.40 58.90
N MET E 204 27.27 -73.78 57.72
CA MET E 204 27.78 -72.46 57.31
C MET E 204 27.34 -71.37 58.29
N ARG E 205 26.01 -71.23 58.51
CA ARG E 205 25.41 -70.23 59.40
C ARG E 205 26.00 -70.24 60.81
N MET E 206 26.30 -71.45 61.35
CA MET E 206 26.88 -71.56 62.69
C MET E 206 28.32 -71.05 62.86
N LEU E 207 29.05 -70.90 61.74
CA LEU E 207 30.43 -70.42 61.79
C LEU E 207 30.47 -68.90 61.96
N ASP E 208 30.82 -68.44 63.18
CA ASP E 208 30.91 -67.03 63.54
C ASP E 208 32.13 -66.32 62.95
N GLY E 209 33.18 -67.10 62.65
CA GLY E 209 34.44 -66.64 62.09
C GLY E 209 35.57 -66.57 63.10
N GLY E 210 35.21 -66.39 64.37
CA GLY E 210 36.12 -66.25 65.50
C GLY E 210 37.05 -67.40 65.83
N ASP E 211 37.80 -67.21 66.94
CA ASP E 211 38.82 -68.10 67.50
C ASP E 211 38.34 -69.51 67.86
N ASN E 212 37.05 -69.66 68.23
CA ASN E 212 36.45 -70.94 68.65
C ASN E 212 36.67 -72.04 67.63
N PRO E 213 37.30 -73.16 68.00
CA PRO E 213 37.47 -74.24 67.02
C PRO E 213 36.14 -74.98 66.82
N LEU E 214 36.05 -75.73 65.75
CA LEU E 214 34.87 -76.50 65.48
C LEU E 214 35.20 -77.95 65.73
N ARG E 215 34.36 -78.59 66.53
CA ARG E 215 34.53 -79.99 66.81
C ARG E 215 33.48 -80.75 66.02
N VAL E 216 33.93 -81.71 65.23
CA VAL E 216 33.04 -82.47 64.38
C VAL E 216 33.02 -83.89 64.87
N GLN E 217 31.83 -84.49 64.94
CA GLN E 217 31.65 -85.89 65.26
C GLN E 217 30.82 -86.47 64.17
N ILE E 218 31.28 -87.56 63.59
CA ILE E 218 30.58 -88.24 62.52
C ILE E 218 30.23 -89.64 62.98
N GLY E 219 28.95 -89.97 62.86
CA GLY E 219 28.43 -91.29 63.16
C GLY E 219 28.08 -92.02 61.87
N SER E 220 27.39 -93.15 62.00
CA SER E 220 27.01 -93.92 60.84
C SER E 220 25.92 -93.20 60.04
N ASN E 221 24.98 -92.50 60.72
CA ASN E 221 23.86 -91.83 60.07
C ASN E 221 23.63 -90.40 60.50
N ASN E 222 24.60 -89.84 61.22
CA ASN E 222 24.49 -88.47 61.73
C ASN E 222 25.83 -87.80 61.78
N ILE E 223 25.80 -86.48 61.83
CA ILE E 223 26.96 -85.64 61.98
C ILE E 223 26.61 -84.57 63.02
N ARG E 224 27.59 -84.23 63.85
CA ARG E 224 27.45 -83.21 64.88
C ARG E 224 28.62 -82.27 64.78
N ALA E 225 28.34 -81.01 64.96
CA ALA E 225 29.35 -79.97 64.98
C ALA E 225 29.12 -79.15 66.24
N HIS E 226 30.20 -78.90 67.00
CA HIS E 226 30.17 -78.04 68.21
C HIS E 226 31.00 -76.81 67.94
N VAL E 227 30.45 -75.63 68.17
CA VAL E 227 31.14 -74.36 68.04
C VAL E 227 30.65 -73.54 69.23
N GLY E 228 31.59 -73.09 70.07
CA GLY E 228 31.24 -72.30 71.26
C GLY E 228 30.18 -72.99 72.07
N ASP E 229 29.08 -72.30 72.31
CA ASP E 229 27.97 -72.90 73.08
C ASP E 229 26.80 -73.37 72.21
N PHE E 230 27.11 -73.68 70.92
CA PHE E 230 26.17 -74.20 69.93
C PHE E 230 26.52 -75.58 69.54
N ILE E 231 25.50 -76.39 69.33
CA ILE E 231 25.65 -77.77 68.87
C ILE E 231 24.64 -78.02 67.78
N PHE E 232 25.16 -78.28 66.59
CA PHE E 232 24.36 -78.61 65.43
C PHE E 232 24.46 -80.07 65.18
N THR E 233 23.34 -80.73 64.97
CA THR E 233 23.31 -82.15 64.66
C THR E 233 22.42 -82.34 63.43
N SER E 234 22.86 -83.18 62.49
CA SER E 234 22.09 -83.47 61.29
C SER E 234 22.17 -84.91 60.97
N LYS E 235 21.09 -85.44 60.37
CA LYS E 235 21.02 -86.79 59.83
C LYS E 235 21.89 -86.74 58.57
N LEU E 236 22.46 -87.87 58.15
CA LEU E 236 23.24 -87.92 56.93
C LEU E 236 22.36 -88.42 55.79
N VAL E 237 22.78 -88.19 54.54
CA VAL E 237 22.03 -88.70 53.39
C VAL E 237 22.47 -90.15 53.22
N ASP E 238 21.51 -91.07 53.24
CA ASP E 238 21.81 -92.48 53.10
C ASP E 238 21.81 -92.78 51.61
N GLY E 239 23.00 -92.78 51.03
CA GLY E 239 23.23 -93.04 49.62
C GLY E 239 24.71 -93.20 49.31
N ARG E 240 25.02 -93.60 48.09
CA ARG E 240 26.40 -93.80 47.64
C ARG E 240 26.78 -92.66 46.73
N PHE E 241 27.66 -91.78 47.19
CA PHE E 241 28.08 -90.63 46.43
C PHE E 241 29.00 -91.10 45.29
N PRO E 242 28.91 -90.51 44.08
CA PRO E 242 29.83 -90.93 43.01
C PRO E 242 31.30 -90.69 43.37
N ASP E 243 32.21 -91.47 42.80
CA ASP E 243 33.63 -91.31 43.05
C ASP E 243 34.16 -90.14 42.22
N TYR E 244 34.50 -89.03 42.90
CA TYR E 244 35.03 -87.82 42.29
C TYR E 244 36.34 -88.10 41.55
N ARG E 245 37.17 -89.05 42.06
CA ARG E 245 38.48 -89.39 41.50
C ARG E 245 38.36 -89.89 40.06
N ARG E 246 37.28 -90.62 39.73
CA ARG E 246 37.03 -91.15 38.40
C ARG E 246 36.54 -90.03 37.46
N VAL E 247 35.83 -89.02 38.02
CA VAL E 247 35.27 -87.84 37.31
C VAL E 247 36.36 -86.86 36.84
N LEU E 248 37.44 -86.73 37.63
CA LEU E 248 38.56 -85.84 37.32
C LEU E 248 39.22 -86.25 36.02
N PRO E 249 39.47 -85.28 35.09
CA PRO E 249 40.13 -85.63 33.83
C PRO E 249 41.45 -86.38 34.07
N LYS E 250 41.59 -87.56 33.43
CA LYS E 250 42.70 -88.50 33.53
C LYS E 250 44.06 -87.83 33.39
N ASN E 251 44.31 -87.22 32.22
CA ASN E 251 45.52 -86.46 31.94
C ASN E 251 45.14 -85.28 31.03
N PRO E 252 44.49 -84.22 31.58
CA PRO E 252 44.12 -83.07 30.73
C PRO E 252 45.36 -82.27 30.34
N ASP E 253 45.98 -82.70 29.22
CA ASP E 253 47.20 -82.16 28.62
C ASP E 253 47.20 -80.64 28.46
N LYS E 254 46.17 -80.09 27.79
CA LYS E 254 46.03 -78.67 27.49
C LYS E 254 45.74 -77.85 28.74
N HIS E 255 46.56 -76.87 29.02
CA HIS E 255 46.30 -75.98 30.14
C HIS E 255 46.30 -74.55 29.66
N LEU E 256 45.33 -73.80 30.15
CA LEU E 256 45.09 -72.38 29.87
C LEU E 256 45.09 -71.63 31.20
N GLU E 257 45.77 -70.49 31.25
CA GLU E 257 45.80 -69.62 32.43
C GLU E 257 45.29 -68.24 32.03
N ALA E 258 44.50 -67.60 32.90
CA ALA E 258 43.92 -66.28 32.64
C ALA E 258 43.57 -65.63 33.98
N GLY E 259 43.50 -64.31 33.99
CA GLY E 259 43.04 -63.55 35.14
C GLY E 259 41.60 -63.89 35.39
N CYS E 260 41.27 -64.25 36.63
CA CYS E 260 39.93 -64.65 36.99
C CYS E 260 38.86 -63.60 36.64
N ASP E 261 39.08 -62.33 37.01
CA ASP E 261 38.12 -61.24 36.77
C ASP E 261 37.90 -60.98 35.28
N LEU E 262 38.97 -60.90 34.47
CA LEU E 262 38.85 -60.69 33.03
C LEU E 262 38.11 -61.82 32.38
N LEU E 263 38.40 -63.06 32.81
CA LEU E 263 37.75 -64.25 32.32
C LEU E 263 36.29 -64.26 32.69
N LYS E 264 35.99 -63.95 33.96
CA LYS E 264 34.64 -63.88 34.51
C LYS E 264 33.80 -62.84 33.79
N GLN E 265 34.35 -61.61 33.65
CA GLN E 265 33.63 -60.53 32.99
C GLN E 265 33.33 -60.81 31.52
N ALA E 266 34.26 -61.45 30.82
CA ALA E 266 34.10 -61.83 29.41
C ALA E 266 32.97 -62.85 29.30
N PHE E 267 32.93 -63.85 30.22
CA PHE E 267 31.88 -64.85 30.22
C PHE E 267 30.55 -64.26 30.61
N ALA E 268 30.54 -63.32 31.58
CA ALA E 268 29.30 -62.65 32.05
C ALA E 268 28.68 -61.83 30.92
N ARG E 269 29.50 -61.14 30.14
CA ARG E 269 29.02 -60.35 29.00
C ARG E 269 28.52 -61.23 27.87
N ALA E 270 29.29 -62.25 27.52
CA ALA E 270 28.89 -63.19 26.46
C ALA E 270 27.60 -63.90 26.84
N ALA E 271 27.40 -64.20 28.17
CA ALA E 271 26.22 -64.86 28.74
C ALA E 271 24.92 -64.15 28.39
N ILE E 272 24.95 -62.82 28.29
CA ILE E 272 23.81 -61.99 27.96
C ILE E 272 23.18 -62.41 26.65
N LEU E 273 24.01 -62.73 25.66
CA LEU E 273 23.53 -63.13 24.33
C LEU E 273 23.50 -64.64 24.08
N SER E 274 23.55 -65.45 25.15
CA SER E 274 23.47 -66.90 25.07
C SER E 274 22.03 -67.26 25.21
N ASN E 275 21.70 -68.48 24.77
CA ASN E 275 20.37 -69.03 24.89
C ASN E 275 19.94 -68.97 26.38
N GLU E 276 18.77 -68.37 26.65
CA GLU E 276 18.23 -68.20 27.99
C GLU E 276 18.05 -69.51 28.76
N LYS E 277 17.75 -70.59 28.04
CA LYS E 277 17.53 -71.89 28.65
C LYS E 277 18.81 -72.71 28.68
N PHE E 278 19.52 -72.77 27.57
CA PHE E 278 20.70 -73.62 27.43
C PHE E 278 22.01 -73.05 27.82
N ARG E 279 22.10 -71.68 27.80
CA ARG E 279 23.25 -70.92 28.30
C ARG E 279 24.57 -71.29 27.65
N GLY E 280 24.47 -71.83 26.45
CA GLY E 280 25.59 -72.30 25.67
C GLY E 280 26.49 -71.20 25.16
N VAL E 281 27.75 -71.35 25.48
CA VAL E 281 28.82 -70.50 24.98
C VAL E 281 29.86 -71.40 24.32
N ARG E 282 30.62 -70.85 23.38
CA ARG E 282 31.71 -71.56 22.70
C ARG E 282 33.01 -70.90 23.06
N LEU E 283 34.02 -71.72 23.35
CA LEU E 283 35.38 -71.30 23.67
C LEU E 283 36.25 -71.75 22.53
N TYR E 284 37.03 -70.84 21.98
CA TYR E 284 37.97 -71.14 20.95
C TYR E 284 39.29 -70.81 21.55
N VAL E 285 40.05 -71.86 21.77
CA VAL E 285 41.37 -71.77 22.35
C VAL E 285 42.42 -71.81 21.27
N SER E 286 43.33 -70.85 21.28
CA SER E 286 44.42 -70.75 20.32
C SER E 286 45.61 -70.18 21.06
N GLU E 287 46.79 -70.12 20.40
CA GLU E 287 48.02 -69.61 21.01
C GLU E 287 47.81 -68.26 21.72
N ASN E 288 47.90 -68.29 23.06
CA ASN E 288 47.76 -67.16 23.99
C ASN E 288 46.48 -66.34 23.81
N GLN E 289 45.42 -67.02 23.37
CA GLN E 289 44.15 -66.38 23.13
C GLN E 289 42.97 -67.27 23.42
N LEU E 290 41.92 -66.66 23.97
CA LEU E 290 40.63 -67.28 24.19
C LEU E 290 39.58 -66.39 23.56
N LYS E 291 38.72 -66.98 22.74
CA LYS E 291 37.62 -66.31 22.12
C LYS E 291 36.39 -67.01 22.62
N ILE E 292 35.50 -66.24 23.22
CA ILE E 292 34.23 -66.74 23.75
C ILE E 292 33.15 -66.19 22.87
N THR E 293 32.28 -67.06 22.40
CA THR E 293 31.17 -66.60 21.59
C THR E 293 29.90 -67.14 22.17
N ALA E 294 28.84 -66.39 21.95
CA ALA E 294 27.49 -66.77 22.34
C ALA E 294 26.52 -66.28 21.29
N ASN E 295 25.48 -67.03 21.09
CA ASN E 295 24.40 -66.65 20.22
C ASN E 295 23.15 -67.27 20.72
N ASN E 296 22.02 -66.62 20.46
CA ASN E 296 20.73 -67.06 20.96
C ASN E 296 19.78 -67.34 19.78
N PRO E 297 18.53 -67.80 19.99
CA PRO E 297 17.65 -68.09 18.82
C PRO E 297 17.36 -66.87 17.91
N GLU E 298 17.34 -65.63 18.48
CA GLU E 298 17.10 -64.35 17.75
C GLU E 298 18.31 -64.01 16.88
N GLN E 299 19.33 -64.87 16.88
CA GLN E 299 20.57 -64.69 16.13
C GLN E 299 21.39 -63.47 16.58
N GLU E 300 21.32 -63.15 17.89
CA GLU E 300 22.16 -62.10 18.48
C GLU E 300 23.45 -62.78 18.82
N GLU E 301 24.55 -62.09 18.71
CA GLU E 301 25.86 -62.66 18.91
C GLU E 301 26.72 -61.84 19.81
N ALA E 302 27.47 -62.55 20.66
CA ALA E 302 28.45 -61.90 21.52
C ALA E 302 29.77 -62.57 21.20
N GLU E 303 30.83 -61.80 21.24
CA GLU E 303 32.15 -62.28 21.03
C GLU E 303 33.07 -61.54 21.99
N GLU E 304 33.90 -62.32 22.68
CA GLU E 304 34.90 -61.80 23.58
C GLU E 304 36.20 -62.42 23.22
N ILE E 305 37.25 -61.61 23.14
CA ILE E 305 38.61 -62.06 22.89
C ILE E 305 39.47 -61.64 24.08
N LEU E 306 40.22 -62.59 24.62
CA LEU E 306 41.10 -62.39 25.75
C LEU E 306 42.44 -62.92 25.47
N ASP E 307 43.44 -62.28 26.06
CA ASP E 307 44.81 -62.74 26.06
C ASP E 307 44.87 -63.69 27.25
N VAL E 308 45.29 -64.92 26.99
CA VAL E 308 45.43 -65.95 28.02
C VAL E 308 46.83 -66.54 27.86
N THR E 309 47.23 -67.46 28.73
CA THR E 309 48.49 -68.17 28.59
C THR E 309 48.06 -69.56 28.13
N TYR E 310 48.31 -69.85 26.85
CA TYR E 310 47.96 -71.13 26.22
C TYR E 310 48.93 -71.40 25.08
N SER E 311 49.46 -72.63 25.01
CA SER E 311 50.40 -72.99 23.95
C SER E 311 50.05 -74.28 23.18
N GLY E 312 49.11 -75.06 23.72
CA GLY E 312 48.65 -76.30 23.10
C GLY E 312 47.98 -76.16 21.74
N ALA E 313 47.29 -77.25 21.32
CA ALA E 313 46.56 -77.34 20.05
C ALA E 313 45.29 -76.49 20.10
N GLU E 314 44.91 -75.90 18.94
CA GLU E 314 43.69 -75.10 18.84
C GLU E 314 42.48 -76.00 19.00
N MET E 315 41.54 -75.58 19.86
CA MET E 315 40.29 -76.32 20.05
C MET E 315 39.10 -75.46 20.36
N GLU E 316 37.95 -76.01 20.08
CA GLU E 316 36.66 -75.42 20.33
C GLU E 316 35.97 -76.32 21.35
N ILE E 317 35.35 -75.71 22.36
CA ILE E 317 34.61 -76.40 23.40
C ILE E 317 33.42 -75.54 23.82
N GLY E 318 32.28 -76.19 23.92
CA GLY E 318 31.04 -75.59 24.33
C GLY E 318 30.78 -75.82 25.82
N PHE E 319 30.25 -74.82 26.50
CA PHE E 319 29.94 -74.92 27.92
C PHE E 319 28.70 -74.16 28.26
N ASN E 320 28.02 -74.62 29.31
CA ASN E 320 26.93 -73.89 29.91
C ASN E 320 27.68 -72.78 30.67
N VAL E 321 27.53 -71.54 30.21
CA VAL E 321 28.19 -70.37 30.81
C VAL E 321 27.87 -70.20 32.31
N SER E 322 26.65 -70.55 32.75
CA SER E 322 26.28 -70.43 34.17
C SER E 322 27.21 -71.31 35.06
N TYR E 323 27.54 -72.52 34.59
CA TYR E 323 28.45 -73.45 35.26
C TYR E 323 29.84 -72.89 35.37
N VAL E 324 30.30 -72.21 34.31
CA VAL E 324 31.63 -71.60 34.26
C VAL E 324 31.68 -70.40 35.22
N LEU E 325 30.64 -69.54 35.17
CA LEU E 325 30.52 -68.36 36.02
C LEU E 325 30.45 -68.75 37.48
N ASP E 326 29.75 -69.85 37.80
CA ASP E 326 29.64 -70.38 39.17
C ASP E 326 31.01 -70.72 39.72
N VAL E 327 31.85 -71.35 38.91
CA VAL E 327 33.22 -71.72 39.27
C VAL E 327 34.05 -70.47 39.47
N LEU E 328 34.03 -69.56 38.50
CA LEU E 328 34.80 -68.33 38.54
C LEU E 328 34.42 -67.44 39.73
N ASN E 329 33.15 -67.47 40.12
CA ASN E 329 32.64 -66.73 41.28
C ASN E 329 33.05 -67.40 42.59
N ALA E 330 33.12 -68.77 42.59
CA ALA E 330 33.57 -69.52 43.76
C ALA E 330 35.07 -69.38 43.99
N LEU E 331 35.86 -69.21 42.91
CA LEU E 331 37.31 -69.02 43.01
C LEU E 331 37.52 -67.54 43.40
N LYS E 332 38.17 -67.29 44.52
CA LYS E 332 38.31 -65.91 45.03
C LYS E 332 39.74 -65.42 44.82
N CYS E 333 40.37 -66.02 43.81
CA CYS E 333 41.74 -65.89 43.42
C CYS E 333 41.98 -64.99 42.23
N GLU E 334 43.26 -64.69 42.01
CA GLU E 334 43.70 -63.80 40.96
C GLU E 334 43.69 -64.48 39.60
N ASN E 335 44.31 -65.65 39.49
CA ASN E 335 44.39 -66.36 38.22
C ASN E 335 43.82 -67.74 38.30
N VAL E 336 43.26 -68.19 37.18
CA VAL E 336 42.65 -69.49 37.07
C VAL E 336 43.34 -70.31 36.02
N ARG E 337 43.39 -71.62 36.26
CA ARG E 337 43.93 -72.55 35.31
C ARG E 337 42.75 -73.39 34.87
N MET E 338 42.66 -73.63 33.54
CA MET E 338 41.67 -74.50 32.91
C MET E 338 42.47 -75.61 32.29
N MET E 339 42.17 -76.85 32.65
CA MET E 339 42.85 -78.02 32.13
C MET E 339 41.86 -78.75 31.24
N LEU E 340 42.19 -78.86 29.96
CA LEU E 340 41.32 -79.45 28.94
C LEU E 340 41.94 -80.70 28.33
N THR E 341 41.07 -81.56 27.77
CA THR E 341 41.42 -82.81 27.09
C THR E 341 41.02 -82.60 25.63
N ASP E 342 39.72 -82.69 25.36
CA ASP E 342 39.12 -82.48 24.04
C ASP E 342 37.75 -81.83 24.20
N SER E 343 37.07 -81.60 23.08
CA SER E 343 35.75 -80.97 22.98
C SER E 343 34.60 -81.73 23.63
N VAL E 344 34.77 -83.04 23.87
CA VAL E 344 33.70 -83.89 24.42
C VAL E 344 34.00 -84.38 25.83
N SER E 345 35.10 -83.90 26.39
CA SER E 345 35.57 -84.25 27.73
C SER E 345 35.56 -83.01 28.63
N SER E 346 35.42 -83.27 29.93
CA SER E 346 35.34 -82.26 30.96
C SER E 346 36.58 -81.39 31.08
N VAL E 347 36.36 -80.14 31.55
CA VAL E 347 37.45 -79.22 31.84
C VAL E 347 37.63 -79.26 33.36
N GLN E 348 38.86 -79.12 33.83
CA GLN E 348 39.16 -78.97 35.23
C GLN E 348 39.62 -77.52 35.42
N ILE E 349 38.94 -76.79 36.29
CA ILE E 349 39.24 -75.40 36.57
C ILE E 349 39.70 -75.32 37.98
N GLU E 350 40.75 -74.56 38.19
CA GLU E 350 41.30 -74.36 39.50
C GLU E 350 42.02 -73.05 39.58
N ASP E 351 42.32 -72.62 40.81
CA ASP E 351 43.14 -71.46 41.09
C ASP E 351 44.50 -71.81 40.49
N ALA E 352 45.10 -70.90 39.69
CA ALA E 352 46.40 -71.19 39.08
C ALA E 352 47.48 -71.44 40.12
N ALA E 353 47.33 -70.83 41.30
CA ALA E 353 48.26 -70.90 42.43
C ALA E 353 47.89 -71.96 43.50
N SER E 354 46.81 -72.73 43.31
CA SER E 354 46.40 -73.70 44.33
C SER E 354 45.62 -74.87 43.78
N GLN E 355 45.98 -76.08 44.22
CA GLN E 355 45.34 -77.33 43.83
C GLN E 355 44.34 -77.84 44.88
N SER E 356 44.14 -77.07 45.97
CA SER E 356 43.23 -77.39 47.08
C SER E 356 41.79 -77.55 46.62
N ALA E 357 41.36 -76.76 45.62
CA ALA E 357 40.03 -76.87 45.04
C ALA E 357 40.09 -77.15 43.55
N ALA E 358 39.25 -78.07 43.09
CA ALA E 358 39.19 -78.39 41.68
C ALA E 358 37.74 -78.43 41.28
N TYR E 359 37.50 -77.90 40.09
CA TYR E 359 36.16 -77.78 39.52
C TYR E 359 36.15 -78.47 38.20
N VAL E 360 35.23 -79.39 38.03
CA VAL E 360 35.15 -80.17 36.82
C VAL E 360 33.83 -79.85 36.17
N VAL E 361 33.87 -79.34 34.92
CA VAL E 361 32.64 -78.98 34.19
C VAL E 361 32.61 -79.80 32.92
N MET E 362 31.52 -80.49 32.73
CA MET E 362 31.30 -81.28 31.54
C MET E 362 30.82 -80.34 30.41
N PRO E 363 31.39 -80.45 29.21
CA PRO E 363 31.00 -79.54 28.13
C PRO E 363 29.67 -79.86 27.50
N MET E 364 29.26 -78.98 26.57
CA MET E 364 28.04 -79.11 25.76
C MET E 364 28.42 -79.42 24.34
N ARG E 365 27.48 -80.08 23.63
CA ARG E 365 27.58 -80.46 22.21
C ARG E 365 26.91 -79.44 21.28
N MET F 1 23.05 -44.96 11.74
CA MET F 1 23.17 -44.54 13.12
C MET F 1 24.47 -45.05 13.73
N LYS F 2 25.25 -44.14 14.29
CA LYS F 2 26.56 -44.39 14.86
C LYS F 2 26.78 -43.41 15.98
N PHE F 3 27.42 -43.87 17.04
CA PHE F 3 27.89 -43.06 18.14
C PHE F 3 28.94 -43.77 18.96
N THR F 4 29.81 -43.00 19.62
CA THR F 4 30.82 -43.51 20.53
C THR F 4 30.72 -42.69 21.78
N VAL F 5 30.40 -43.36 22.88
CA VAL F 5 30.25 -42.69 24.18
C VAL F 5 30.94 -43.49 25.27
N GLU F 6 31.37 -42.80 26.28
CA GLU F 6 32.00 -43.35 27.46
C GLU F 6 30.90 -44.07 28.30
N ARG F 7 31.19 -45.32 28.75
CA ARG F 7 30.29 -46.16 29.54
C ARG F 7 29.62 -45.37 30.67
N GLU F 8 30.39 -44.51 31.34
CA GLU F 8 29.98 -43.69 32.48
C GLU F 8 28.91 -42.66 32.13
N HIS F 9 28.87 -42.20 30.87
CA HIS F 9 27.89 -41.23 30.39
C HIS F 9 26.63 -41.91 29.91
N LEU F 10 26.71 -43.21 29.68
CA LEU F 10 25.60 -44.01 29.16
C LEU F 10 24.84 -44.78 30.24
N LEU F 11 25.52 -45.15 31.32
CA LEU F 11 24.95 -45.94 32.41
C LEU F 11 23.73 -45.39 33.11
N LYS F 12 23.81 -44.20 33.72
CA LYS F 12 22.65 -43.58 34.41
C LYS F 12 21.52 -43.35 33.41
N PRO F 13 21.75 -42.78 32.21
CA PRO F 13 20.66 -42.64 31.25
C PRO F 13 19.96 -43.96 30.90
N LEU F 14 20.74 -45.06 30.71
CA LEU F 14 20.17 -46.38 30.39
C LEU F 14 19.38 -46.90 31.55
N GLN F 15 19.87 -46.72 32.77
CA GLN F 15 19.18 -47.11 33.99
C GLN F 15 17.87 -46.33 34.11
N GLN F 16 17.92 -44.98 33.93
CA GLN F 16 16.74 -44.12 34.02
C GLN F 16 15.68 -44.47 33.04
N VAL F 17 16.03 -44.60 31.75
CA VAL F 17 15.05 -44.90 30.69
C VAL F 17 14.48 -46.34 30.73
N SER F 18 15.18 -47.28 31.37
CA SER F 18 14.69 -48.66 31.54
C SER F 18 13.63 -48.75 32.68
N GLY F 19 13.52 -47.66 33.45
CA GLY F 19 12.55 -47.48 34.54
C GLY F 19 11.11 -47.79 34.16
N PRO F 20 10.50 -47.08 33.16
CA PRO F 20 9.11 -47.42 32.74
C PRO F 20 8.88 -48.81 32.13
N LEU F 21 9.90 -49.68 32.09
CA LEU F 21 9.82 -51.02 31.50
C LEU F 21 9.64 -52.14 32.53
N GLY F 22 8.69 -53.02 32.24
CA GLY F 22 8.36 -54.18 33.07
C GLY F 22 9.05 -55.46 32.65
N GLY F 23 8.74 -56.54 33.38
CA GLY F 23 9.27 -57.89 33.14
C GLY F 23 8.87 -58.47 31.80
N ARG F 24 7.56 -58.64 31.56
CA ARG F 24 6.97 -59.14 30.32
C ARG F 24 6.13 -58.03 29.65
N PRO F 25 6.66 -57.37 28.58
CA PRO F 25 5.92 -56.27 27.95
C PRO F 25 4.73 -56.73 27.10
N THR F 26 3.75 -55.82 26.92
CA THR F 26 2.54 -56.07 26.10
C THR F 26 2.98 -56.26 24.63
N LEU F 27 3.66 -55.25 24.09
CA LEU F 27 4.21 -55.25 22.75
C LEU F 27 5.71 -55.55 22.87
N PRO F 28 6.33 -56.27 21.91
CA PRO F 28 7.76 -56.53 22.02
C PRO F 28 8.60 -55.25 22.01
N ILE F 29 8.17 -54.23 21.22
CA ILE F 29 8.86 -52.93 21.12
C ILE F 29 8.91 -52.18 22.46
N LEU F 30 8.00 -52.52 23.38
CA LEU F 30 7.99 -51.94 24.76
C LEU F 30 9.16 -52.42 25.60
N GLY F 31 9.76 -53.55 25.22
CA GLY F 31 10.94 -54.09 25.88
C GLY F 31 12.20 -53.48 25.30
N ASN F 32 12.02 -52.58 24.30
CA ASN F 32 13.11 -51.90 23.63
C ASN F 32 13.21 -50.45 24.02
N LEU F 33 14.42 -49.90 23.85
CA LEU F 33 14.68 -48.47 24.04
C LEU F 33 14.86 -47.89 22.67
N LEU F 34 14.27 -46.72 22.44
CA LEU F 34 14.43 -45.98 21.21
C LEU F 34 15.72 -45.19 21.34
N LEU F 35 16.63 -45.39 20.41
CA LEU F 35 17.91 -44.68 20.38
C LEU F 35 17.87 -43.76 19.16
N GLN F 36 18.21 -42.51 19.37
CA GLN F 36 18.21 -41.60 18.26
C GLN F 36 19.39 -40.72 18.32
N VAL F 37 20.12 -40.66 17.23
CA VAL F 37 21.27 -39.76 17.09
C VAL F 37 20.83 -38.62 16.17
N ALA F 38 20.94 -37.40 16.67
CA ALA F 38 20.57 -36.21 15.90
C ALA F 38 21.38 -35.03 16.44
N ASP F 39 22.12 -34.36 15.50
CA ASP F 39 22.98 -33.17 15.76
C ASP F 39 23.62 -33.03 17.14
N GLY F 40 24.57 -33.90 17.44
CA GLY F 40 25.32 -33.80 18.69
C GLY F 40 24.70 -34.41 19.93
N THR F 41 23.57 -35.11 19.73
CA THR F 41 22.89 -35.67 20.88
C THR F 41 22.31 -37.06 20.60
N LEU F 42 22.44 -37.93 21.60
CA LEU F 42 21.85 -39.26 21.58
C LEU F 42 20.66 -39.19 22.53
N SER F 43 19.50 -39.49 22.03
CA SER F 43 18.29 -39.54 22.85
C SER F 43 17.98 -41.00 23.09
N LEU F 44 17.63 -41.32 24.35
CA LEU F 44 17.24 -42.66 24.74
C LEU F 44 15.84 -42.55 25.29
N THR F 45 14.92 -43.36 24.78
CA THR F 45 13.52 -43.32 25.24
C THR F 45 13.02 -44.72 25.60
N GLY F 46 12.55 -44.83 26.83
CA GLY F 46 11.86 -45.99 27.40
C GLY F 46 10.41 -45.61 27.70
N THR F 47 9.46 -46.46 27.29
CA THR F 47 8.00 -46.27 27.43
C THR F 47 7.26 -47.56 27.81
N ASP F 48 6.08 -47.41 28.44
CA ASP F 48 5.18 -48.50 28.78
C ASP F 48 3.78 -48.14 28.25
N LEU F 49 3.73 -47.10 27.39
CA LEU F 49 2.54 -46.50 26.75
C LEU F 49 1.84 -45.47 27.66
N GLU F 50 1.93 -45.61 28.98
CA GLU F 50 1.29 -44.68 29.93
C GLU F 50 2.26 -43.53 30.27
N MET F 51 3.55 -43.87 30.32
CA MET F 51 4.60 -42.93 30.64
C MET F 51 5.86 -43.17 29.81
N GLU F 52 6.68 -42.12 29.69
CA GLU F 52 7.94 -42.22 28.97
C GLU F 52 9.04 -41.51 29.69
N MET F 53 10.22 -42.07 29.60
CA MET F 53 11.43 -41.48 30.15
C MET F 53 12.36 -41.28 28.99
N VAL F 54 12.78 -40.03 28.79
CA VAL F 54 13.69 -39.63 27.72
C VAL F 54 14.95 -39.10 28.38
N ALA F 55 16.11 -39.61 27.96
CA ALA F 55 17.40 -39.12 28.43
C ALA F 55 18.15 -38.56 27.21
N ARG F 56 18.88 -37.45 27.40
CA ARG F 56 19.64 -36.84 26.30
C ARG F 56 21.10 -36.96 26.68
N VAL F 57 21.92 -37.53 25.80
CA VAL F 57 23.35 -37.69 26.08
C VAL F 57 24.08 -36.92 24.99
N ALA F 58 24.95 -36.02 25.41
CA ALA F 58 25.76 -35.21 24.49
C ALA F 58 26.83 -36.09 23.85
N LEU F 59 26.94 -36.03 22.52
CA LEU F 59 27.94 -36.78 21.76
C LEU F 59 29.09 -35.87 21.38
N VAL F 60 30.19 -36.02 22.10
CA VAL F 60 31.41 -35.21 21.96
C VAL F 60 32.46 -35.89 21.04
N GLN F 61 32.11 -37.09 20.53
CA GLN F 61 32.93 -37.91 19.65
C GLN F 61 32.19 -38.11 18.33
N PRO F 62 32.87 -38.50 17.20
CA PRO F 62 32.16 -38.69 15.91
C PRO F 62 30.90 -39.56 15.99
N HIS F 63 29.90 -39.22 15.17
CA HIS F 63 28.60 -39.87 15.16
C HIS F 63 27.88 -39.70 13.84
N GLU F 64 26.94 -40.57 13.56
CA GLU F 64 26.13 -40.53 12.36
C GLU F 64 24.65 -40.57 12.80
N PRO F 65 23.81 -39.68 12.27
CA PRO F 65 22.42 -39.66 12.70
C PRO F 65 21.62 -40.89 12.29
N GLY F 66 20.52 -41.09 12.97
CA GLY F 66 19.64 -42.22 12.71
C GLY F 66 18.93 -42.60 13.98
N ALA F 67 18.04 -43.55 13.87
CA ALA F 67 17.28 -44.01 15.00
C ALA F 67 16.98 -45.50 14.87
N THR F 68 16.90 -46.16 16.01
CA THR F 68 16.57 -47.57 16.08
C THR F 68 16.04 -47.87 17.48
N THR F 69 15.55 -49.06 17.71
CA THR F 69 15.16 -49.55 19.02
C THR F 69 15.96 -50.82 19.28
N VAL F 70 16.48 -50.99 20.49
CA VAL F 70 17.23 -52.17 20.94
C VAL F 70 16.69 -52.74 22.22
N PRO F 71 16.79 -54.07 22.48
CA PRO F 71 16.31 -54.60 23.76
C PRO F 71 17.01 -53.88 24.90
N ALA F 72 16.22 -53.25 25.76
CA ALA F 72 16.69 -52.41 26.86
C ALA F 72 17.58 -53.14 27.86
N ARG F 73 17.09 -54.22 28.46
CA ARG F 73 17.81 -55.01 29.47
C ARG F 73 19.13 -55.54 28.92
N LYS F 74 19.13 -56.14 27.71
CA LYS F 74 20.36 -56.66 27.08
C LYS F 74 21.36 -55.56 26.85
N PHE F 75 20.91 -54.42 26.31
CA PHE F 75 21.82 -53.31 26.04
C PHE F 75 22.39 -52.72 27.32
N PHE F 76 21.54 -52.54 28.35
CA PHE F 76 21.98 -52.02 29.64
C PHE F 76 23.00 -53.01 30.28
N ASP F 77 22.66 -54.30 30.28
CA ASP F 77 23.55 -55.36 30.82
C ASP F 77 24.89 -55.42 30.15
N ILE F 78 24.91 -55.23 28.81
CA ILE F 78 26.17 -55.22 28.06
C ILE F 78 27.02 -54.00 28.53
N CYS F 79 26.43 -52.81 28.52
CA CYS F 79 27.13 -51.59 28.93
C CYS F 79 27.61 -51.69 30.38
N ARG F 80 26.72 -52.16 31.28
CA ARG F 80 26.98 -52.36 32.71
C ARG F 80 28.07 -53.43 32.96
N GLY F 81 28.09 -54.47 32.11
CA GLY F 81 29.06 -55.56 32.17
C GLY F 81 30.44 -55.19 31.67
N LEU F 82 30.52 -54.10 30.89
CA LEU F 82 31.80 -53.61 30.37
C LEU F 82 32.63 -52.98 31.50
N PRO F 83 33.97 -53.00 31.41
CA PRO F 83 34.76 -52.44 32.51
C PRO F 83 34.63 -50.93 32.68
N GLU F 84 34.95 -50.43 33.89
CA GLU F 84 34.94 -49.00 34.22
C GLU F 84 35.79 -48.25 33.20
N GLY F 85 35.28 -47.13 32.73
CA GLY F 85 36.03 -46.32 31.77
C GLY F 85 35.95 -46.77 30.33
N ALA F 86 35.24 -47.89 30.04
CA ALA F 86 35.11 -48.41 28.67
C ALA F 86 34.44 -47.40 27.72
N GLU F 87 34.91 -47.38 26.47
CA GLU F 87 34.40 -46.57 25.37
C GLU F 87 33.47 -47.47 24.61
N ILE F 88 32.21 -47.06 24.46
CA ILE F 88 31.21 -47.88 23.80
C ILE F 88 30.91 -47.36 22.39
N ALA F 89 31.29 -48.13 21.37
CA ALA F 89 31.09 -47.80 19.96
C ALA F 89 29.88 -48.53 19.47
N VAL F 90 28.86 -47.77 19.07
CA VAL F 90 27.60 -48.34 18.62
C VAL F 90 27.34 -47.97 17.15
N GLN F 91 26.86 -48.91 16.35
CA GLN F 91 26.52 -48.67 14.97
C GLN F 91 25.50 -49.63 14.47
N LEU F 92 24.87 -49.28 13.38
CA LEU F 92 23.88 -50.16 12.79
C LEU F 92 24.52 -50.86 11.64
N GLU F 93 24.32 -52.14 11.55
CA GLU F 93 24.87 -52.97 10.47
C GLU F 93 23.81 -53.96 10.15
N GLY F 94 23.33 -53.93 8.91
CA GLY F 94 22.27 -54.84 8.51
C GLY F 94 21.02 -54.56 9.32
N GLU F 95 20.47 -55.61 9.92
CA GLU F 95 19.28 -55.57 10.76
C GLU F 95 19.68 -55.52 12.26
N ARG F 96 21.00 -55.43 12.52
CA ARG F 96 21.48 -55.47 13.90
C ARG F 96 22.06 -54.17 14.39
N MET F 97 22.09 -54.03 15.71
CA MET F 97 22.84 -52.96 16.28
C MET F 97 24.13 -53.56 16.81
N LEU F 98 25.25 -53.00 16.42
CA LEU F 98 26.56 -53.48 16.81
C LEU F 98 27.11 -52.68 17.95
N VAL F 99 27.50 -53.35 19.03
CA VAL F 99 28.08 -52.74 20.21
C VAL F 99 29.47 -53.28 20.35
N ARG F 100 30.44 -52.38 20.29
CA ARG F 100 31.84 -52.77 20.40
C ARG F 100 32.51 -51.93 21.45
N SER F 101 33.40 -52.57 22.20
CA SER F 101 34.23 -51.93 23.24
C SER F 101 35.37 -52.90 23.48
N GLY F 102 36.59 -52.43 23.25
CA GLY F 102 37.79 -53.25 23.38
C GLY F 102 37.66 -54.41 22.41
N ARG F 103 37.83 -55.65 22.91
CA ARG F 103 37.63 -56.81 22.04
C ARG F 103 36.35 -57.54 22.39
N SER F 104 35.36 -56.78 22.89
CA SER F 104 34.02 -57.25 23.19
C SER F 104 33.10 -56.72 22.07
N ARG F 105 32.29 -57.61 21.49
CA ARG F 105 31.42 -57.31 20.35
C ARG F 105 30.09 -57.96 20.56
N PHE F 106 29.03 -57.19 20.32
CA PHE F 106 27.66 -57.63 20.48
C PHE F 106 26.80 -57.17 19.35
N SER F 107 25.92 -58.05 18.88
CA SER F 107 24.99 -57.76 17.80
C SER F 107 23.63 -57.96 18.41
N LEU F 108 22.88 -56.88 18.48
CA LEU F 108 21.55 -56.89 19.06
C LEU F 108 20.51 -56.75 17.96
N SER F 109 19.38 -57.42 18.12
CA SER F 109 18.28 -57.30 17.19
C SER F 109 17.67 -55.91 17.40
N THR F 110 17.12 -55.36 16.33
CA THR F 110 16.49 -54.06 16.38
C THR F 110 15.05 -54.20 15.95
N LEU F 111 14.25 -53.21 16.31
CA LEU F 111 12.87 -53.10 15.83
C LEU F 111 12.82 -51.66 15.30
N PRO F 112 12.07 -51.40 14.20
CA PRO F 112 12.10 -50.06 13.59
C PRO F 112 11.69 -48.92 14.52
N ALA F 113 12.48 -47.83 14.52
CA ALA F 113 12.20 -46.60 15.27
C ALA F 113 10.79 -46.07 14.97
N ALA F 114 10.33 -46.17 13.69
CA ALA F 114 8.99 -45.75 13.25
C ALA F 114 7.83 -46.49 13.96
N ASP F 115 8.11 -47.71 14.48
CA ASP F 115 7.13 -48.50 15.22
C ASP F 115 7.13 -48.15 16.70
N PHE F 116 8.13 -47.37 17.17
CA PHE F 116 8.19 -46.99 18.57
C PHE F 116 7.01 -46.09 18.96
N PRO F 117 6.31 -46.40 20.08
CA PRO F 117 5.17 -45.58 20.49
C PRO F 117 5.53 -44.15 20.82
N ASN F 118 4.86 -43.24 20.12
CA ASN F 118 4.95 -41.80 20.24
C ASN F 118 3.85 -41.36 21.21
N LEU F 119 4.20 -40.78 22.37
CA LEU F 119 3.18 -40.26 23.29
C LEU F 119 2.60 -38.99 22.66
N ASP F 120 1.25 -38.85 22.66
CA ASP F 120 0.55 -37.70 22.09
C ASP F 120 1.02 -36.37 22.67
N ASP F 121 1.21 -35.36 21.81
CA ASP F 121 1.61 -34.01 22.22
C ASP F 121 0.47 -33.38 23.00
N TRP F 122 0.82 -32.49 23.91
CA TRP F 122 -0.16 -31.80 24.75
C TRP F 122 0.39 -30.47 25.17
N GLN F 123 -0.50 -29.58 25.60
CA GLN F 123 -0.14 -28.23 26.03
C GLN F 123 -0.10 -28.12 27.53
N SER F 124 1.02 -27.62 28.06
CA SER F 124 1.23 -27.39 29.49
C SER F 124 0.31 -26.24 29.97
N GLU F 125 -0.46 -26.48 31.05
CA GLU F 125 -1.41 -25.52 31.62
C GLU F 125 -0.84 -24.80 32.81
N VAL F 126 0.02 -25.49 33.58
CA VAL F 126 0.67 -24.98 34.79
C VAL F 126 2.10 -25.50 34.68
N GLU F 127 3.06 -24.62 34.88
CA GLU F 127 4.47 -24.96 34.85
C GLU F 127 5.12 -24.20 35.97
N PHE F 128 5.98 -24.88 36.72
CA PHE F 128 6.72 -24.29 37.81
C PHE F 128 7.97 -25.11 37.98
N THR F 129 8.97 -24.51 38.61
CA THR F 129 10.20 -25.20 38.91
C THR F 129 10.39 -25.24 40.42
N LEU F 130 11.03 -26.27 40.91
CA LEU F 130 11.20 -26.40 42.35
C LEU F 130 12.44 -27.25 42.60
N PRO F 131 13.07 -27.16 43.78
CA PRO F 131 14.23 -28.02 44.04
C PRO F 131 13.83 -29.48 44.06
N GLN F 132 14.76 -30.36 43.69
CA GLN F 132 14.60 -31.81 43.67
C GLN F 132 14.23 -32.30 45.07
N ALA F 133 14.93 -31.74 46.10
CA ALA F 133 14.78 -32.07 47.51
C ALA F 133 13.37 -31.83 47.98
N THR F 134 12.71 -30.81 47.42
CA THR F 134 11.33 -30.47 47.75
C THR F 134 10.41 -31.56 47.22
N MET F 135 10.58 -31.96 45.95
CA MET F 135 9.80 -33.01 45.31
C MET F 135 10.02 -34.34 46.03
N LYS F 136 11.29 -34.65 46.37
CA LYS F 136 11.67 -35.88 47.10
C LYS F 136 10.94 -35.94 48.43
N ARG F 137 11.00 -34.84 49.19
CA ARG F 137 10.35 -34.73 50.48
C ARG F 137 8.81 -34.95 50.37
N LEU F 138 8.18 -34.28 49.39
CA LEU F 138 6.74 -34.36 49.14
C LEU F 138 6.32 -35.78 48.82
N ILE F 139 7.09 -36.49 48.00
CA ILE F 139 6.78 -37.86 47.62
C ILE F 139 7.03 -38.80 48.77
N GLU F 140 8.23 -38.78 49.32
CA GLU F 140 8.60 -39.69 50.43
C GLU F 140 7.69 -39.58 51.63
N ALA F 141 7.20 -38.37 51.90
CA ALA F 141 6.35 -38.12 53.06
C ALA F 141 4.97 -38.78 52.90
N THR F 142 4.51 -39.03 51.66
CA THR F 142 3.16 -39.50 51.42
C THR F 142 3.04 -40.83 50.69
N GLN F 143 4.02 -41.17 49.86
CA GLN F 143 4.04 -42.35 48.99
C GLN F 143 3.51 -43.64 49.58
N PHE F 144 3.95 -43.99 50.81
CA PHE F 144 3.54 -45.24 51.48
C PHE F 144 2.01 -45.36 51.68
N SER F 145 1.29 -44.21 51.71
CA SER F 145 -0.14 -44.13 51.90
C SER F 145 -0.94 -44.35 50.64
N MET F 146 -0.29 -44.36 49.47
CA MET F 146 -1.00 -44.65 48.20
C MET F 146 -1.59 -46.06 48.25
N ALA F 147 -2.74 -46.26 47.61
CA ALA F 147 -3.39 -47.57 47.58
C ALA F 147 -2.62 -48.50 46.65
N HIS F 148 -2.65 -49.80 46.94
CA HIS F 148 -1.99 -50.84 46.16
C HIS F 148 -3.08 -51.63 45.42
N GLN F 149 -3.18 -51.43 44.09
CA GLN F 149 -4.12 -52.12 43.19
C GLN F 149 -5.59 -52.09 43.68
N ASP F 150 -6.02 -50.94 44.21
CA ASP F 150 -7.36 -50.74 44.71
C ASP F 150 -8.28 -50.58 43.51
N VAL F 151 -9.55 -51.04 43.65
CA VAL F 151 -10.60 -50.91 42.62
C VAL F 151 -10.92 -49.44 42.36
N ARG F 152 -10.81 -48.57 43.41
CA ARG F 152 -10.92 -47.11 43.32
C ARG F 152 -9.53 -46.71 42.80
N TYR F 153 -9.36 -46.85 41.49
CA TYR F 153 -8.12 -46.64 40.72
C TYR F 153 -7.44 -45.29 41.03
N TYR F 154 -8.24 -44.21 41.24
CA TYR F 154 -7.76 -42.86 41.60
C TYR F 154 -6.95 -42.78 42.92
N LEU F 155 -7.04 -43.83 43.75
CA LEU F 155 -6.33 -43.96 45.02
C LEU F 155 -4.95 -44.61 44.84
N ASN F 156 -4.72 -45.21 43.68
CA ASN F 156 -3.46 -45.87 43.36
C ASN F 156 -2.41 -44.88 42.93
N GLY F 157 -2.76 -43.62 42.87
CA GLY F 157 -1.84 -42.57 42.54
C GLY F 157 -1.64 -41.62 43.69
N MET F 158 -1.11 -40.46 43.37
CA MET F 158 -0.82 -39.44 44.34
C MET F 158 -1.34 -38.16 43.76
N LEU F 159 -2.10 -37.44 44.60
CA LEU F 159 -2.60 -36.14 44.20
C LEU F 159 -1.48 -35.11 44.36
N PHE F 160 -1.33 -34.28 43.33
CA PHE F 160 -0.39 -33.15 43.28
C PHE F 160 -1.26 -31.92 43.18
N GLU F 161 -1.18 -31.12 44.22
CA GLU F 161 -2.04 -29.95 44.30
C GLU F 161 -1.23 -28.68 44.46
N THR F 162 -1.58 -27.67 43.69
CA THR F 162 -0.96 -26.35 43.78
C THR F 162 -2.03 -25.44 44.36
N GLU F 163 -1.65 -24.60 45.32
CA GLU F 163 -2.57 -23.65 45.98
C GLU F 163 -1.69 -22.60 46.57
N GLY F 164 -1.88 -21.35 46.16
CA GLY F 164 -1.08 -20.21 46.63
C GLY F 164 0.36 -20.39 46.23
N GLU F 165 1.25 -20.45 47.20
CA GLU F 165 2.69 -20.65 46.95
C GLU F 165 3.11 -22.07 47.31
N GLU F 166 2.13 -22.94 47.52
CA GLU F 166 2.45 -24.30 47.94
C GLU F 166 2.18 -25.36 46.92
N LEU F 167 3.04 -26.40 46.95
CA LEU F 167 2.83 -27.64 46.24
C LEU F 167 2.54 -28.66 47.34
N ARG F 168 1.49 -29.43 47.14
CA ARG F 168 1.03 -30.39 48.08
C ARG F 168 0.86 -31.77 47.45
N THR F 169 1.21 -32.81 48.21
CA THR F 169 0.96 -34.18 47.78
C THR F 169 0.01 -34.77 48.77
N VAL F 170 -0.90 -35.56 48.26
CA VAL F 170 -1.87 -36.28 49.06
C VAL F 170 -1.90 -37.72 48.55
N ALA F 171 -1.87 -38.67 49.47
CA ALA F 171 -1.99 -40.08 49.16
C ALA F 171 -2.85 -40.76 50.19
N THR F 172 -3.69 -41.68 49.71
CA THR F 172 -4.65 -42.41 50.53
C THR F 172 -5.07 -43.75 49.95
N ASP F 173 -5.39 -44.69 50.83
CA ASP F 173 -5.86 -46.02 50.42
C ASP F 173 -7.29 -46.23 50.93
N GLY F 174 -7.85 -45.16 51.48
CA GLY F 174 -9.20 -45.19 52.05
C GLY F 174 -9.20 -45.46 53.54
N HIS F 175 -8.07 -45.97 54.08
CA HIS F 175 -7.93 -46.25 55.51
C HIS F 175 -7.02 -45.27 56.19
N ARG F 176 -5.96 -44.92 55.51
CA ARG F 176 -5.01 -43.95 56.03
C ARG F 176 -4.68 -42.94 54.97
N LEU F 177 -4.34 -41.74 55.43
CA LEU F 177 -4.01 -40.63 54.56
C LEU F 177 -2.67 -39.97 54.91
N ALA F 178 -1.99 -39.47 53.90
CA ALA F 178 -0.76 -38.72 54.12
C ALA F 178 -0.87 -37.47 53.27
N VAL F 179 -0.55 -36.34 53.86
CA VAL F 179 -0.58 -35.06 53.15
C VAL F 179 0.68 -34.29 53.50
N CYS F 180 1.37 -33.80 52.48
CA CYS F 180 2.56 -32.99 52.67
C CYS F 180 2.47 -31.71 51.84
N SER F 181 2.71 -30.56 52.47
CA SER F 181 2.68 -29.27 51.83
C SER F 181 4.03 -28.66 51.96
N MET F 182 4.51 -28.07 50.86
CA MET F 182 5.82 -27.42 50.83
C MET F 182 5.70 -26.12 50.08
N PRO F 183 6.25 -25.01 50.65
CA PRO F 183 6.20 -23.73 49.93
C PRO F 183 7.16 -23.78 48.75
N ILE F 184 6.79 -23.19 47.61
CA ILE F 184 7.68 -23.16 46.45
C ILE F 184 8.18 -21.73 46.04
N GLY F 185 7.74 -20.71 46.78
CA GLY F 185 8.15 -19.31 46.61
C GLY F 185 7.76 -18.69 45.29
N GLN F 186 6.65 -19.20 44.74
CA GLN F 186 6.05 -18.77 43.48
C GLN F 186 4.53 -18.91 43.69
N SER F 187 3.78 -17.89 43.29
CA SER F 187 2.32 -17.86 43.39
C SER F 187 1.76 -18.74 42.29
N LEU F 188 1.01 -19.77 42.65
CA LEU F 188 0.48 -20.77 41.73
C LEU F 188 -1.02 -20.77 41.60
N PRO F 189 -1.57 -21.11 40.42
CA PRO F 189 -3.04 -21.21 40.34
C PRO F 189 -3.47 -22.48 41.07
N SER F 190 -4.73 -22.54 41.48
CA SER F 190 -5.27 -23.71 42.14
C SER F 190 -5.51 -24.82 41.13
N HIS F 191 -4.67 -25.84 41.17
CA HIS F 191 -4.73 -26.97 40.27
C HIS F 191 -4.55 -28.25 41.10
N SER F 192 -5.18 -29.33 40.67
CA SER F 192 -5.17 -30.60 41.36
C SER F 192 -5.12 -31.70 40.33
N VAL F 193 -4.13 -32.58 40.41
CA VAL F 193 -3.97 -33.71 39.48
C VAL F 193 -3.54 -34.97 40.20
N ILE F 194 -3.87 -36.13 39.60
CA ILE F 194 -3.50 -37.43 40.14
C ILE F 194 -2.45 -38.02 39.24
N VAL F 195 -1.30 -38.31 39.82
CA VAL F 195 -0.18 -38.91 39.13
C VAL F 195 -0.25 -40.39 39.49
N PRO F 196 -0.24 -41.30 38.50
CA PRO F 196 -0.31 -42.75 38.82
C PRO F 196 0.88 -43.23 39.62
N ARG F 197 0.69 -44.30 40.40
CA ARG F 197 1.72 -44.94 41.22
C ARG F 197 3.07 -45.04 40.52
N LYS F 198 3.07 -45.64 39.31
CA LYS F 198 4.29 -45.85 38.54
C LYS F 198 4.96 -44.55 38.14
N GLY F 199 4.14 -43.52 37.88
CA GLY F 199 4.59 -42.17 37.57
C GLY F 199 5.26 -41.57 38.78
N VAL F 200 4.66 -41.78 39.97
CA VAL F 200 5.22 -41.31 41.25
C VAL F 200 6.57 -41.97 41.47
N ILE F 201 6.65 -43.30 41.33
CA ILE F 201 7.90 -44.09 41.47
C ILE F 201 8.96 -43.54 40.52
N GLU F 202 8.60 -43.29 39.25
CA GLU F 202 9.51 -42.75 38.26
C GLU F 202 10.00 -41.35 38.59
N LEU F 203 9.11 -40.48 39.10
CA LEU F 203 9.43 -39.14 39.52
C LEU F 203 10.48 -39.19 40.63
N MET F 204 10.32 -40.13 41.60
CA MET F 204 11.28 -40.34 42.69
C MET F 204 12.61 -40.76 42.18
N ARG F 205 12.60 -41.82 41.37
CA ARG F 205 13.77 -42.43 40.75
C ARG F 205 14.64 -41.41 39.99
N MET F 206 14.01 -40.45 39.30
CA MET F 206 14.73 -39.45 38.51
C MET F 206 15.44 -38.36 39.34
N LEU F 207 15.10 -38.25 40.63
CA LEU F 207 15.72 -37.27 41.50
C LEU F 207 17.08 -37.76 41.99
N ASP F 208 18.15 -37.21 41.38
CA ASP F 208 19.55 -37.58 41.67
C ASP F 208 20.03 -37.07 43.03
N GLY F 209 19.38 -36.03 43.53
CA GLY F 209 19.71 -35.40 44.81
C GLY F 209 20.47 -34.10 44.68
N GLY F 210 21.20 -33.94 43.56
CA GLY F 210 22.02 -32.77 43.22
C GLY F 210 21.30 -31.44 43.15
N ASP F 211 22.08 -30.35 42.88
CA ASP F 211 21.57 -28.98 42.83
C ASP F 211 20.61 -28.69 41.68
N ASN F 212 20.48 -29.65 40.73
CA ASN F 212 19.61 -29.49 39.58
C ASN F 212 18.16 -29.24 39.93
N PRO F 213 17.54 -28.17 39.39
CA PRO F 213 16.13 -27.96 39.72
C PRO F 213 15.23 -28.88 38.91
N LEU F 214 14.02 -29.08 39.41
CA LEU F 214 13.05 -29.87 38.69
C LEU F 214 11.98 -28.95 38.11
N ARG F 215 11.70 -29.09 36.82
CA ARG F 215 10.68 -28.35 36.12
C ARG F 215 9.47 -29.24 35.85
N VAL F 216 8.37 -28.81 36.37
CA VAL F 216 7.15 -29.59 36.25
C VAL F 216 6.23 -28.86 35.33
N GLN F 217 5.64 -29.59 34.39
CA GLN F 217 4.61 -29.06 33.51
C GLN F 217 3.41 -29.95 33.66
N ILE F 218 2.25 -29.34 33.91
CA ILE F 218 1.02 -30.07 34.09
C ILE F 218 0.07 -29.65 33.01
N GLY F 219 -0.49 -30.62 32.30
CA GLY F 219 -1.49 -30.41 31.26
C GLY F 219 -2.82 -30.93 31.78
N SER F 220 -3.81 -31.00 30.91
CA SER F 220 -5.12 -31.50 31.33
C SER F 220 -5.11 -32.99 31.66
N ASN F 221 -4.32 -33.80 30.90
CA ASN F 221 -4.26 -35.26 31.08
C ASN F 221 -2.87 -35.83 31.17
N ASN F 222 -1.85 -34.96 31.30
CA ASN F 222 -0.46 -35.39 31.37
C ASN F 222 0.33 -34.49 32.28
N ILE F 223 1.45 -35.03 32.77
CA ILE F 223 2.41 -34.34 33.58
C ILE F 223 3.81 -34.65 33.00
N ARG F 224 4.69 -33.65 33.02
CA ARG F 224 6.06 -33.78 32.57
C ARG F 224 6.94 -33.19 33.62
N ALA F 225 8.07 -33.87 33.87
CA ALA F 225 9.09 -33.41 34.79
C ALA F 225 10.41 -33.43 34.04
N HIS F 226 11.18 -32.34 34.14
CA HIS F 226 12.52 -32.21 33.54
C HIS F 226 13.50 -32.04 34.66
N VAL F 227 14.53 -32.86 34.67
CA VAL F 227 15.64 -32.81 35.64
C VAL F 227 16.83 -33.11 34.79
N GLY F 228 17.77 -32.17 34.79
CA GLY F 228 19.02 -32.30 34.06
C GLY F 228 18.77 -32.77 32.65
N ASP F 229 19.29 -33.95 32.31
CA ASP F 229 19.11 -34.45 30.93
C ASP F 229 18.01 -35.47 30.75
N PHE F 230 17.09 -35.52 31.71
CA PHE F 230 15.98 -36.45 31.72
C PHE F 230 14.67 -35.74 31.66
N ILE F 231 13.76 -36.33 30.89
CA ILE F 231 12.41 -35.83 30.74
C ILE F 231 11.48 -36.99 30.91
N PHE F 232 10.73 -36.92 31.99
CA PHE F 232 9.75 -37.92 32.31
C PHE F 232 8.40 -37.35 31.98
N THR F 233 7.58 -38.11 31.27
CA THR F 233 6.23 -37.71 30.94
C THR F 233 5.30 -38.85 31.32
N SER F 234 4.16 -38.52 31.95
CA SER F 234 3.19 -39.51 32.35
C SER F 234 1.80 -39.00 32.08
N LYS F 235 0.90 -39.93 31.78
CA LYS F 235 -0.53 -39.68 31.65
C LYS F 235 -0.98 -39.45 33.11
N LEU F 236 -2.05 -38.68 33.31
CA LEU F 236 -2.57 -38.48 34.65
C LEU F 236 -3.68 -39.51 34.89
N VAL F 237 -4.04 -39.77 36.15
CA VAL F 237 -5.14 -40.69 36.41
C VAL F 237 -6.41 -39.86 36.21
N ASP F 238 -7.29 -40.33 35.32
CA ASP F 238 -8.55 -39.66 35.03
C ASP F 238 -9.55 -40.15 36.07
N GLY F 239 -9.67 -39.38 37.14
CA GLY F 239 -10.55 -39.67 38.25
C GLY F 239 -10.67 -38.50 39.20
N ARG F 240 -11.56 -38.60 40.16
CA ARG F 240 -11.77 -37.55 41.12
C ARG F 240 -11.22 -38.05 42.45
N PHE F 241 -10.13 -37.41 42.89
CA PHE F 241 -9.49 -37.78 44.15
C PHE F 241 -10.38 -37.33 45.31
N PRO F 242 -10.50 -38.10 46.41
CA PRO F 242 -11.31 -37.64 47.53
C PRO F 242 -10.82 -36.29 48.10
N ASP F 243 -11.76 -35.48 48.70
CA ASP F 243 -11.35 -34.23 49.32
C ASP F 243 -10.79 -34.58 50.66
N TYR F 244 -9.51 -34.52 50.72
CA TYR F 244 -8.76 -34.87 51.90
C TYR F 244 -8.91 -33.82 53.00
N ARG F 245 -9.30 -32.57 52.65
CA ARG F 245 -9.56 -31.51 53.64
C ARG F 245 -10.73 -31.91 54.53
N ARG F 246 -11.72 -32.65 53.96
CA ARG F 246 -12.85 -33.21 54.67
C ARG F 246 -12.38 -34.34 55.63
N VAL F 247 -11.42 -35.16 55.17
CA VAL F 247 -10.88 -36.32 55.87
C VAL F 247 -10.12 -35.91 57.14
N LEU F 248 -9.45 -34.75 57.13
CA LEU F 248 -8.68 -34.27 58.26
C LEU F 248 -9.57 -33.99 59.46
N PRO F 249 -9.22 -34.49 60.68
CA PRO F 249 -10.05 -34.16 61.87
C PRO F 249 -10.11 -32.65 62.07
N LYS F 250 -11.34 -32.11 62.19
CA LYS F 250 -11.52 -30.67 62.25
C LYS F 250 -11.05 -30.01 63.54
N ASN F 251 -11.66 -30.38 64.68
CA ASN F 251 -11.28 -29.82 65.98
C ASN F 251 -10.98 -30.90 66.98
N PRO F 252 -9.72 -31.40 66.99
CA PRO F 252 -9.35 -32.46 67.93
C PRO F 252 -9.32 -31.89 69.35
N ASP F 253 -10.08 -32.55 70.24
CA ASP F 253 -10.18 -32.19 71.65
C ASP F 253 -8.98 -32.72 72.44
N LYS F 254 -8.41 -33.86 71.98
CA LYS F 254 -7.32 -34.57 72.64
C LYS F 254 -6.00 -34.57 71.87
N HIS F 255 -4.92 -34.13 72.53
CA HIS F 255 -3.60 -34.17 71.94
C HIS F 255 -2.61 -34.91 72.85
N LEU F 256 -1.91 -35.87 72.24
CA LEU F 256 -0.90 -36.70 72.90
C LEU F 256 0.45 -36.43 72.23
N GLU F 257 1.51 -36.29 73.02
CA GLU F 257 2.86 -36.11 72.52
C GLU F 257 3.74 -37.21 73.11
N ALA F 258 4.61 -37.81 72.28
CA ALA F 258 5.50 -38.89 72.70
C ALA F 258 6.74 -38.87 71.86
N GLY F 259 7.83 -39.42 72.41
CA GLY F 259 9.10 -39.59 71.70
C GLY F 259 8.83 -40.59 70.59
N CYS F 260 9.12 -40.19 69.34
CA CYS F 260 8.86 -41.03 68.17
C CYS F 260 9.47 -42.45 68.28
N ASP F 261 10.76 -42.56 68.66
CA ASP F 261 11.45 -43.85 68.77
C ASP F 261 10.84 -44.78 69.82
N LEU F 262 10.58 -44.24 71.04
CA LEU F 262 9.96 -45.04 72.11
C LEU F 262 8.60 -45.52 71.68
N LEU F 263 7.83 -44.64 71.02
CA LEU F 263 6.50 -44.95 70.54
C LEU F 263 6.56 -46.00 69.47
N LYS F 264 7.49 -45.83 68.51
CA LYS F 264 7.70 -46.75 67.39
C LYS F 264 8.09 -48.15 67.89
N GLN F 265 9.08 -48.21 68.79
CA GLN F 265 9.58 -49.49 69.33
C GLN F 265 8.52 -50.25 70.13
N ALA F 266 7.68 -49.52 70.87
CA ALA F 266 6.58 -50.10 71.63
C ALA F 266 5.56 -50.69 70.67
N PHE F 267 5.22 -49.97 69.60
CA PHE F 267 4.28 -50.46 68.60
C PHE F 267 4.83 -51.63 67.83
N ALA F 268 6.14 -51.60 67.49
CA ALA F 268 6.81 -52.65 66.75
C ALA F 268 6.81 -53.97 67.55
N ARG F 269 7.03 -53.88 68.87
CA ARG F 269 7.01 -55.07 69.74
C ARG F 269 5.61 -55.61 69.92
N ALA F 270 4.64 -54.71 70.18
CA ALA F 270 3.23 -55.09 70.32
C ALA F 270 2.72 -55.76 69.03
N ALA F 271 3.17 -55.25 67.85
CA ALA F 271 2.81 -55.74 66.51
C ALA F 271 3.06 -57.22 66.35
N ILE F 272 4.09 -57.75 67.02
CA ILE F 272 4.49 -59.16 66.95
C ILE F 272 3.32 -60.07 67.31
N LEU F 273 2.59 -59.68 68.33
CA LEU F 273 1.45 -60.46 68.84
C LEU F 273 0.07 -60.02 68.39
N SER F 274 0.02 -59.22 67.32
CA SER F 274 -1.24 -58.77 66.74
C SER F 274 -1.61 -59.77 65.66
N ASN F 275 -2.89 -59.79 65.25
CA ASN F 275 -3.39 -60.66 64.19
C ASN F 275 -2.54 -60.43 62.93
N GLU F 276 -2.01 -61.51 62.35
CA GLU F 276 -1.13 -61.48 61.16
C GLU F 276 -1.77 -60.81 59.95
N LYS F 277 -3.09 -60.94 59.82
CA LYS F 277 -3.79 -60.37 58.69
C LYS F 277 -4.38 -59.01 59.04
N PHE F 278 -5.01 -58.87 60.22
CA PHE F 278 -5.72 -57.65 60.59
C PHE F 278 -4.94 -56.61 61.36
N ARG F 279 -3.83 -57.02 61.99
CA ARG F 279 -2.84 -56.15 62.61
C ARG F 279 -3.36 -55.18 63.66
N GLY F 280 -4.47 -55.57 64.27
CA GLY F 280 -5.14 -54.76 65.27
C GLY F 280 -4.42 -54.65 66.60
N VAL F 281 -4.23 -53.40 67.02
CA VAL F 281 -3.67 -53.06 68.33
C VAL F 281 -4.63 -52.10 69.02
N ARG F 282 -4.59 -52.05 70.35
CA ARG F 282 -5.42 -51.15 71.15
C ARG F 282 -4.53 -50.17 71.87
N LEU F 283 -4.94 -48.92 71.88
CA LEU F 283 -4.28 -47.83 72.58
C LEU F 283 -5.17 -47.39 73.70
N TYR F 284 -4.63 -47.29 74.90
CA TYR F 284 -5.35 -46.85 76.08
C TYR F 284 -4.63 -45.62 76.51
N VAL F 285 -5.28 -44.51 76.30
CA VAL F 285 -4.74 -43.20 76.64
C VAL F 285 -5.25 -42.78 78.02
N SER F 286 -4.33 -42.36 78.86
CA SER F 286 -4.65 -41.88 80.21
C SER F 286 -3.64 -40.80 80.56
N GLU F 287 -3.82 -40.11 81.70
CA GLU F 287 -2.96 -39.00 82.13
C GLU F 287 -1.48 -39.37 82.05
N ASN F 288 -0.77 -38.73 81.09
CA ASN F 288 0.65 -38.88 80.81
C ASN F 288 1.11 -40.32 80.57
N GLN F 289 0.20 -41.14 80.03
CA GLN F 289 0.48 -42.54 79.79
C GLN F 289 -0.23 -43.10 78.59
N LEU F 290 0.47 -43.99 77.87
CA LEU F 290 -0.09 -44.74 76.76
C LEU F 290 0.19 -46.20 77.01
N LYS F 291 -0.85 -47.02 76.87
CA LYS F 291 -0.75 -48.47 77.01
C LYS F 291 -1.19 -49.03 75.69
N ILE F 292 -0.31 -49.83 75.08
CA ILE F 292 -0.57 -50.47 73.80
C ILE F 292 -0.72 -51.93 74.05
N THR F 293 -1.79 -52.54 73.58
CA THR F 293 -1.94 -53.97 73.75
C THR F 293 -2.22 -54.59 72.39
N ALA F 294 -1.90 -55.86 72.23
CA ALA F 294 -2.19 -56.63 71.02
C ALA F 294 -2.51 -58.04 71.46
N ASN F 295 -3.35 -58.70 70.69
CA ASN F 295 -3.66 -60.11 70.84
C ASN F 295 -4.03 -60.69 69.50
N ASN F 296 -3.82 -61.99 69.34
CA ASN F 296 -4.04 -62.69 68.08
C ASN F 296 -5.03 -63.86 68.26
N PRO F 297 -5.44 -64.59 67.19
CA PRO F 297 -6.35 -65.73 67.40
C PRO F 297 -5.81 -66.80 68.36
N GLU F 298 -4.47 -66.98 68.43
CA GLU F 298 -3.78 -67.95 69.30
C GLU F 298 -3.84 -67.52 70.76
N GLN F 299 -4.49 -66.37 71.03
CA GLN F 299 -4.66 -65.77 72.36
C GLN F 299 -3.34 -65.33 73.02
N GLU F 300 -2.35 -64.94 72.19
CA GLU F 300 -1.08 -64.42 72.68
C GLU F 300 -1.30 -62.94 72.92
N GLU F 301 -0.66 -62.37 73.92
CA GLU F 301 -0.87 -60.97 74.25
C GLU F 301 0.40 -60.18 74.42
N ALA F 302 0.39 -58.94 73.94
CA ALA F 302 1.50 -58.02 74.12
C ALA F 302 0.97 -56.79 74.81
N GLU F 303 1.76 -56.20 75.68
CA GLU F 303 1.39 -54.99 76.39
C GLU F 303 2.61 -54.11 76.53
N GLU F 304 2.44 -52.85 76.21
CA GLU F 304 3.49 -51.84 76.32
C GLU F 304 2.93 -50.65 77.05
N ILE F 305 3.68 -50.12 78.01
CA ILE F 305 3.31 -48.91 78.73
C ILE F 305 4.40 -47.86 78.51
N LEU F 306 3.99 -46.65 78.09
CA LEU F 306 4.89 -45.54 77.83
C LEU F 306 4.45 -44.33 78.56
N ASP F 307 5.41 -43.47 78.90
CA ASP F 307 5.16 -42.16 79.48
C ASP F 307 5.02 -41.26 78.27
N VAL F 308 3.89 -40.55 78.19
CA VAL F 308 3.60 -39.62 77.09
C VAL F 308 3.18 -38.29 77.73
N THR F 309 2.89 -37.28 76.92
CA THR F 309 2.35 -36.00 77.40
C THR F 309 0.89 -36.04 76.95
N TYR F 310 0.00 -36.28 77.90
CA TYR F 310 -1.45 -36.35 77.66
C TYR F 310 -2.19 -35.91 78.90
N SER F 311 -3.06 -34.90 78.76
CA SER F 311 -3.82 -34.34 79.89
C SER F 311 -5.33 -34.58 79.80
N GLY F 312 -5.82 -34.94 78.61
CA GLY F 312 -7.24 -35.15 78.29
C GLY F 312 -7.95 -36.31 78.97
N ALA F 313 -9.15 -36.64 78.45
CA ALA F 313 -10.00 -37.73 78.95
C ALA F 313 -9.45 -39.08 78.55
N GLU F 314 -9.58 -40.08 79.43
CA GLU F 314 -9.13 -41.45 79.17
C GLU F 314 -9.94 -42.06 78.05
N MET F 315 -9.27 -42.68 77.07
CA MET F 315 -9.94 -43.35 75.95
C MET F 315 -9.17 -44.54 75.41
N GLU F 316 -9.89 -45.40 74.75
CA GLU F 316 -9.37 -46.57 74.07
C GLU F 316 -9.62 -46.36 72.58
N ILE F 317 -8.63 -46.70 71.76
CA ILE F 317 -8.72 -46.61 70.30
C ILE F 317 -7.94 -47.75 69.66
N GLY F 318 -8.56 -48.39 68.69
CA GLY F 318 -7.99 -49.51 67.97
C GLY F 318 -7.38 -49.05 66.66
N PHE F 319 -6.23 -49.59 66.30
CA PHE F 319 -5.59 -49.23 65.04
C PHE F 319 -4.91 -50.40 64.40
N ASN F 320 -4.80 -50.37 63.07
CA ASN F 320 -4.00 -51.32 62.33
C ASN F 320 -2.58 -50.81 62.63
N VAL F 321 -1.80 -51.59 63.38
CA VAL F 321 -0.43 -51.24 63.82
C VAL F 321 0.51 -50.93 62.64
N SER F 322 0.32 -51.64 61.50
CA SER F 322 1.14 -51.41 60.30
C SER F 322 1.01 -49.96 59.81
N TYR F 323 -0.24 -49.42 59.83
CA TYR F 323 -0.57 -48.05 59.43
C TYR F 323 0.11 -47.05 60.34
N VAL F 324 0.14 -47.35 61.66
CA VAL F 324 0.77 -46.48 62.67
C VAL F 324 2.30 -46.50 62.48
N LEU F 325 2.89 -47.69 62.33
CA LEU F 325 4.32 -47.88 62.12
C LEU F 325 4.78 -47.22 60.85
N ASP F 326 3.94 -47.26 59.77
CA ASP F 326 4.27 -46.60 58.49
C ASP F 326 4.43 -45.11 58.69
N VAL F 327 3.53 -44.50 59.48
CA VAL F 327 3.56 -43.08 59.81
C VAL F 327 4.78 -42.77 60.63
N LEU F 328 5.02 -43.53 61.72
CA LEU F 328 6.14 -43.31 62.63
C LEU F 328 7.49 -43.46 61.93
N ASN F 329 7.57 -44.35 60.93
CA ASN F 329 8.77 -44.56 60.11
C ASN F 329 8.95 -43.44 59.10
N ALA F 330 7.82 -42.90 58.57
CA ALA F 330 7.88 -41.78 57.62
C ALA F 330 8.26 -40.47 58.32
N LEU F 331 7.93 -40.33 59.62
CA LEU F 331 8.18 -39.11 60.40
C LEU F 331 9.61 -38.70 60.65
N LYS F 332 10.48 -39.62 61.10
CA LYS F 332 11.90 -39.28 61.26
C LYS F 332 12.15 -37.97 62.05
N CYS F 333 11.48 -37.82 63.19
CA CYS F 333 11.58 -36.63 64.05
C CYS F 333 11.71 -37.10 65.49
N GLU F 334 11.95 -36.17 66.42
CA GLU F 334 12.13 -36.50 67.82
C GLU F 334 10.81 -36.85 68.50
N ASN F 335 9.81 -35.99 68.34
CA ASN F 335 8.52 -36.14 68.99
C ASN F 335 7.40 -36.07 68.01
N VAL F 336 6.37 -36.83 68.30
CA VAL F 336 5.19 -36.89 67.48
C VAL F 336 3.99 -36.42 68.26
N ARG F 337 3.03 -35.83 67.57
CA ARG F 337 1.78 -35.41 68.18
C ARG F 337 0.67 -36.19 67.52
N MET F 338 -0.17 -36.82 68.35
CA MET F 338 -1.35 -37.55 67.92
C MET F 338 -2.55 -36.71 68.37
N MET F 339 -3.37 -36.33 67.41
CA MET F 339 -4.56 -35.52 67.66
C MET F 339 -5.77 -36.43 67.49
N LEU F 340 -6.50 -36.64 68.59
CA LEU F 340 -7.64 -37.56 68.65
C LEU F 340 -8.96 -36.84 68.93
N THR F 341 -10.05 -37.51 68.54
CA THR F 341 -11.43 -37.05 68.72
C THR F 341 -12.05 -38.08 69.67
N ASP F 342 -12.43 -39.23 69.13
CA ASP F 342 -13.00 -40.35 69.84
C ASP F 342 -12.51 -41.67 69.23
N SER F 343 -12.98 -42.80 69.78
CA SER F 343 -12.62 -44.16 69.39
C SER F 343 -13.05 -44.56 67.97
N VAL F 344 -14.00 -43.84 67.36
CA VAL F 344 -14.54 -44.18 66.05
C VAL F 344 -14.19 -43.17 64.96
N SER F 345 -13.38 -42.18 65.34
CA SER F 345 -12.90 -41.12 64.46
C SER F 345 -11.40 -41.22 64.26
N SER F 346 -10.94 -40.74 63.11
CA SER F 346 -9.53 -40.78 62.72
C SER F 346 -8.60 -39.99 63.65
N VAL F 347 -7.34 -40.44 63.73
CA VAL F 347 -6.29 -39.75 64.47
C VAL F 347 -5.45 -39.00 63.43
N GLN F 348 -4.95 -37.83 63.81
CA GLN F 348 -4.02 -37.09 63.00
C GLN F 348 -2.69 -37.17 63.72
N ILE F 349 -1.68 -37.67 63.01
CA ILE F 349 -0.34 -37.82 63.54
C ILE F 349 0.55 -36.87 62.78
N GLU F 350 1.39 -36.17 63.50
CA GLU F 350 2.37 -35.28 62.89
C GLU F 350 3.58 -35.15 63.78
N ASP F 351 4.64 -34.56 63.22
CA ASP F 351 5.85 -34.22 63.95
C ASP F 351 5.38 -33.15 64.92
N ALA F 352 5.73 -33.27 66.23
CA ALA F 352 5.33 -32.27 67.22
C ALA F 352 5.86 -30.85 66.86
N ALA F 353 7.01 -30.77 66.15
CA ALA F 353 7.67 -29.54 65.70
C ALA F 353 7.40 -29.12 64.25
N SER F 354 6.54 -29.84 63.51
CA SER F 354 6.27 -29.47 62.11
C SER F 354 4.87 -29.85 61.66
N GLN F 355 4.18 -28.90 61.01
CA GLN F 355 2.83 -29.12 60.50
C GLN F 355 2.82 -29.40 58.98
N SER F 356 4.02 -29.36 58.33
CA SER F 356 4.17 -29.57 56.88
C SER F 356 3.60 -30.91 56.38
N ALA F 357 3.72 -31.96 57.21
CA ALA F 357 3.17 -33.28 56.89
C ALA F 357 2.17 -33.70 57.97
N ALA F 358 1.03 -34.25 57.53
CA ALA F 358 0.02 -34.73 58.42
C ALA F 358 -0.40 -36.10 57.97
N TYR F 359 -0.62 -36.94 58.95
CA TYR F 359 -1.01 -38.32 58.70
C TYR F 359 -2.30 -38.60 59.38
N VAL F 360 -3.22 -39.15 58.64
CA VAL F 360 -4.53 -39.45 59.16
C VAL F 360 -4.77 -40.92 59.08
N VAL F 361 -5.06 -41.52 60.21
CA VAL F 361 -5.30 -42.95 60.24
C VAL F 361 -6.68 -43.17 60.81
N MET F 362 -7.51 -43.90 60.07
CA MET F 362 -8.84 -44.26 60.52
C MET F 362 -8.69 -45.46 61.46
N PRO F 363 -9.35 -45.43 62.64
CA PRO F 363 -9.22 -46.54 63.58
C PRO F 363 -9.96 -47.82 63.17
N MET F 364 -9.78 -48.86 63.99
CA MET F 364 -10.44 -50.15 63.87
C MET F 364 -11.45 -50.26 65.00
N ARG F 365 -12.58 -50.93 64.73
CA ARG F 365 -13.65 -51.12 65.72
C ARG F 365 -13.43 -52.41 66.51
N GLN G 2 -45.13 63.16 -35.45
CA GLN G 2 -44.70 64.39 -36.10
C GLN G 2 -45.80 65.42 -36.49
N LEU G 3 -45.79 66.57 -35.79
CA LEU G 3 -46.71 67.68 -36.07
C LEU G 3 -46.12 68.58 -37.17
N ASP G 4 -46.96 69.39 -37.80
CA ASP G 4 -46.55 70.28 -38.88
C ASP G 4 -46.41 71.73 -38.45
N LEU G 5 -45.40 72.43 -39.01
CA LEU G 5 -45.17 73.86 -38.75
C LEU G 5 -46.25 74.73 -39.40
N PHE G 6 -46.73 74.27 -40.59
CA PHE G 6 -47.75 74.96 -41.41
C PHE G 6 -48.36 73.92 -42.38
N GLN H 2 -28.74 3.03 14.74
CA GLN H 2 -28.27 4.24 14.08
C GLN H 2 -29.38 5.19 13.64
N LEU H 3 -29.39 6.39 14.26
CA LEU H 3 -30.35 7.45 13.93
C LEU H 3 -29.84 8.26 12.71
N ASP H 4 -30.77 8.92 12.01
CA ASP H 4 -30.42 9.71 10.84
C ASP H 4 -30.45 11.21 11.10
N LEU H 5 -29.55 11.96 10.43
CA LEU H 5 -29.48 13.44 10.55
C LEU H 5 -30.67 14.10 9.86
N PHE H 6 -31.18 13.46 8.79
CA PHE H 6 -32.28 13.91 7.95
C PHE H 6 -32.88 12.72 7.16
N GLN I 2 8.88 -18.86 -24.19
CA GLN I 2 9.61 -19.11 -22.94
C GLN I 2 10.10 -20.56 -22.80
N LEU I 3 11.43 -20.72 -22.79
CA LEU I 3 12.09 -22.01 -22.64
C LEU I 3 12.20 -22.38 -21.14
N ASP I 4 12.38 -23.66 -20.85
CA ASP I 4 12.50 -24.17 -19.50
C ASP I 4 13.93 -24.53 -19.11
N LEU I 5 14.26 -24.30 -17.83
CA LEU I 5 15.59 -24.60 -17.24
C LEU I 5 15.81 -26.11 -17.11
N PHE I 6 14.71 -26.86 -16.90
CA PHE I 6 14.66 -28.32 -16.71
C PHE I 6 13.24 -28.84 -16.98
N GLN J 2 24.40 -80.62 26.54
CA GLN J 2 25.13 -80.77 27.81
C GLN J 2 25.50 -82.23 28.13
N LEU J 3 26.84 -82.48 28.18
CA LEU J 3 27.34 -83.81 28.49
C LEU J 3 27.38 -84.05 30.02
N ASP J 4 27.41 -85.32 30.43
CA ASP J 4 27.42 -85.73 31.82
C ASP J 4 28.76 -86.27 32.27
N LEU J 5 29.11 -85.97 33.53
CA LEU J 5 30.36 -86.43 34.17
C LEU J 5 30.30 -87.91 34.50
N PHE J 6 29.08 -88.42 34.80
CA PHE J 6 28.78 -89.80 35.19
C PHE J 6 27.28 -90.10 34.97
N GLN K 2 -11.60 -52.52 60.66
CA GLN K 2 -11.04 -51.36 59.95
C GLN K 2 -12.11 -50.44 59.34
N LEU K 3 -12.17 -49.19 59.86
CA LEU K 3 -13.11 -48.18 59.38
C LEU K 3 -12.53 -47.44 58.17
N ASP K 4 -13.40 -46.80 57.38
CA ASP K 4 -12.99 -46.06 56.19
C ASP K 4 -13.04 -44.55 56.37
N LEU K 5 -12.06 -43.85 55.76
CA LEU K 5 -11.93 -42.39 55.78
C LEU K 5 -13.00 -41.73 54.91
N PHE K 6 -13.42 -42.44 53.85
CA PHE K 6 -14.40 -42.01 52.84
C PHE K 6 -14.98 -43.24 52.10
#